data_2KGR
#
_entry.id   2KGR
#
_entity_poly.entity_id   1
_entity_poly.type   'polypeptide(L)'
_entity_poly.pdbx_seq_one_letter_code
;PPVAEWAVPQSSRLKYRQLFNSHDKTMSGHLTGPQARTILMQSSLPQAQLASIWNLSDIDQDGKLTAEEFILAMHLIDVA
MSGQPLPPVLPPEYIPPSFRRVRLEHHHHHH
;
_entity_poly.pdbx_strand_id   A
#
# COMPACT_ATOMS: atom_id res chain seq x y z
N PRO A 1 -17.98 12.29 -11.77
CA PRO A 1 -17.32 12.96 -10.63
C PRO A 1 -15.80 12.92 -10.79
N PRO A 2 -15.11 13.99 -10.37
CA PRO A 2 -13.65 14.00 -10.33
C PRO A 2 -13.14 13.21 -9.12
N VAL A 3 -11.84 12.89 -9.11
CA VAL A 3 -11.23 12.15 -8.01
C VAL A 3 -11.88 10.75 -7.89
N ALA A 4 -12.34 10.24 -9.02
CA ALA A 4 -13.00 8.94 -9.05
C ALA A 4 -12.01 7.83 -9.38
N GLU A 5 -10.73 8.12 -9.22
CA GLU A 5 -9.67 7.15 -9.47
C GLU A 5 -9.23 6.53 -8.15
N TRP A 6 -8.96 5.23 -8.17
CA TRP A 6 -8.53 4.47 -6.99
C TRP A 6 -9.72 4.26 -6.05
N ALA A 7 -10.04 2.98 -5.79
CA ALA A 7 -11.26 2.61 -5.10
C ALA A 7 -11.26 2.96 -3.61
N VAL A 8 -10.15 3.44 -3.09
CA VAL A 8 -10.10 3.84 -1.69
C VAL A 8 -10.74 5.22 -1.52
N PRO A 9 -11.72 5.33 -0.61
CA PRO A 9 -12.47 6.57 -0.38
C PRO A 9 -11.58 7.81 -0.26
N GLN A 10 -11.99 8.90 -0.90
CA GLN A 10 -11.20 10.12 -0.93
C GLN A 10 -10.90 10.66 0.47
N SER A 11 -11.88 10.66 1.36
CA SER A 11 -11.67 11.12 2.72
C SER A 11 -10.74 10.17 3.47
N SER A 12 -10.84 8.89 3.17
CA SER A 12 -9.96 7.90 3.78
C SER A 12 -8.54 8.05 3.27
N ARG A 13 -8.38 8.20 1.96
CA ARG A 13 -7.05 8.31 1.36
C ARG A 13 -6.34 9.55 1.91
N LEU A 14 -7.11 10.61 2.16
CA LEU A 14 -6.56 11.83 2.72
C LEU A 14 -6.07 11.60 4.14
N LYS A 15 -6.80 10.78 4.88
CA LYS A 15 -6.47 10.49 6.26
C LYS A 15 -5.20 9.64 6.36
N TYR A 16 -5.01 8.74 5.42
CA TYR A 16 -3.79 7.93 5.37
C TYR A 16 -2.64 8.71 4.74
N ARG A 17 -2.95 9.54 3.75
CA ARG A 17 -1.93 10.39 3.14
C ARG A 17 -1.36 11.32 4.19
N GLN A 18 -2.17 11.59 5.20
CA GLN A 18 -1.80 12.46 6.33
C GLN A 18 -0.83 11.78 7.29
N LEU A 19 -0.70 10.48 7.14
CA LEU A 19 0.03 9.66 8.10
C LEU A 19 0.51 8.39 7.45
N PHE A 20 0.97 8.41 6.22
CA PHE A 20 2.14 9.16 5.69
C PHE A 20 2.45 10.56 6.24
N ASN A 21 1.77 11.59 5.77
CA ASN A 21 2.31 12.98 5.73
C ASN A 21 2.96 13.44 7.03
N SER A 22 2.31 13.20 8.16
CA SER A 22 2.82 13.65 9.45
C SER A 22 4.17 12.99 9.81
N HIS A 23 4.44 11.84 9.21
CA HIS A 23 5.65 11.09 9.52
C HIS A 23 6.78 11.36 8.52
N ASP A 24 6.48 12.09 7.46
CA ASP A 24 7.49 12.41 6.46
C ASP A 24 8.06 13.79 6.75
N LYS A 25 9.35 13.97 6.49
CA LYS A 25 10.00 15.26 6.68
C LYS A 25 9.74 16.18 5.49
N THR A 26 8.57 16.00 4.87
CA THR A 26 8.16 16.74 3.67
C THR A 26 9.24 16.70 2.60
N MET A 27 9.87 15.55 2.42
CA MET A 27 10.98 15.43 1.48
C MET A 27 11.23 13.97 1.07
N SER A 28 10.88 13.02 1.92
CA SER A 28 11.19 11.62 1.65
C SER A 28 10.32 11.12 0.49
N GLY A 29 9.01 11.28 0.61
CA GLY A 29 8.12 10.90 -0.46
C GLY A 29 7.85 9.41 -0.48
N HIS A 30 8.45 8.71 0.45
CA HIS A 30 8.27 7.27 0.59
C HIS A 30 8.88 6.81 1.91
N LEU A 31 8.34 5.74 2.45
CA LEU A 31 8.84 5.19 3.69
C LEU A 31 9.58 3.90 3.42
N THR A 32 10.72 3.73 4.08
CA THR A 32 11.51 2.52 3.93
C THR A 32 10.82 1.35 4.63
N GLY A 33 11.26 0.13 4.33
CA GLY A 33 10.69 -1.08 4.93
C GLY A 33 10.46 -0.96 6.43
N PRO A 34 11.53 -0.80 7.22
CA PRO A 34 11.41 -0.61 8.68
C PRO A 34 10.41 0.47 9.06
N GLN A 35 10.46 1.61 8.38
CA GLN A 35 9.56 2.74 8.66
C GLN A 35 8.11 2.33 8.48
N ALA A 36 7.82 1.79 7.30
CA ALA A 36 6.47 1.33 6.97
C ALA A 36 6.00 0.26 7.96
N ARG A 37 6.88 -0.71 8.21
CA ARG A 37 6.57 -1.82 9.10
C ARG A 37 6.33 -1.35 10.53
N THR A 38 7.02 -0.29 10.93
CA THR A 38 6.87 0.25 12.27
C THR A 38 5.44 0.75 12.50
N ILE A 39 4.92 1.48 11.53
CA ILE A 39 3.56 2.00 11.61
C ILE A 39 2.56 0.85 11.47
N LEU A 40 2.91 -0.13 10.65
CA LEU A 40 2.10 -1.33 10.47
C LEU A 40 2.03 -2.14 11.77
N MET A 41 3.13 -2.18 12.51
CA MET A 41 3.19 -2.90 13.77
C MET A 41 2.21 -2.33 14.80
N GLN A 42 1.94 -1.03 14.69
CA GLN A 42 1.10 -0.35 15.67
C GLN A 42 -0.38 -0.68 15.46
N SER A 43 -0.66 -1.61 14.56
CA SER A 43 -2.02 -2.06 14.34
C SER A 43 -2.37 -3.16 15.35
N SER A 44 -1.33 -3.77 15.93
CA SER A 44 -1.48 -4.87 16.87
C SER A 44 -2.02 -6.12 16.15
N LEU A 45 -1.84 -6.17 14.84
CA LEU A 45 -2.27 -7.31 14.05
C LEU A 45 -1.17 -8.37 14.02
N PRO A 46 -1.53 -9.63 13.73
CA PRO A 46 -0.57 -10.75 13.67
C PRO A 46 0.45 -10.57 12.54
N GLN A 47 1.68 -10.96 12.82
CA GLN A 47 2.78 -10.82 11.86
C GLN A 47 2.49 -11.60 10.58
N ALA A 48 1.83 -12.74 10.71
CA ALA A 48 1.43 -13.54 9.56
C ALA A 48 0.62 -12.70 8.58
N GLN A 49 -0.35 -11.97 9.10
CA GLN A 49 -1.19 -11.11 8.28
C GLN A 49 -0.42 -9.88 7.83
N LEU A 50 0.42 -9.35 8.70
CA LEU A 50 1.25 -8.20 8.37
C LEU A 50 2.15 -8.49 7.18
N ALA A 51 2.81 -9.64 7.21
CA ALA A 51 3.66 -10.07 6.10
C ALA A 51 2.86 -10.31 4.84
N SER A 52 1.65 -10.84 5.02
CA SER A 52 0.74 -11.09 3.91
C SER A 52 0.31 -9.78 3.26
N ILE A 53 -0.11 -8.82 4.08
CA ILE A 53 -0.52 -7.52 3.59
C ILE A 53 0.66 -6.80 2.92
N TRP A 54 1.84 -6.95 3.51
CA TRP A 54 3.05 -6.37 2.93
C TRP A 54 3.30 -6.92 1.54
N ASN A 55 3.28 -8.24 1.43
CA ASN A 55 3.53 -8.91 0.16
C ASN A 55 2.49 -8.49 -0.89
N LEU A 56 1.27 -8.26 -0.43
CA LEU A 56 0.18 -7.82 -1.30
C LEU A 56 0.36 -6.36 -1.70
N SER A 57 0.82 -5.53 -0.77
CA SER A 57 0.96 -4.11 -1.00
C SER A 57 2.13 -3.80 -1.93
N ASP A 58 3.35 -4.17 -1.53
CA ASP A 58 4.54 -3.86 -2.32
C ASP A 58 4.46 -4.57 -3.66
N ILE A 59 4.17 -3.81 -4.71
CA ILE A 59 3.84 -4.37 -6.01
C ILE A 59 5.05 -4.96 -6.73
N ASP A 60 6.24 -4.43 -6.47
CA ASP A 60 7.44 -4.93 -7.14
C ASP A 60 8.42 -5.51 -6.13
N GLN A 61 7.96 -5.66 -4.90
CA GLN A 61 8.76 -6.16 -3.79
C GLN A 61 10.11 -5.44 -3.70
N ASP A 62 10.06 -4.15 -3.43
CA ASP A 62 11.27 -3.35 -3.33
C ASP A 62 11.69 -3.22 -1.88
N GLY A 63 10.71 -2.99 -1.02
CA GLY A 63 11.00 -2.73 0.38
C GLY A 63 10.81 -1.27 0.73
N LYS A 64 10.02 -0.58 -0.08
CA LYS A 64 9.70 0.83 0.17
C LYS A 64 8.24 1.08 -0.13
N LEU A 65 7.55 1.71 0.80
CA LEU A 65 6.15 2.04 0.61
C LEU A 65 6.00 3.55 0.43
N THR A 66 5.56 3.97 -0.75
CA THR A 66 5.31 5.38 -1.02
C THR A 66 4.01 5.80 -0.34
N ALA A 67 3.55 7.00 -0.65
CA ALA A 67 2.29 7.47 -0.08
C ALA A 67 1.14 6.61 -0.59
N GLU A 68 1.18 6.29 -1.87
CA GLU A 68 0.15 5.47 -2.50
C GLU A 68 0.15 4.07 -1.88
N GLU A 69 1.35 3.51 -1.72
CA GLU A 69 1.49 2.15 -1.23
C GLU A 69 1.09 2.07 0.24
N PHE A 70 1.41 3.13 0.98
CA PHE A 70 1.08 3.20 2.38
C PHE A 70 -0.43 3.26 2.58
N ILE A 71 -1.11 4.08 1.77
CA ILE A 71 -2.57 4.19 1.84
C ILE A 71 -3.20 2.83 1.55
N LEU A 72 -2.65 2.13 0.57
CA LEU A 72 -3.08 0.78 0.23
C LEU A 72 -2.92 -0.15 1.43
N ALA A 73 -1.71 -0.17 1.99
CA ALA A 73 -1.39 -1.04 3.11
C ALA A 73 -2.30 -0.79 4.31
N MET A 74 -2.39 0.45 4.77
CA MET A 74 -3.20 0.76 5.95
C MET A 74 -4.67 0.50 5.69
N HIS A 75 -5.10 0.65 4.43
CA HIS A 75 -6.48 0.37 4.09
C HIS A 75 -6.77 -1.12 4.23
N LEU A 76 -5.76 -1.94 3.93
CA LEU A 76 -5.87 -3.38 4.12
C LEU A 76 -5.89 -3.72 5.62
N ILE A 77 -5.11 -2.97 6.39
CA ILE A 77 -5.15 -3.09 7.85
C ILE A 77 -6.56 -2.76 8.36
N ASP A 78 -7.17 -1.74 7.78
CA ASP A 78 -8.52 -1.33 8.16
C ASP A 78 -9.51 -2.45 7.86
N VAL A 79 -9.33 -3.12 6.73
CA VAL A 79 -10.16 -4.26 6.37
C VAL A 79 -10.04 -5.37 7.42
N ALA A 80 -8.79 -5.64 7.83
CA ALA A 80 -8.53 -6.63 8.86
C ALA A 80 -9.12 -6.21 10.20
N MET A 81 -9.04 -4.91 10.49
CA MET A 81 -9.66 -4.34 11.68
C MET A 81 -11.17 -4.50 11.63
N SER A 82 -11.73 -4.27 10.45
CA SER A 82 -13.16 -4.38 10.23
C SER A 82 -13.62 -5.84 10.34
N GLY A 83 -12.65 -6.76 10.35
CA GLY A 83 -12.96 -8.17 10.46
C GLY A 83 -13.44 -8.75 9.15
N GLN A 84 -13.02 -8.14 8.04
CA GLN A 84 -13.39 -8.59 6.73
C GLN A 84 -12.25 -9.39 6.10
N PRO A 85 -12.57 -10.43 5.33
CA PRO A 85 -11.58 -11.31 4.72
C PRO A 85 -10.73 -10.61 3.66
N LEU A 86 -9.44 -10.87 3.69
CA LEU A 86 -8.52 -10.33 2.69
C LEU A 86 -8.53 -11.20 1.44
N PRO A 87 -8.38 -10.59 0.26
CA PRO A 87 -8.33 -11.34 -1.00
C PRO A 87 -6.98 -12.03 -1.20
N PRO A 88 -6.95 -13.13 -1.98
CA PRO A 88 -5.72 -13.84 -2.29
C PRO A 88 -4.83 -13.06 -3.26
N VAL A 89 -5.48 -12.24 -4.08
CA VAL A 89 -4.79 -11.38 -5.02
C VAL A 89 -5.36 -9.97 -4.91
N LEU A 90 -4.55 -8.98 -5.17
CA LEU A 90 -4.99 -7.60 -5.07
C LEU A 90 -5.74 -7.21 -6.34
N PRO A 91 -6.83 -6.45 -6.22
CA PRO A 91 -7.58 -5.97 -7.38
C PRO A 91 -7.05 -4.65 -7.92
N PRO A 92 -7.22 -4.38 -9.22
CA PRO A 92 -6.79 -3.13 -9.85
C PRO A 92 -7.49 -1.92 -9.25
N GLU A 93 -8.58 -2.19 -8.55
CA GLU A 93 -9.34 -1.15 -7.86
C GLU A 93 -8.46 -0.43 -6.85
N TYR A 94 -7.55 -1.17 -6.24
CA TYR A 94 -6.71 -0.61 -5.19
C TYR A 94 -5.24 -0.54 -5.62
N ILE A 95 -4.99 -0.78 -6.90
CA ILE A 95 -3.63 -0.68 -7.43
C ILE A 95 -3.42 0.71 -8.01
N PRO A 96 -2.45 1.47 -7.46
CA PRO A 96 -2.16 2.83 -7.92
C PRO A 96 -1.67 2.88 -9.37
N PRO A 97 -1.88 4.02 -10.05
CA PRO A 97 -1.46 4.22 -11.45
C PRO A 97 0.06 4.11 -11.60
N SER A 98 0.49 3.80 -12.83
CA SER A 98 1.91 3.62 -13.16
C SER A 98 2.47 2.29 -12.62
N PHE A 99 1.99 1.87 -11.46
CA PHE A 99 2.43 0.62 -10.86
C PHE A 99 1.63 -0.56 -11.40
N ARG A 100 0.73 -0.26 -12.33
CA ARG A 100 -0.14 -1.28 -12.92
C ARG A 100 0.53 -1.93 -14.12
N ARG A 101 1.70 -1.42 -14.49
CA ARG A 101 2.48 -1.98 -15.59
C ARG A 101 3.96 -1.70 -15.35
N VAL A 102 4.75 -2.75 -15.19
CA VAL A 102 6.17 -2.60 -14.96
C VAL A 102 6.98 -3.60 -15.79
N ARG A 103 7.54 -3.12 -16.89
CA ARG A 103 8.39 -3.95 -17.75
C ARG A 103 9.60 -3.17 -18.21
N LEU A 104 10.75 -3.45 -17.60
CA LEU A 104 11.99 -2.79 -17.96
C LEU A 104 12.75 -3.63 -19.00
N GLU A 105 12.01 -4.47 -19.70
CA GLU A 105 12.59 -5.32 -20.73
C GLU A 105 11.79 -5.17 -22.02
N HIS A 106 12.47 -5.17 -23.16
CA HIS A 106 11.81 -4.92 -24.43
C HIS A 106 12.33 -5.87 -25.53
N HIS A 107 13.33 -6.69 -25.21
CA HIS A 107 13.97 -7.55 -26.21
C HIS A 107 12.96 -8.38 -27.01
N HIS A 108 12.73 -7.93 -28.24
CA HIS A 108 11.84 -8.62 -29.18
C HIS A 108 12.33 -8.32 -30.60
N HIS A 109 12.88 -9.31 -31.28
CA HIS A 109 13.43 -9.08 -32.61
C HIS A 109 13.01 -10.19 -33.57
N HIS A 110 11.99 -9.91 -34.38
CA HIS A 110 11.53 -10.85 -35.39
C HIS A 110 10.95 -10.11 -36.59
N HIS A 111 11.82 -9.71 -37.50
CA HIS A 111 11.40 -9.09 -38.76
C HIS A 111 12.63 -8.73 -39.58
N PRO A 1 -8.85 13.32 -19.32
CA PRO A 1 -7.90 12.72 -18.36
C PRO A 1 -7.91 11.21 -18.47
N PRO A 2 -6.76 10.55 -18.21
CA PRO A 2 -6.64 9.09 -18.29
C PRO A 2 -7.47 8.38 -17.23
N VAL A 3 -7.87 7.15 -17.52
CA VAL A 3 -8.66 6.37 -16.58
C VAL A 3 -7.76 5.75 -15.51
N ALA A 4 -7.57 6.48 -14.43
CA ALA A 4 -6.77 6.01 -13.31
C ALA A 4 -7.66 5.85 -12.07
N GLU A 5 -8.19 4.65 -11.88
CA GLU A 5 -9.09 4.38 -10.78
C GLU A 5 -8.33 3.82 -9.59
N TRP A 6 -8.80 4.16 -8.38
CA TRP A 6 -8.23 3.63 -7.15
C TRP A 6 -9.33 3.39 -6.13
N ALA A 7 -9.56 2.13 -5.80
CA ALA A 7 -10.68 1.73 -4.95
C ALA A 7 -10.35 1.87 -3.46
N VAL A 8 -10.19 3.10 -3.03
CA VAL A 8 -10.03 3.41 -1.62
C VAL A 8 -10.85 4.65 -1.26
N PRO A 9 -11.63 4.60 -0.17
CA PRO A 9 -12.43 5.73 0.31
C PRO A 9 -11.61 7.01 0.43
N GLN A 10 -12.04 8.04 -0.28
CA GLN A 10 -11.33 9.32 -0.37
C GLN A 10 -11.04 9.90 1.00
N SER A 11 -12.06 10.04 1.82
CA SER A 11 -11.91 10.63 3.14
C SER A 11 -10.90 9.85 3.99
N SER A 12 -11.08 8.53 4.02
CA SER A 12 -10.19 7.67 4.79
C SER A 12 -8.78 7.64 4.20
N ARG A 13 -8.69 7.74 2.88
CA ARG A 13 -7.40 7.64 2.20
C ARG A 13 -6.61 8.93 2.38
N LEU A 14 -7.31 10.06 2.41
CA LEU A 14 -6.68 11.34 2.67
C LEU A 14 -6.10 11.39 4.07
N LYS A 15 -6.78 10.73 4.99
CA LYS A 15 -6.35 10.62 6.37
C LYS A 15 -4.99 9.90 6.46
N TYR A 16 -4.83 8.86 5.66
CA TYR A 16 -3.57 8.12 5.65
C TYR A 16 -2.53 8.85 4.79
N ARG A 17 -2.99 9.70 3.88
CA ARG A 17 -2.08 10.54 3.10
C ARG A 17 -1.45 11.59 4.01
N GLN A 18 -2.19 11.89 5.08
CA GLN A 18 -1.76 12.84 6.09
C GLN A 18 -0.71 12.25 7.03
N LEU A 19 -0.56 10.94 6.96
CA LEU A 19 0.25 10.17 7.90
C LEU A 19 0.67 8.86 7.30
N PHE A 20 1.03 8.82 6.02
CA PHE A 20 2.17 9.52 5.38
C PHE A 20 2.56 10.93 5.87
N ASN A 21 1.84 11.97 5.48
CA ASN A 21 2.43 13.35 5.45
C ASN A 21 3.17 13.72 6.75
N SER A 22 2.54 13.57 7.91
CA SER A 22 3.19 13.94 9.16
C SER A 22 4.30 12.95 9.54
N HIS A 23 4.20 11.72 9.05
CA HIS A 23 5.22 10.70 9.29
C HIS A 23 6.44 10.97 8.41
N ASP A 24 6.20 11.36 7.17
CA ASP A 24 7.26 11.60 6.21
C ASP A 24 7.97 12.92 6.54
N LYS A 25 9.18 13.07 6.03
CA LYS A 25 9.99 14.24 6.32
C LYS A 25 9.58 15.42 5.44
N THR A 26 9.04 15.13 4.26
CA THR A 26 8.66 16.17 3.32
C THR A 26 7.56 15.68 2.38
N MET A 27 6.80 14.69 2.86
CA MET A 27 5.71 14.03 2.11
C MET A 27 6.17 13.55 0.73
N SER A 28 7.45 13.21 0.62
CA SER A 28 8.02 12.75 -0.64
C SER A 28 9.27 11.91 -0.40
N GLY A 29 9.38 11.34 0.79
CA GLY A 29 10.58 10.60 1.13
C GLY A 29 10.39 9.09 1.04
N HIS A 30 9.12 8.65 0.95
CA HIS A 30 8.71 7.23 0.96
C HIS A 30 9.27 6.48 2.16
N LEU A 31 8.37 5.87 2.90
CA LEU A 31 8.74 5.18 4.13
C LEU A 31 9.45 3.87 3.83
N THR A 32 10.55 3.62 4.52
CA THR A 32 11.34 2.42 4.28
C THR A 32 10.66 1.20 4.90
N GLY A 33 11.22 0.03 4.65
CA GLY A 33 10.65 -1.21 5.15
C GLY A 33 10.37 -1.19 6.63
N PRO A 34 11.42 -1.11 7.48
CA PRO A 34 11.25 -1.09 8.94
C PRO A 34 10.30 0.00 9.41
N GLN A 35 10.45 1.21 8.86
CA GLN A 35 9.62 2.34 9.24
C GLN A 35 8.14 2.04 9.00
N ALA A 36 7.83 1.62 7.78
CA ALA A 36 6.46 1.30 7.40
C ALA A 36 5.93 0.13 8.23
N ARG A 37 6.75 -0.91 8.38
CA ARG A 37 6.35 -2.12 9.10
C ARG A 37 6.09 -1.82 10.58
N THR A 38 6.89 -0.94 11.15
CA THR A 38 6.74 -0.58 12.55
C THR A 38 5.40 0.13 12.78
N ILE A 39 5.03 1.02 11.86
CA ILE A 39 3.75 1.70 11.94
C ILE A 39 2.61 0.69 11.73
N LEU A 40 2.83 -0.23 10.80
CA LEU A 40 1.85 -1.28 10.51
C LEU A 40 1.61 -2.17 11.73
N MET A 41 2.69 -2.59 12.38
CA MET A 41 2.60 -3.51 13.51
C MET A 41 1.89 -2.88 14.70
N GLN A 42 1.98 -1.55 14.82
CA GLN A 42 1.41 -0.83 15.96
C GLN A 42 -0.11 -0.76 15.90
N SER A 43 -0.70 -1.43 14.92
CA SER A 43 -2.15 -1.50 14.84
C SER A 43 -2.67 -2.52 15.84
N SER A 44 -2.70 -3.79 15.44
CA SER A 44 -3.17 -4.90 16.29
C SER A 44 -2.92 -6.25 15.62
N LEU A 45 -2.14 -6.25 14.55
CA LEU A 45 -2.01 -7.43 13.71
C LEU A 45 -0.66 -8.10 13.91
N PRO A 46 -0.63 -9.43 13.79
CA PRO A 46 0.61 -10.19 13.84
C PRO A 46 1.39 -10.08 12.52
N GLN A 47 2.69 -10.34 12.57
CA GLN A 47 3.55 -10.17 11.41
C GLN A 47 3.14 -11.09 10.27
N ALA A 48 2.54 -12.22 10.61
CA ALA A 48 2.05 -13.16 9.61
C ALA A 48 1.08 -12.50 8.64
N GLN A 49 0.12 -11.75 9.19
CA GLN A 49 -0.84 -11.04 8.37
C GLN A 49 -0.20 -9.81 7.74
N LEU A 50 0.68 -9.16 8.49
CA LEU A 50 1.35 -7.96 8.04
C LEU A 50 2.18 -8.22 6.79
N ALA A 51 2.83 -9.39 6.74
CA ALA A 51 3.61 -9.78 5.58
C ALA A 51 2.72 -9.92 4.35
N SER A 52 1.52 -10.46 4.54
CA SER A 52 0.57 -10.62 3.46
C SER A 52 0.10 -9.25 2.97
N ILE A 53 -0.19 -8.35 3.91
CA ILE A 53 -0.59 -6.99 3.58
C ILE A 53 0.55 -6.26 2.88
N TRP A 54 1.76 -6.42 3.39
CA TRP A 54 2.94 -5.79 2.78
C TRP A 54 3.09 -6.22 1.33
N ASN A 55 3.04 -7.52 1.10
CA ASN A 55 3.20 -8.08 -0.24
C ASN A 55 2.11 -7.53 -1.17
N LEU A 56 0.92 -7.35 -0.63
CA LEU A 56 -0.21 -6.79 -1.37
C LEU A 56 -0.07 -5.29 -1.57
N SER A 57 0.61 -4.63 -0.65
CA SER A 57 0.68 -3.17 -0.63
C SER A 57 1.83 -2.62 -1.47
N ASP A 58 3.02 -3.20 -1.31
CA ASP A 58 4.20 -2.74 -2.06
C ASP A 58 4.08 -3.18 -3.51
N ILE A 59 4.14 -2.22 -4.42
CA ILE A 59 3.93 -2.51 -5.83
C ILE A 59 5.24 -2.48 -6.62
N ASP A 60 6.18 -1.66 -6.19
CA ASP A 60 7.35 -1.37 -7.03
C ASP A 60 8.69 -1.55 -6.30
N GLN A 61 8.66 -1.49 -4.98
CA GLN A 61 9.91 -1.31 -4.23
C GLN A 61 10.37 -2.56 -3.50
N ASP A 62 9.43 -3.45 -3.20
CA ASP A 62 9.73 -4.72 -2.53
C ASP A 62 10.22 -4.49 -1.10
N GLY A 63 10.09 -3.26 -0.62
CA GLY A 63 10.56 -2.95 0.71
C GLY A 63 10.44 -1.48 1.07
N LYS A 64 9.49 -0.77 0.47
CA LYS A 64 9.26 0.63 0.80
C LYS A 64 7.78 0.97 0.56
N LEU A 65 7.23 1.85 1.38
CA LEU A 65 5.85 2.28 1.21
C LEU A 65 5.78 3.78 0.98
N THR A 66 5.45 4.18 -0.24
CA THR A 66 5.26 5.58 -0.58
C THR A 66 3.89 6.06 -0.09
N ALA A 67 3.49 7.26 -0.48
CA ALA A 67 2.22 7.82 -0.06
C ALA A 67 1.04 6.99 -0.56
N GLU A 68 1.14 6.57 -1.82
CA GLU A 68 0.08 5.78 -2.43
C GLU A 68 -0.03 4.41 -1.78
N GLU A 69 1.13 3.81 -1.52
CA GLU A 69 1.17 2.44 -1.03
C GLU A 69 0.78 2.37 0.46
N PHE A 70 1.24 3.34 1.23
CA PHE A 70 0.93 3.40 2.65
C PHE A 70 -0.57 3.44 2.89
N ILE A 71 -1.27 4.22 2.06
CA ILE A 71 -2.72 4.32 2.15
C ILE A 71 -3.37 2.97 1.90
N LEU A 72 -2.90 2.28 0.87
CA LEU A 72 -3.40 0.95 0.55
C LEU A 72 -3.18 0.00 1.73
N ALA A 73 -1.99 0.07 2.32
CA ALA A 73 -1.65 -0.77 3.46
C ALA A 73 -2.61 -0.55 4.63
N MET A 74 -2.80 0.71 5.03
CA MET A 74 -3.68 1.00 6.16
C MET A 74 -5.15 0.78 5.80
N HIS A 75 -5.46 0.78 4.51
CA HIS A 75 -6.80 0.42 4.06
C HIS A 75 -7.02 -1.07 4.26
N LEU A 76 -5.97 -1.86 4.05
CA LEU A 76 -6.03 -3.28 4.31
C LEU A 76 -6.06 -3.55 5.81
N ILE A 77 -5.39 -2.68 6.57
CA ILE A 77 -5.43 -2.73 8.03
C ILE A 77 -6.87 -2.57 8.53
N ASP A 78 -7.60 -1.65 7.91
CA ASP A 78 -8.99 -1.38 8.27
C ASP A 78 -9.85 -2.61 8.02
N VAL A 79 -9.56 -3.32 6.94
CA VAL A 79 -10.26 -4.55 6.59
C VAL A 79 -9.94 -5.65 7.62
N ALA A 80 -8.66 -5.82 7.89
CA ALA A 80 -8.20 -6.82 8.86
C ALA A 80 -8.73 -6.51 10.26
N MET A 81 -8.83 -5.21 10.57
CA MET A 81 -9.38 -4.77 11.85
C MET A 81 -10.84 -5.19 11.99
N SER A 82 -11.51 -5.38 10.87
CA SER A 82 -12.91 -5.81 10.87
C SER A 82 -12.98 -7.31 11.08
N GLY A 83 -11.84 -7.98 11.01
CA GLY A 83 -11.80 -9.41 11.19
C GLY A 83 -11.95 -10.14 9.87
N GLN A 84 -11.97 -9.40 8.78
CA GLN A 84 -12.12 -10.00 7.47
C GLN A 84 -10.78 -10.50 6.95
N PRO A 85 -10.79 -11.63 6.22
CA PRO A 85 -9.57 -12.23 5.67
C PRO A 85 -9.04 -11.43 4.49
N LEU A 86 -7.73 -11.54 4.27
CA LEU A 86 -7.09 -10.89 3.15
C LEU A 86 -7.19 -11.76 1.91
N PRO A 87 -7.36 -11.14 0.73
CA PRO A 87 -7.42 -11.87 -0.54
C PRO A 87 -6.05 -12.39 -0.96
N PRO A 88 -6.01 -13.48 -1.74
CA PRO A 88 -4.76 -14.05 -2.25
C PRO A 88 -4.15 -13.16 -3.31
N VAL A 89 -5.01 -12.60 -4.15
CA VAL A 89 -4.58 -11.69 -5.19
C VAL A 89 -5.32 -10.36 -5.08
N LEU A 90 -4.60 -9.27 -5.27
CA LEU A 90 -5.18 -7.95 -5.18
C LEU A 90 -5.79 -7.56 -6.53
N PRO A 91 -6.95 -6.88 -6.52
CA PRO A 91 -7.58 -6.40 -7.74
C PRO A 91 -6.90 -5.14 -8.28
N PRO A 92 -6.99 -4.90 -9.60
CA PRO A 92 -6.40 -3.72 -10.24
C PRO A 92 -6.98 -2.42 -9.68
N GLU A 93 -8.21 -2.52 -9.17
CA GLU A 93 -8.90 -1.38 -8.59
C GLU A 93 -8.10 -0.79 -7.42
N TYR A 94 -7.43 -1.65 -6.67
CA TYR A 94 -6.71 -1.22 -5.48
C TYR A 94 -5.29 -0.78 -5.79
N ILE A 95 -4.91 -0.84 -7.06
CA ILE A 95 -3.57 -0.42 -7.47
C ILE A 95 -3.56 1.08 -7.73
N PRO A 96 -2.69 1.81 -7.01
CA PRO A 96 -2.64 3.28 -7.08
C PRO A 96 -2.47 3.81 -8.51
N PRO A 97 -2.97 5.03 -8.76
CA PRO A 97 -2.97 5.64 -10.09
C PRO A 97 -1.57 5.83 -10.67
N SER A 98 -0.63 6.20 -9.81
CA SER A 98 0.72 6.50 -10.25
C SER A 98 1.57 5.24 -10.30
N PHE A 99 0.92 4.07 -10.14
CA PHE A 99 1.64 2.80 -10.19
C PHE A 99 1.06 1.88 -11.26
N ARG A 100 -0.24 1.99 -11.52
CA ARG A 100 -0.89 1.11 -12.50
C ARG A 100 -0.66 1.60 -13.93
N ARG A 101 0.00 2.74 -14.07
CA ARG A 101 0.43 3.20 -15.39
C ARG A 101 1.88 3.67 -15.31
N VAL A 102 2.76 2.93 -15.95
CA VAL A 102 4.18 3.28 -15.95
C VAL A 102 4.79 3.11 -17.34
N ARG A 103 5.50 4.13 -17.78
CA ARG A 103 6.18 4.09 -19.06
C ARG A 103 7.68 3.90 -18.85
N LEU A 104 8.18 2.73 -19.23
CA LEU A 104 9.58 2.40 -18.99
C LEU A 104 10.38 2.63 -20.26
N GLU A 105 9.83 3.42 -21.15
CA GLU A 105 10.46 3.71 -22.43
C GLU A 105 11.38 4.93 -22.30
N HIS A 106 12.68 4.66 -22.21
CA HIS A 106 13.68 5.72 -22.15
C HIS A 106 14.76 5.44 -23.19
N HIS A 107 14.53 5.89 -24.41
CA HIS A 107 15.47 5.63 -25.48
C HIS A 107 15.54 6.80 -26.45
N HIS A 108 16.61 7.57 -26.35
CA HIS A 108 16.87 8.66 -27.28
C HIS A 108 18.29 8.55 -27.82
N HIS A 109 18.41 8.05 -29.05
CA HIS A 109 19.71 7.86 -29.66
C HIS A 109 19.97 8.96 -30.68
N HIS A 110 21.16 9.55 -30.62
CA HIS A 110 21.51 10.65 -31.51
C HIS A 110 22.08 10.13 -32.83
N HIS A 111 21.48 10.57 -33.92
CA HIS A 111 21.99 10.28 -35.24
C HIS A 111 22.23 11.58 -35.99
N PRO A 1 -19.25 -0.04 -1.80
CA PRO A 1 -19.35 1.44 -1.80
C PRO A 1 -19.10 1.97 -3.20
N PRO A 2 -19.50 3.22 -3.49
CA PRO A 2 -19.22 3.85 -4.77
C PRO A 2 -17.73 3.97 -5.02
N VAL A 3 -17.27 3.45 -6.15
CA VAL A 3 -15.85 3.49 -6.49
C VAL A 3 -15.49 4.87 -7.00
N ALA A 4 -15.03 5.72 -6.10
CA ALA A 4 -14.73 7.11 -6.42
C ALA A 4 -13.30 7.28 -6.87
N GLU A 5 -12.91 6.53 -7.90
CA GLU A 5 -11.55 6.55 -8.43
C GLU A 5 -10.57 6.00 -7.41
N TRP A 6 -10.15 4.74 -7.62
CA TRP A 6 -9.34 4.00 -6.66
C TRP A 6 -10.21 3.62 -5.45
N ALA A 7 -10.24 2.33 -5.14
CA ALA A 7 -11.19 1.77 -4.17
C ALA A 7 -10.86 2.10 -2.72
N VAL A 8 -10.41 3.32 -2.48
CA VAL A 8 -10.22 3.81 -1.14
C VAL A 8 -10.91 5.17 -0.98
N PRO A 9 -11.85 5.28 -0.02
CA PRO A 9 -12.60 6.51 0.22
C PRO A 9 -11.70 7.73 0.43
N GLN A 10 -12.16 8.88 -0.05
CA GLN A 10 -11.37 10.12 -0.04
C GLN A 10 -10.91 10.47 1.38
N SER A 11 -11.83 10.42 2.34
CA SER A 11 -11.50 10.74 3.72
C SER A 11 -10.44 9.78 4.27
N SER A 12 -10.55 8.51 3.88
CA SER A 12 -9.64 7.49 4.34
C SER A 12 -8.26 7.61 3.69
N ARG A 13 -8.25 7.83 2.36
CA ARG A 13 -6.99 7.93 1.64
C ARG A 13 -6.19 9.14 2.11
N LEU A 14 -6.89 10.22 2.41
CA LEU A 14 -6.25 11.41 2.95
C LEU A 14 -5.73 11.17 4.36
N LYS A 15 -6.53 10.45 5.17
CA LYS A 15 -6.16 10.11 6.54
C LYS A 15 -4.85 9.33 6.59
N TYR A 16 -4.69 8.39 5.68
CA TYR A 16 -3.48 7.57 5.66
C TYR A 16 -2.39 8.22 4.81
N ARG A 17 -2.77 9.22 4.03
CA ARG A 17 -1.79 10.07 3.36
C ARG A 17 -1.16 11.00 4.39
N GLN A 18 -1.93 11.26 5.44
CA GLN A 18 -1.51 12.04 6.60
C GLN A 18 -0.48 11.31 7.44
N LEU A 19 -0.36 10.03 7.19
CA LEU A 19 0.39 9.10 8.04
C LEU A 19 0.78 7.90 7.21
N PHE A 20 1.21 8.07 5.98
CA PHE A 20 2.39 8.85 5.53
C PHE A 20 2.72 10.20 6.20
N ASN A 21 2.09 11.28 5.78
CA ASN A 21 2.68 12.64 5.83
C ASN A 21 3.34 13.02 7.16
N SER A 22 2.69 12.77 8.27
CA SER A 22 3.23 13.17 9.57
C SER A 22 4.55 12.46 9.90
N HIS A 23 4.78 11.31 9.27
CA HIS A 23 6.01 10.56 9.47
C HIS A 23 7.00 10.82 8.34
N ASP A 24 6.64 11.69 7.41
CA ASP A 24 7.53 12.02 6.31
C ASP A 24 8.33 13.27 6.64
N LYS A 25 9.33 13.56 5.81
CA LYS A 25 10.26 14.65 6.04
C LYS A 25 10.37 15.50 4.79
N THR A 26 11.03 14.94 3.78
CA THR A 26 11.27 15.59 2.52
C THR A 26 12.02 14.61 1.63
N MET A 27 11.86 14.74 0.31
CA MET A 27 12.55 13.87 -0.64
C MET A 27 12.07 12.41 -0.51
N SER A 28 12.45 11.59 -1.48
CA SER A 28 12.12 10.16 -1.49
C SER A 28 10.68 9.93 -1.88
N GLY A 29 9.75 10.59 -1.20
CA GLY A 29 8.33 10.41 -1.48
C GLY A 29 7.85 9.05 -1.07
N HIS A 30 8.72 8.31 -0.39
CA HIS A 30 8.38 6.98 0.09
C HIS A 30 9.11 6.67 1.39
N LEU A 31 8.58 5.71 2.13
CA LEU A 31 9.21 5.25 3.35
C LEU A 31 9.76 3.84 3.14
N THR A 32 10.71 3.44 3.97
CA THR A 32 11.31 2.13 3.87
C THR A 32 10.55 1.12 4.70
N GLY A 33 10.98 -0.14 4.62
CA GLY A 33 10.36 -1.22 5.37
C GLY A 33 10.15 -0.89 6.85
N PRO A 34 11.25 -0.69 7.62
CA PRO A 34 11.17 -0.38 9.05
C PRO A 34 10.24 0.79 9.37
N GLN A 35 10.32 1.84 8.56
CA GLN A 35 9.48 3.02 8.76
C GLN A 35 8.01 2.69 8.55
N ALA A 36 7.71 2.04 7.43
CA ALA A 36 6.35 1.61 7.13
C ALA A 36 5.84 0.65 8.20
N ARG A 37 6.67 -0.34 8.54
CA ARG A 37 6.31 -1.38 9.51
C ARG A 37 6.07 -0.80 10.89
N THR A 38 6.76 0.29 11.23
CA THR A 38 6.56 0.96 12.50
C THR A 38 5.10 1.35 12.68
N ILE A 39 4.53 1.97 11.66
CA ILE A 39 3.13 2.35 11.67
C ILE A 39 2.23 1.14 11.49
N LEU A 40 2.65 0.25 10.60
CA LEU A 40 1.88 -0.95 10.27
C LEU A 40 1.67 -1.85 11.49
N MET A 41 2.68 -1.96 12.33
CA MET A 41 2.62 -2.85 13.50
C MET A 41 1.60 -2.35 14.53
N GLN A 42 1.23 -1.08 14.44
CA GLN A 42 0.30 -0.49 15.38
C GLN A 42 -1.14 -0.81 15.00
N SER A 43 -1.32 -1.67 14.00
CA SER A 43 -2.65 -2.08 13.57
C SER A 43 -3.21 -3.15 14.51
N SER A 44 -2.35 -3.63 15.41
CA SER A 44 -2.69 -4.69 16.36
C SER A 44 -2.89 -6.02 15.63
N LEU A 45 -2.40 -6.09 14.39
CA LEU A 45 -2.47 -7.30 13.60
C LEU A 45 -1.15 -8.07 13.70
N PRO A 46 -1.19 -9.40 13.55
CA PRO A 46 0.02 -10.23 13.61
C PRO A 46 0.89 -10.08 12.37
N GLN A 47 2.16 -10.44 12.50
CA GLN A 47 3.13 -10.29 11.42
C GLN A 47 2.71 -11.10 10.19
N ALA A 48 2.07 -12.25 10.42
CA ALA A 48 1.59 -13.10 9.33
C ALA A 48 0.70 -12.31 8.37
N GLN A 49 -0.30 -11.63 8.91
CA GLN A 49 -1.21 -10.84 8.08
C GLN A 49 -0.50 -9.62 7.53
N LEU A 50 0.37 -9.02 8.34
CA LEU A 50 1.14 -7.84 7.94
C LEU A 50 2.03 -8.15 6.73
N ALA A 51 2.60 -9.34 6.71
CA ALA A 51 3.44 -9.76 5.59
C ALA A 51 2.61 -10.01 4.34
N SER A 52 1.42 -10.57 4.53
CA SER A 52 0.52 -10.84 3.43
C SER A 52 0.04 -9.52 2.81
N ILE A 53 -0.34 -8.59 3.67
CA ILE A 53 -0.77 -7.27 3.21
C ILE A 53 0.38 -6.53 2.55
N TRP A 54 1.58 -6.67 3.11
CA TRP A 54 2.77 -6.08 2.51
C TRP A 54 2.97 -6.59 1.10
N ASN A 55 2.89 -7.90 0.94
CA ASN A 55 3.07 -8.54 -0.36
C ASN A 55 2.05 -8.00 -1.37
N LEU A 56 0.86 -7.67 -0.88
CA LEU A 56 -0.20 -7.11 -1.69
C LEU A 56 0.09 -5.66 -2.08
N SER A 57 0.83 -4.96 -1.23
CA SER A 57 1.08 -3.54 -1.42
C SER A 57 2.44 -3.25 -2.06
N ASP A 58 3.35 -4.22 -2.00
CA ASP A 58 4.69 -4.05 -2.55
C ASP A 58 4.65 -4.23 -4.07
N ILE A 59 4.51 -3.12 -4.78
CA ILE A 59 4.30 -3.14 -6.23
C ILE A 59 5.59 -3.48 -6.97
N ASP A 60 6.68 -2.80 -6.65
CA ASP A 60 7.94 -3.06 -7.34
C ASP A 60 8.71 -4.17 -6.65
N GLN A 61 8.21 -4.58 -5.49
CA GLN A 61 8.75 -5.72 -4.76
C GLN A 61 10.20 -5.48 -4.34
N ASP A 62 10.37 -4.72 -3.29
CA ASP A 62 11.69 -4.46 -2.73
C ASP A 62 11.61 -4.31 -1.23
N GLY A 63 10.70 -3.47 -0.79
CA GLY A 63 10.56 -3.21 0.62
C GLY A 63 10.41 -1.73 0.93
N LYS A 64 9.98 -0.97 -0.07
CA LYS A 64 9.73 0.46 0.12
C LYS A 64 8.28 0.78 -0.17
N LEU A 65 7.65 1.55 0.71
CA LEU A 65 6.26 1.95 0.53
C LEU A 65 6.16 3.44 0.25
N THR A 66 5.70 3.78 -0.94
CA THR A 66 5.46 5.17 -1.29
C THR A 66 4.18 5.67 -0.61
N ALA A 67 3.83 6.92 -0.87
CA ALA A 67 2.62 7.50 -0.28
C ALA A 67 1.38 6.71 -0.68
N GLU A 68 1.23 6.49 -1.98
CA GLU A 68 0.07 5.79 -2.50
C GLU A 68 0.05 4.32 -2.09
N GLU A 69 1.23 3.73 -1.93
CA GLU A 69 1.32 2.32 -1.53
C GLU A 69 0.93 2.17 -0.06
N PHE A 70 1.43 3.08 0.76
CA PHE A 70 1.15 3.06 2.19
C PHE A 70 -0.35 3.19 2.45
N ILE A 71 -1.01 4.05 1.67
CA ILE A 71 -2.46 4.22 1.77
C ILE A 71 -3.18 2.91 1.46
N LEU A 72 -2.75 2.26 0.40
CA LEU A 72 -3.32 0.97 0.01
C LEU A 72 -3.16 -0.05 1.13
N ALA A 73 -1.95 -0.15 1.65
CA ALA A 73 -1.65 -1.07 2.73
C ALA A 73 -2.53 -0.80 3.95
N MET A 74 -2.60 0.46 4.37
CA MET A 74 -3.37 0.83 5.56
C MET A 74 -4.85 0.53 5.39
N HIS A 75 -5.35 0.64 4.16
CA HIS A 75 -6.75 0.31 3.90
C HIS A 75 -6.97 -1.19 4.03
N LEU A 76 -5.96 -1.97 3.64
CA LEU A 76 -6.00 -3.41 3.80
C LEU A 76 -5.93 -3.77 5.29
N ILE A 77 -5.14 -2.99 6.04
CA ILE A 77 -5.10 -3.11 7.49
C ILE A 77 -6.50 -2.90 8.06
N ASP A 78 -7.19 -1.87 7.58
CA ASP A 78 -8.56 -1.58 8.00
C ASP A 78 -9.47 -2.77 7.73
N VAL A 79 -9.38 -3.33 6.53
CA VAL A 79 -10.16 -4.49 6.14
C VAL A 79 -9.94 -5.66 7.10
N ALA A 80 -8.68 -6.01 7.32
CA ALA A 80 -8.34 -7.11 8.20
C ALA A 80 -8.77 -6.83 9.63
N MET A 81 -8.49 -5.61 10.10
CA MET A 81 -8.83 -5.21 11.45
C MET A 81 -10.34 -5.27 11.70
N SER A 82 -11.11 -5.07 10.64
CA SER A 82 -12.58 -5.10 10.75
C SER A 82 -13.12 -6.53 10.71
N GLY A 83 -12.22 -7.50 10.70
CA GLY A 83 -12.63 -8.89 10.72
C GLY A 83 -12.92 -9.44 9.34
N GLN A 84 -12.57 -8.67 8.31
CA GLN A 84 -12.80 -9.09 6.95
C GLN A 84 -11.60 -9.84 6.43
N PRO A 85 -11.82 -10.87 5.59
CA PRO A 85 -10.74 -11.66 5.01
C PRO A 85 -10.02 -10.92 3.89
N LEU A 86 -8.85 -11.43 3.51
CA LEU A 86 -8.09 -10.83 2.43
C LEU A 86 -8.49 -11.47 1.10
N PRO A 87 -8.45 -10.71 0.00
CA PRO A 87 -8.78 -11.23 -1.32
C PRO A 87 -7.73 -12.21 -1.83
N PRO A 88 -8.13 -13.14 -2.71
CA PRO A 88 -7.19 -14.07 -3.35
C PRO A 88 -6.19 -13.33 -4.24
N VAL A 89 -6.71 -12.33 -4.94
CA VAL A 89 -5.91 -11.47 -5.80
C VAL A 89 -6.44 -10.06 -5.64
N LEU A 90 -5.59 -9.07 -5.87
CA LEU A 90 -6.02 -7.69 -5.75
C LEU A 90 -6.77 -7.28 -7.01
N PRO A 91 -7.86 -6.51 -6.87
CA PRO A 91 -8.63 -6.02 -8.00
C PRO A 91 -8.05 -4.73 -8.58
N PRO A 92 -8.27 -4.48 -9.87
CA PRO A 92 -7.79 -3.27 -10.54
C PRO A 92 -8.28 -1.98 -9.87
N GLU A 93 -9.44 -2.05 -9.21
CA GLU A 93 -9.97 -0.91 -8.48
C GLU A 93 -9.03 -0.48 -7.36
N TYR A 94 -8.25 -1.42 -6.85
CA TYR A 94 -7.32 -1.13 -5.75
C TYR A 94 -5.93 -0.83 -6.27
N ILE A 95 -5.72 -1.05 -7.56
CA ILE A 95 -4.41 -0.83 -8.16
C ILE A 95 -4.25 0.63 -8.56
N PRO A 96 -3.30 1.35 -7.92
CA PRO A 96 -3.07 2.77 -8.18
C PRO A 96 -2.53 3.02 -9.58
N PRO A 97 -2.77 4.22 -10.12
CA PRO A 97 -2.28 4.62 -11.45
C PRO A 97 -0.76 4.48 -11.56
N SER A 98 -0.29 4.23 -12.78
CA SER A 98 1.13 4.06 -13.07
C SER A 98 1.64 2.69 -12.59
N PHE A 99 1.14 2.25 -11.44
CA PHE A 99 1.52 0.95 -10.89
C PHE A 99 0.68 -0.17 -11.50
N ARG A 100 -0.16 0.20 -12.46
CA ARG A 100 -1.00 -0.77 -13.15
C ARG A 100 -0.17 -1.64 -14.09
N ARG A 101 1.06 -1.20 -14.36
CA ARG A 101 1.96 -1.97 -15.20
C ARG A 101 2.61 -3.09 -14.42
N VAL A 102 1.88 -4.17 -14.23
CA VAL A 102 2.39 -5.35 -13.55
C VAL A 102 2.69 -6.45 -14.55
N ARG A 103 3.97 -6.71 -14.78
CA ARG A 103 4.39 -7.71 -15.75
C ARG A 103 5.45 -8.62 -15.16
N LEU A 104 5.03 -9.82 -14.77
CA LEU A 104 5.92 -10.84 -14.21
C LEU A 104 6.38 -10.48 -12.80
N GLU A 105 6.41 -11.47 -11.93
CA GLU A 105 6.92 -11.28 -10.58
C GLU A 105 8.41 -11.00 -10.60
N HIS A 106 8.80 -9.87 -10.04
CA HIS A 106 10.21 -9.55 -9.92
C HIS A 106 10.76 -10.23 -8.68
N HIS A 107 10.84 -11.56 -8.76
CA HIS A 107 11.28 -12.39 -7.65
C HIS A 107 12.72 -12.08 -7.28
N HIS A 108 13.01 -12.10 -5.99
CA HIS A 108 14.32 -11.76 -5.49
C HIS A 108 14.81 -12.75 -4.44
N HIS A 109 15.88 -13.43 -4.77
CA HIS A 109 16.59 -14.27 -3.81
C HIS A 109 17.96 -13.68 -3.56
N HIS A 110 18.57 -14.02 -2.44
CA HIS A 110 19.87 -13.47 -2.09
C HIS A 110 20.96 -14.51 -2.30
N HIS A 111 22.09 -14.07 -2.84
CA HIS A 111 23.26 -14.90 -3.06
C HIS A 111 22.97 -15.94 -4.16
N PRO A 1 -15.10 8.49 -21.31
CA PRO A 1 -15.43 9.15 -20.03
C PRO A 1 -14.20 9.20 -19.14
N PRO A 2 -14.11 10.19 -18.23
CA PRO A 2 -13.01 10.30 -17.28
C PRO A 2 -12.98 9.12 -16.31
N VAL A 3 -12.04 8.22 -16.53
CA VAL A 3 -11.90 7.05 -15.67
C VAL A 3 -10.90 7.30 -14.56
N ALA A 4 -11.41 7.44 -13.34
CA ALA A 4 -10.56 7.67 -12.19
C ALA A 4 -11.21 7.15 -10.92
N GLU A 5 -10.89 5.93 -10.55
CA GLU A 5 -11.42 5.34 -9.33
C GLU A 5 -10.38 4.42 -8.70
N TRP A 6 -9.95 4.78 -7.50
CA TRP A 6 -9.09 3.94 -6.70
C TRP A 6 -9.92 3.38 -5.55
N ALA A 7 -9.83 2.08 -5.33
CA ALA A 7 -10.70 1.38 -4.38
C ALA A 7 -10.37 1.68 -2.91
N VAL A 8 -10.03 2.92 -2.63
CA VAL A 8 -9.85 3.39 -1.27
C VAL A 8 -10.59 4.71 -1.07
N PRO A 9 -11.45 4.79 -0.05
CA PRO A 9 -12.26 5.99 0.21
C PRO A 9 -11.42 7.26 0.21
N GLN A 10 -11.94 8.28 -0.48
CA GLN A 10 -11.22 9.54 -0.65
C GLN A 10 -10.94 10.19 0.71
N SER A 11 -11.90 10.12 1.62
CA SER A 11 -11.73 10.67 2.95
C SER A 11 -10.65 9.93 3.72
N SER A 12 -10.61 8.61 3.55
CA SER A 12 -9.64 7.77 4.24
C SER A 12 -8.25 7.94 3.64
N ARG A 13 -8.18 8.00 2.32
CA ARG A 13 -6.89 8.12 1.64
C ARG A 13 -6.21 9.42 2.02
N LEU A 14 -7.00 10.47 2.24
CA LEU A 14 -6.48 11.76 2.64
C LEU A 14 -5.97 11.72 4.10
N LYS A 15 -6.69 10.99 4.93
CA LYS A 15 -6.37 10.91 6.34
C LYS A 15 -5.08 10.12 6.58
N TYR A 16 -4.95 8.97 5.91
CA TYR A 16 -3.77 8.14 6.08
C TYR A 16 -2.64 8.59 5.16
N ARG A 17 -2.93 9.50 4.23
CA ARG A 17 -1.88 10.14 3.46
C ARG A 17 -1.18 11.16 4.34
N GLN A 18 -1.91 11.64 5.34
CA GLN A 18 -1.42 12.58 6.33
C GLN A 18 -0.46 11.91 7.30
N LEU A 19 -0.47 10.59 7.28
CA LEU A 19 0.23 9.77 8.27
C LEU A 19 0.46 8.40 7.71
N PHE A 20 0.87 8.28 6.46
CA PHE A 20 2.11 8.83 5.86
C PHE A 20 2.61 10.22 6.26
N ASN A 21 2.01 11.29 5.74
CA ASN A 21 2.70 12.59 5.55
C ASN A 21 3.49 13.10 6.75
N SER A 22 2.96 12.98 7.96
CA SER A 22 3.67 13.46 9.15
C SER A 22 5.03 12.77 9.33
N HIS A 23 5.17 11.57 8.78
CA HIS A 23 6.40 10.81 8.89
C HIS A 23 7.40 11.21 7.82
N ASP A 24 6.91 11.59 6.65
CA ASP A 24 7.78 12.02 5.57
C ASP A 24 8.19 13.47 5.79
N LYS A 25 9.41 13.63 6.25
CA LYS A 25 9.94 14.94 6.60
C LYS A 25 11.03 15.36 5.62
N THR A 26 11.96 14.45 5.37
CA THR A 26 13.08 14.72 4.48
C THR A 26 13.36 13.53 3.58
N MET A 27 12.33 12.73 3.29
CA MET A 27 12.51 11.52 2.52
C MET A 27 12.32 11.77 1.02
N SER A 28 11.07 11.74 0.57
CA SER A 28 10.78 11.86 -0.86
C SER A 28 9.29 11.66 -1.13
N GLY A 29 8.64 10.90 -0.27
CA GLY A 29 7.28 10.50 -0.55
C GLY A 29 7.12 8.99 -0.50
N HIS A 30 8.04 8.34 0.20
CA HIS A 30 7.98 6.91 0.41
C HIS A 30 8.73 6.54 1.68
N LEU A 31 8.17 5.60 2.42
CA LEU A 31 8.77 5.14 3.66
C LEU A 31 9.66 3.94 3.39
N THR A 32 10.78 3.90 4.07
CA THR A 32 11.71 2.78 3.96
C THR A 32 11.11 1.54 4.60
N GLY A 33 11.70 0.37 4.32
CA GLY A 33 11.22 -0.89 4.86
C GLY A 33 10.88 -0.82 6.34
N PRO A 34 11.87 -0.59 7.22
CA PRO A 34 11.65 -0.48 8.66
C PRO A 34 10.62 0.59 9.02
N GLN A 35 10.71 1.74 8.34
CA GLN A 35 9.78 2.85 8.58
C GLN A 35 8.33 2.40 8.40
N ALA A 36 8.04 1.83 7.23
CA ALA A 36 6.69 1.37 6.91
C ALA A 36 6.24 0.30 7.90
N ARG A 37 7.13 -0.64 8.19
CA ARG A 37 6.82 -1.75 9.09
C ARG A 37 6.52 -1.26 10.50
N THR A 38 7.13 -0.14 10.88
CA THR A 38 6.94 0.44 12.20
C THR A 38 5.46 0.76 12.44
N ILE A 39 4.86 1.50 11.52
CA ILE A 39 3.46 1.87 11.63
C ILE A 39 2.56 0.65 11.44
N LEU A 40 2.95 -0.20 10.50
CA LEU A 40 2.18 -1.40 10.18
C LEU A 40 2.01 -2.32 11.39
N MET A 41 3.07 -2.48 12.17
CA MET A 41 3.03 -3.37 13.34
C MET A 41 2.18 -2.79 14.46
N GLN A 42 1.95 -1.47 14.41
CA GLN A 42 1.17 -0.79 15.46
C GLN A 42 -0.32 -1.10 15.33
N SER A 43 -0.68 -1.85 14.29
CA SER A 43 -2.06 -2.24 14.08
C SER A 43 -2.44 -3.38 15.03
N SER A 44 -1.41 -4.07 15.55
CA SER A 44 -1.58 -5.19 16.47
C SER A 44 -2.19 -6.40 15.76
N LEU A 45 -2.19 -6.38 14.44
CA LEU A 45 -2.67 -7.50 13.63
C LEU A 45 -1.64 -8.62 13.63
N PRO A 46 -2.05 -9.86 13.31
CA PRO A 46 -1.11 -10.99 13.26
C PRO A 46 -0.11 -10.82 12.13
N GLN A 47 1.12 -11.27 12.36
CA GLN A 47 2.20 -11.09 11.40
C GLN A 47 1.89 -11.79 10.08
N ALA A 48 1.10 -12.85 10.16
CA ALA A 48 0.65 -13.55 8.96
C ALA A 48 -0.10 -12.61 8.02
N GLN A 49 -1.01 -11.82 8.59
CA GLN A 49 -1.76 -10.84 7.81
C GLN A 49 -0.86 -9.66 7.43
N LEU A 50 0.00 -9.26 8.36
CA LEU A 50 0.92 -8.15 8.12
C LEU A 50 1.82 -8.44 6.92
N ALA A 51 2.39 -9.64 6.88
CA ALA A 51 3.21 -10.05 5.76
C ALA A 51 2.40 -10.10 4.48
N SER A 52 1.17 -10.57 4.59
CA SER A 52 0.25 -10.61 3.47
C SER A 52 -0.01 -9.20 2.94
N ILE A 53 -0.31 -8.28 3.85
CA ILE A 53 -0.55 -6.88 3.50
C ILE A 53 0.69 -6.27 2.84
N TRP A 54 1.86 -6.53 3.42
CA TRP A 54 3.10 -6.01 2.86
C TRP A 54 3.31 -6.51 1.43
N ASN A 55 3.17 -7.82 1.26
CA ASN A 55 3.38 -8.46 -0.04
C ASN A 55 2.38 -7.92 -1.06
N LEU A 56 1.17 -7.63 -0.59
CA LEU A 56 0.12 -7.06 -1.42
C LEU A 56 0.37 -5.58 -1.72
N SER A 57 1.00 -4.88 -0.78
CA SER A 57 1.16 -3.43 -0.88
C SER A 57 2.42 -3.05 -1.65
N ASP A 58 3.48 -3.83 -1.51
CA ASP A 58 4.73 -3.56 -2.21
C ASP A 58 4.59 -3.93 -3.68
N ILE A 59 4.22 -2.95 -4.49
CA ILE A 59 3.99 -3.18 -5.90
C ILE A 59 5.32 -3.15 -6.66
N ASP A 60 6.23 -2.32 -6.17
CA ASP A 60 7.53 -2.16 -6.79
C ASP A 60 8.41 -3.37 -6.50
N GLN A 61 8.11 -4.04 -5.39
CA GLN A 61 8.83 -5.22 -4.94
C GLN A 61 10.27 -4.86 -4.60
N ASP A 62 10.42 -3.89 -3.72
CA ASP A 62 11.74 -3.43 -3.31
C ASP A 62 11.83 -3.30 -1.79
N GLY A 63 10.69 -3.41 -1.12
CA GLY A 63 10.67 -3.26 0.32
C GLY A 63 10.52 -1.83 0.76
N LYS A 64 9.75 -1.06 0.00
CA LYS A 64 9.46 0.33 0.35
C LYS A 64 8.00 0.64 0.06
N LEU A 65 7.41 1.52 0.86
CA LEU A 65 6.01 1.88 0.67
C LEU A 65 5.89 3.38 0.43
N THR A 66 5.49 3.75 -0.79
CA THR A 66 5.28 5.16 -1.13
C THR A 66 4.03 5.69 -0.44
N ALA A 67 3.74 6.97 -0.63
CA ALA A 67 2.54 7.57 -0.07
C ALA A 67 1.30 6.87 -0.61
N GLU A 68 1.33 6.51 -1.89
CA GLU A 68 0.22 5.81 -2.51
C GLU A 68 0.08 4.41 -1.92
N GLU A 69 1.19 3.74 -1.73
CA GLU A 69 1.18 2.36 -1.26
C GLU A 69 0.82 2.29 0.22
N PHE A 70 1.26 3.27 0.97
CA PHE A 70 0.93 3.35 2.40
C PHE A 70 -0.59 3.43 2.60
N ILE A 71 -1.23 4.25 1.77
CA ILE A 71 -2.68 4.36 1.80
C ILE A 71 -3.34 3.01 1.54
N LEU A 72 -2.82 2.30 0.54
CA LEU A 72 -3.30 0.98 0.20
C LEU A 72 -3.12 0.02 1.37
N ALA A 73 -1.92 0.03 1.95
CA ALA A 73 -1.60 -0.81 3.10
C ALA A 73 -2.56 -0.55 4.25
N MET A 74 -2.71 0.71 4.63
CA MET A 74 -3.58 1.08 5.73
C MET A 74 -5.04 0.74 5.43
N HIS A 75 -5.40 0.76 4.16
CA HIS A 75 -6.75 0.36 3.76
C HIS A 75 -6.95 -1.14 4.00
N LEU A 76 -5.89 -1.92 3.82
CA LEU A 76 -5.93 -3.34 4.09
C LEU A 76 -6.04 -3.59 5.59
N ILE A 77 -5.32 -2.79 6.37
CA ILE A 77 -5.46 -2.81 7.83
C ILE A 77 -6.90 -2.50 8.22
N ASP A 78 -7.47 -1.50 7.57
CA ASP A 78 -8.87 -1.10 7.79
C ASP A 78 -9.82 -2.26 7.51
N VAL A 79 -9.56 -2.99 6.44
CA VAL A 79 -10.36 -4.17 6.10
C VAL A 79 -10.22 -5.24 7.18
N ALA A 80 -8.99 -5.47 7.61
CA ALA A 80 -8.73 -6.44 8.67
C ALA A 80 -9.33 -5.98 10.00
N MET A 81 -9.40 -4.67 10.18
CA MET A 81 -10.01 -4.07 11.37
C MET A 81 -11.51 -4.37 11.43
N SER A 82 -12.06 -4.76 10.29
CA SER A 82 -13.48 -5.11 10.21
C SER A 82 -13.67 -6.60 10.50
N GLY A 83 -12.56 -7.33 10.54
CA GLY A 83 -12.61 -8.76 10.79
C GLY A 83 -12.73 -9.56 9.50
N GLN A 84 -12.30 -8.97 8.40
CA GLN A 84 -12.40 -9.61 7.10
C GLN A 84 -11.11 -10.34 6.74
N PRO A 85 -11.23 -11.50 6.07
CA PRO A 85 -10.08 -12.24 5.57
C PRO A 85 -9.46 -11.56 4.34
N LEU A 86 -8.14 -11.47 4.33
CA LEU A 86 -7.44 -10.79 3.25
C LEU A 86 -7.21 -11.74 2.07
N PRO A 87 -7.28 -11.22 0.84
CA PRO A 87 -7.09 -12.03 -0.37
C PRO A 87 -5.62 -12.38 -0.61
N PRO A 88 -5.35 -13.51 -1.31
CA PRO A 88 -4.00 -13.91 -1.65
C PRO A 88 -3.40 -13.03 -2.75
N VAL A 89 -4.27 -12.49 -3.60
CA VAL A 89 -3.87 -11.59 -4.66
C VAL A 89 -4.72 -10.33 -4.59
N LEU A 90 -4.18 -9.23 -5.06
CA LEU A 90 -4.89 -7.96 -5.01
C LEU A 90 -5.49 -7.64 -6.38
N PRO A 91 -6.72 -7.11 -6.41
CA PRO A 91 -7.37 -6.69 -7.65
C PRO A 91 -6.77 -5.38 -8.20
N PRO A 92 -6.87 -5.18 -9.52
CA PRO A 92 -6.32 -3.99 -10.18
C PRO A 92 -6.94 -2.69 -9.69
N GLU A 93 -8.19 -2.76 -9.22
CA GLU A 93 -8.91 -1.57 -8.73
C GLU A 93 -8.24 -1.00 -7.48
N TYR A 94 -7.41 -1.80 -6.83
CA TYR A 94 -6.77 -1.39 -5.59
C TYR A 94 -5.33 -0.95 -5.82
N ILE A 95 -4.87 -1.04 -7.06
CA ILE A 95 -3.49 -0.73 -7.39
C ILE A 95 -3.28 0.79 -7.45
N PRO A 96 -2.31 1.30 -6.67
CA PRO A 96 -2.02 2.74 -6.60
C PRO A 96 -1.52 3.30 -7.93
N PRO A 97 -1.72 4.62 -8.15
CA PRO A 97 -1.27 5.30 -9.36
C PRO A 97 0.23 5.12 -9.60
N SER A 98 0.63 5.15 -10.87
CA SER A 98 2.03 5.01 -11.28
C SER A 98 2.52 3.56 -11.16
N PHE A 99 2.05 2.86 -10.13
CA PHE A 99 2.41 1.46 -9.94
C PHE A 99 1.43 0.55 -10.68
N ARG A 100 0.57 1.17 -11.47
CA ARG A 100 -0.44 0.46 -12.24
C ARG A 100 0.16 -0.28 -13.44
N ARG A 101 1.46 -0.15 -13.62
CA ARG A 101 2.16 -0.86 -14.69
C ARG A 101 3.60 -1.15 -14.28
N VAL A 102 3.80 -2.24 -13.56
CA VAL A 102 5.13 -2.62 -13.10
C VAL A 102 5.70 -3.78 -13.93
N ARG A 103 6.37 -3.43 -15.02
CA ARG A 103 7.01 -4.42 -15.87
C ARG A 103 8.15 -3.75 -16.64
N LEU A 104 9.35 -4.32 -16.53
CA LEU A 104 10.51 -3.74 -17.18
C LEU A 104 11.01 -4.66 -18.29
N GLU A 105 11.52 -5.82 -17.91
CA GLU A 105 12.05 -6.77 -18.88
C GLU A 105 10.91 -7.46 -19.65
N HIS A 106 11.23 -7.91 -20.86
CA HIS A 106 10.28 -8.64 -21.68
C HIS A 106 10.50 -10.13 -21.49
N HIS A 107 11.73 -10.49 -21.16
CA HIS A 107 12.10 -11.87 -20.92
C HIS A 107 12.16 -12.12 -19.41
N HIS A 108 11.16 -12.84 -18.91
CA HIS A 108 11.06 -13.13 -17.49
C HIS A 108 12.12 -14.14 -17.08
N HIS A 109 12.82 -13.84 -15.99
CA HIS A 109 13.89 -14.71 -15.49
C HIS A 109 13.33 -16.10 -15.16
N HIS A 110 14.00 -17.14 -15.63
CA HIS A 110 13.52 -18.50 -15.42
C HIS A 110 13.91 -18.98 -14.03
N HIS A 111 15.18 -18.83 -13.70
CA HIS A 111 15.65 -19.12 -12.35
C HIS A 111 16.73 -18.12 -11.97
N PRO A 1 -17.90 -0.94 -3.12
CA PRO A 1 -16.68 -0.23 -3.59
C PRO A 1 -16.80 0.12 -5.06
N PRO A 2 -16.26 1.28 -5.47
CA PRO A 2 -16.31 1.74 -6.86
C PRO A 2 -15.47 0.89 -7.80
N VAL A 3 -15.78 0.97 -9.08
CA VAL A 3 -15.02 0.25 -10.09
C VAL A 3 -13.91 1.14 -10.64
N ALA A 4 -12.66 0.68 -10.53
CA ALA A 4 -11.49 1.45 -10.94
C ALA A 4 -11.36 2.72 -10.09
N GLU A 5 -10.61 3.70 -10.60
CA GLU A 5 -10.38 4.97 -9.90
C GLU A 5 -9.57 4.74 -8.61
N TRP A 6 -9.00 3.53 -8.53
CA TRP A 6 -8.29 3.08 -7.34
C TRP A 6 -9.27 2.93 -6.18
N ALA A 7 -9.61 1.68 -5.88
CA ALA A 7 -10.70 1.36 -4.95
C ALA A 7 -10.31 1.59 -3.49
N VAL A 8 -10.11 2.85 -3.16
CA VAL A 8 -9.93 3.28 -1.78
C VAL A 8 -10.61 4.63 -1.55
N PRO A 9 -11.44 4.73 -0.50
CA PRO A 9 -12.20 5.95 -0.20
C PRO A 9 -11.33 7.20 -0.09
N GLN A 10 -11.86 8.31 -0.58
CA GLN A 10 -11.13 9.58 -0.60
C GLN A 10 -10.76 10.04 0.80
N SER A 11 -11.63 9.79 1.78
CA SER A 11 -11.36 10.16 3.15
C SER A 11 -10.11 9.44 3.66
N SER A 12 -10.02 8.15 3.32
CA SER A 12 -8.88 7.34 3.70
C SER A 12 -7.62 7.85 3.00
N ARG A 13 -7.76 8.18 1.72
CA ARG A 13 -6.65 8.67 0.92
C ARG A 13 -6.06 9.95 1.55
N LEU A 14 -6.93 10.80 2.07
CA LEU A 14 -6.51 12.03 2.73
C LEU A 14 -5.84 11.75 4.07
N LYS A 15 -6.47 10.91 4.88
CA LYS A 15 -5.99 10.61 6.23
C LYS A 15 -4.61 9.96 6.20
N TYR A 16 -4.41 9.01 5.29
CA TYR A 16 -3.14 8.31 5.21
C TYR A 16 -2.15 9.08 4.34
N ARG A 17 -2.63 10.14 3.69
CA ARG A 17 -1.73 11.08 3.04
C ARG A 17 -1.09 11.94 4.10
N GLN A 18 -1.81 12.12 5.19
CA GLN A 18 -1.36 12.90 6.34
C GLN A 18 -0.29 12.17 7.14
N LEU A 19 -0.15 10.90 6.86
CA LEU A 19 0.62 9.98 7.69
C LEU A 19 0.92 8.73 6.89
N PHE A 20 1.31 8.86 5.64
CA PHE A 20 2.49 9.60 5.13
C PHE A 20 2.86 10.95 5.75
N ASN A 21 2.21 12.04 5.34
CA ASN A 21 2.83 13.39 5.32
C ASN A 21 3.57 13.80 6.60
N SER A 22 3.04 13.48 7.77
CA SER A 22 3.71 13.84 9.02
C SER A 22 5.11 13.20 9.10
N HIS A 23 5.31 12.11 8.36
CA HIS A 23 6.58 11.42 8.35
C HIS A 23 7.38 11.75 7.08
N ASP A 24 6.96 12.79 6.36
CA ASP A 24 7.67 13.24 5.15
C ASP A 24 8.69 14.29 5.54
N LYS A 25 9.94 14.11 5.11
CA LYS A 25 10.98 15.06 5.42
C LYS A 25 11.81 15.44 4.19
N THR A 26 12.66 14.53 3.72
CA THR A 26 13.61 14.87 2.67
C THR A 26 13.66 13.86 1.53
N MET A 27 13.16 14.29 0.36
CA MET A 27 13.32 13.62 -0.95
C MET A 27 12.87 12.16 -1.02
N SER A 28 12.17 11.85 -2.12
CA SER A 28 11.65 10.54 -2.41
C SER A 28 10.43 10.28 -1.56
N GLY A 29 9.27 10.55 -2.15
CA GLY A 29 8.00 10.41 -1.48
C GLY A 29 7.65 8.97 -1.17
N HIS A 30 8.52 8.31 -0.43
CA HIS A 30 8.23 6.97 0.07
C HIS A 30 8.86 6.74 1.43
N LEU A 31 8.29 5.79 2.16
CA LEU A 31 8.82 5.39 3.45
C LEU A 31 9.60 4.09 3.29
N THR A 32 10.50 3.82 4.21
CA THR A 32 11.34 2.63 4.13
C THR A 32 10.68 1.43 4.81
N GLY A 33 11.30 0.27 4.68
CA GLY A 33 10.76 -0.96 5.22
C GLY A 33 10.40 -0.86 6.69
N PRO A 34 11.40 -0.66 7.57
CA PRO A 34 11.17 -0.54 9.02
C PRO A 34 10.11 0.50 9.37
N GLN A 35 10.15 1.65 8.69
CA GLN A 35 9.20 2.72 8.96
C GLN A 35 7.77 2.27 8.63
N ALA A 36 7.61 1.68 7.45
CA ALA A 36 6.31 1.17 7.03
C ALA A 36 5.82 0.09 7.99
N ARG A 37 6.71 -0.83 8.33
CA ARG A 37 6.38 -1.94 9.23
C ARG A 37 5.99 -1.44 10.61
N THR A 38 6.70 -0.43 11.10
CA THR A 38 6.44 0.12 12.42
C THR A 38 5.00 0.64 12.52
N ILE A 39 4.56 1.37 11.51
CA ILE A 39 3.20 1.88 11.48
C ILE A 39 2.21 0.73 11.32
N LEU A 40 2.58 -0.24 10.49
CA LEU A 40 1.78 -1.44 10.29
C LEU A 40 1.53 -2.17 11.62
N MET A 41 2.58 -2.28 12.42
CA MET A 41 2.51 -2.96 13.72
C MET A 41 1.65 -2.20 14.71
N GLN A 42 1.43 -0.91 14.44
CA GLN A 42 0.63 -0.06 15.33
C GLN A 42 -0.86 -0.30 15.12
N SER A 43 -1.19 -1.22 14.22
CA SER A 43 -2.57 -1.56 13.97
C SER A 43 -3.09 -2.50 15.05
N SER A 44 -2.85 -3.80 14.88
CA SER A 44 -3.38 -4.86 15.74
C SER A 44 -3.00 -6.24 15.19
N LEU A 45 -2.91 -6.31 13.86
CA LEU A 45 -2.67 -7.57 13.17
C LEU A 45 -1.29 -8.13 13.46
N PRO A 46 -1.18 -9.47 13.52
CA PRO A 46 0.11 -10.14 13.72
C PRO A 46 0.92 -10.25 12.44
N GLN A 47 2.12 -10.81 12.54
CA GLN A 47 3.04 -10.90 11.41
C GLN A 47 2.42 -11.63 10.21
N ALA A 48 1.64 -12.67 10.49
CA ALA A 48 1.01 -13.44 9.41
C ALA A 48 0.16 -12.54 8.52
N GLN A 49 -0.67 -11.71 9.12
CA GLN A 49 -1.52 -10.79 8.39
C GLN A 49 -0.70 -9.66 7.80
N LEU A 50 0.28 -9.18 8.57
CA LEU A 50 1.13 -8.09 8.15
C LEU A 50 1.92 -8.45 6.90
N ALA A 51 2.50 -9.64 6.89
CA ALA A 51 3.29 -10.11 5.76
C ALA A 51 2.40 -10.30 4.53
N SER A 52 1.18 -10.76 4.76
CA SER A 52 0.23 -10.98 3.69
C SER A 52 -0.10 -9.66 2.99
N ILE A 53 -0.43 -8.64 3.80
CA ILE A 53 -0.74 -7.32 3.27
C ILE A 53 0.48 -6.69 2.61
N TRP A 54 1.64 -6.83 3.23
CA TRP A 54 2.88 -6.34 2.67
C TRP A 54 3.13 -6.94 1.30
N ASN A 55 2.98 -8.26 1.22
CA ASN A 55 3.19 -9.00 -0.02
C ASN A 55 2.22 -8.54 -1.10
N LEU A 56 1.02 -8.17 -0.67
CA LEU A 56 0.01 -7.64 -1.58
C LEU A 56 0.32 -6.22 -2.03
N SER A 57 0.87 -5.43 -1.12
CA SER A 57 1.10 -4.02 -1.38
C SER A 57 2.35 -3.77 -2.22
N ASP A 58 3.45 -4.43 -1.88
CA ASP A 58 4.72 -4.21 -2.58
C ASP A 58 4.73 -4.97 -3.90
N ILE A 59 4.82 -4.21 -4.98
CA ILE A 59 4.77 -4.78 -6.33
C ILE A 59 6.17 -5.07 -6.87
N ASP A 60 7.15 -4.32 -6.38
CA ASP A 60 8.51 -4.39 -6.93
C ASP A 60 9.41 -5.26 -6.06
N GLN A 61 8.96 -5.51 -4.83
CA GLN A 61 9.73 -6.26 -3.83
C GLN A 61 10.87 -5.39 -3.31
N ASP A 62 10.70 -4.08 -3.48
CA ASP A 62 11.73 -3.11 -3.10
C ASP A 62 11.80 -2.97 -1.59
N GLY A 63 10.67 -3.12 -0.93
CA GLY A 63 10.65 -3.05 0.51
C GLY A 63 10.27 -1.68 1.04
N LYS A 64 10.00 -0.74 0.14
CA LYS A 64 9.62 0.61 0.54
C LYS A 64 8.18 0.88 0.12
N LEU A 65 7.44 1.56 0.99
CA LEU A 65 6.05 1.90 0.69
C LEU A 65 5.92 3.39 0.42
N THR A 66 5.40 3.75 -0.75
CA THR A 66 5.17 5.15 -1.07
C THR A 66 3.88 5.63 -0.40
N ALA A 67 3.41 6.80 -0.77
CA ALA A 67 2.16 7.31 -0.23
C ALA A 67 1.01 6.46 -0.71
N GLU A 68 0.98 6.19 -2.02
CA GLU A 68 -0.08 5.39 -2.61
C GLU A 68 -0.01 3.94 -2.13
N GLU A 69 1.20 3.43 -1.94
CA GLU A 69 1.37 2.07 -1.44
C GLU A 69 0.93 1.99 0.02
N PHE A 70 1.25 3.02 0.78
CA PHE A 70 0.87 3.09 2.19
C PHE A 70 -0.64 3.10 2.34
N ILE A 71 -1.31 3.92 1.54
CA ILE A 71 -2.77 4.01 1.58
C ILE A 71 -3.39 2.65 1.25
N LEU A 72 -2.81 1.96 0.28
CA LEU A 72 -3.24 0.63 -0.09
C LEU A 72 -3.08 -0.35 1.07
N ALA A 73 -1.88 -0.38 1.64
CA ALA A 73 -1.58 -1.26 2.75
C ALA A 73 -2.52 -1.01 3.92
N MET A 74 -2.71 0.26 4.29
CA MET A 74 -3.58 0.61 5.40
C MET A 74 -5.03 0.30 5.09
N HIS A 75 -5.40 0.36 3.82
CA HIS A 75 -6.76 0.02 3.41
C HIS A 75 -6.99 -1.48 3.60
N LEU A 76 -5.94 -2.27 3.35
CA LEU A 76 -5.99 -3.70 3.59
C LEU A 76 -5.98 -3.99 5.09
N ILE A 77 -5.24 -3.16 5.82
CA ILE A 77 -5.22 -3.20 7.29
C ILE A 77 -6.64 -3.02 7.82
N ASP A 78 -7.31 -1.98 7.32
CA ASP A 78 -8.67 -1.65 7.74
C ASP A 78 -9.64 -2.81 7.49
N VAL A 79 -9.47 -3.47 6.35
CA VAL A 79 -10.31 -4.61 6.00
C VAL A 79 -10.10 -5.76 6.99
N ALA A 80 -8.84 -6.13 7.22
CA ALA A 80 -8.52 -7.21 8.14
C ALA A 80 -8.86 -6.82 9.58
N MET A 81 -8.72 -5.53 9.89
CA MET A 81 -9.08 -4.99 11.18
C MET A 81 -10.55 -5.22 11.50
N SER A 82 -11.36 -5.33 10.44
CA SER A 82 -12.79 -5.55 10.59
C SER A 82 -13.09 -7.05 10.68
N GLY A 83 -12.05 -7.86 10.75
CA GLY A 83 -12.21 -9.30 10.91
C GLY A 83 -12.44 -10.00 9.58
N GLN A 84 -11.96 -9.40 8.51
CA GLN A 84 -12.11 -9.98 7.19
C GLN A 84 -10.83 -10.67 6.74
N PRO A 85 -10.95 -11.74 5.95
CA PRO A 85 -9.80 -12.49 5.45
C PRO A 85 -9.09 -11.78 4.30
N LEU A 86 -7.80 -12.05 4.15
CA LEU A 86 -7.00 -11.42 3.12
C LEU A 86 -6.91 -12.31 1.88
N PRO A 87 -6.89 -11.70 0.69
CA PRO A 87 -6.78 -12.43 -0.56
C PRO A 87 -5.34 -12.80 -0.90
N PRO A 88 -5.15 -13.87 -1.69
CA PRO A 88 -3.82 -14.29 -2.16
C PRO A 88 -3.32 -13.36 -3.25
N VAL A 89 -4.24 -12.85 -4.03
CA VAL A 89 -3.94 -11.90 -5.10
C VAL A 89 -4.88 -10.71 -5.00
N LEU A 90 -4.39 -9.55 -5.39
CA LEU A 90 -5.17 -8.33 -5.31
C LEU A 90 -5.68 -7.95 -6.71
N PRO A 91 -6.92 -7.44 -6.79
CA PRO A 91 -7.49 -6.95 -8.06
C PRO A 91 -6.83 -5.64 -8.51
N PRO A 92 -6.82 -5.39 -9.84
CA PRO A 92 -6.19 -4.20 -10.43
C PRO A 92 -6.76 -2.87 -9.91
N GLU A 93 -8.04 -2.87 -9.55
CA GLU A 93 -8.71 -1.67 -9.07
C GLU A 93 -8.06 -1.13 -7.80
N TYR A 94 -7.46 -2.02 -7.01
CA TYR A 94 -6.85 -1.63 -5.76
C TYR A 94 -5.36 -1.34 -5.96
N ILE A 95 -4.87 -1.58 -7.16
CA ILE A 95 -3.45 -1.41 -7.45
C ILE A 95 -3.17 0.00 -7.94
N PRO A 96 -2.21 0.70 -7.31
CA PRO A 96 -1.80 2.05 -7.71
C PRO A 96 -1.23 2.08 -9.13
N PRO A 97 -1.24 3.26 -9.77
CA PRO A 97 -0.76 3.42 -11.14
C PRO A 97 0.75 3.23 -11.27
N SER A 98 1.24 3.27 -12.50
CA SER A 98 2.67 3.12 -12.81
C SER A 98 3.15 1.69 -12.56
N PHE A 99 3.14 1.24 -11.30
CA PHE A 99 3.70 -0.06 -10.91
C PHE A 99 2.96 -1.23 -11.56
N ARG A 100 1.83 -0.95 -12.18
CA ARG A 100 1.03 -1.96 -12.84
C ARG A 100 1.78 -2.58 -14.01
N ARG A 101 2.66 -1.80 -14.64
CA ARG A 101 3.32 -2.24 -15.87
C ARG A 101 4.82 -1.93 -15.85
N VAL A 102 5.41 -1.85 -14.67
CA VAL A 102 6.84 -1.55 -14.56
C VAL A 102 7.70 -2.78 -14.74
N ARG A 103 7.07 -3.89 -15.06
CA ARG A 103 7.77 -5.14 -15.32
C ARG A 103 8.07 -5.27 -16.81
N LEU A 104 9.27 -5.71 -17.13
CA LEU A 104 9.73 -5.81 -18.52
C LEU A 104 10.79 -6.89 -18.67
N GLU A 105 10.40 -8.14 -18.52
CA GLU A 105 11.33 -9.23 -18.68
C GLU A 105 11.53 -9.55 -20.17
N HIS A 106 12.43 -8.81 -20.78
CA HIS A 106 12.76 -9.01 -22.18
C HIS A 106 14.23 -9.42 -22.30
N HIS A 107 14.77 -9.90 -21.19
CA HIS A 107 16.19 -10.25 -21.12
C HIS A 107 16.35 -11.74 -20.91
N HIS A 108 17.36 -12.30 -21.56
CA HIS A 108 17.83 -13.64 -21.23
C HIS A 108 19.26 -13.53 -20.71
N HIS A 109 19.39 -12.87 -19.57
CA HIS A 109 20.67 -12.44 -19.04
C HIS A 109 21.60 -13.62 -18.73
N HIS A 110 21.04 -14.68 -18.16
CA HIS A 110 21.85 -15.81 -17.75
C HIS A 110 21.63 -17.01 -18.66
N HIS A 111 22.64 -17.34 -19.44
CA HIS A 111 22.64 -18.55 -20.24
C HIS A 111 23.00 -19.74 -19.36
N PRO A 1 -10.58 -0.32 -15.93
CA PRO A 1 -10.11 0.77 -15.05
C PRO A 1 -10.89 2.06 -15.31
N PRO A 2 -11.91 2.33 -14.48
CA PRO A 2 -12.76 3.51 -14.64
C PRO A 2 -12.15 4.77 -14.06
N VAL A 3 -11.60 5.61 -14.94
CA VAL A 3 -11.03 6.91 -14.58
C VAL A 3 -9.95 6.78 -13.49
N ALA A 4 -9.45 7.90 -13.00
CA ALA A 4 -8.47 7.90 -11.92
C ALA A 4 -9.17 7.77 -10.57
N GLU A 5 -9.93 6.70 -10.41
CA GLU A 5 -10.63 6.46 -9.15
C GLU A 5 -9.95 5.32 -8.39
N TRP A 6 -9.89 5.46 -7.08
CA TRP A 6 -9.23 4.50 -6.23
C TRP A 6 -10.26 3.80 -5.37
N ALA A 7 -10.17 2.48 -5.27
CA ALA A 7 -11.16 1.70 -4.52
C ALA A 7 -11.27 2.14 -3.07
N VAL A 8 -10.19 2.67 -2.52
CA VAL A 8 -10.21 3.21 -1.17
C VAL A 8 -10.89 4.59 -1.17
N PRO A 9 -11.91 4.77 -0.30
CA PRO A 9 -12.68 6.02 -0.21
C PRO A 9 -11.81 7.26 -0.08
N GLN A 10 -12.30 8.36 -0.63
CA GLN A 10 -11.56 9.62 -0.68
C GLN A 10 -11.18 10.10 0.72
N SER A 11 -12.15 10.07 1.64
CA SER A 11 -11.91 10.51 3.00
C SER A 11 -10.85 9.65 3.67
N SER A 12 -10.81 8.37 3.32
CA SER A 12 -9.81 7.45 3.86
C SER A 12 -8.44 7.78 3.27
N ARG A 13 -8.42 8.08 1.97
CA ARG A 13 -7.17 8.41 1.28
C ARG A 13 -6.53 9.64 1.91
N LEU A 14 -7.35 10.60 2.31
CA LEU A 14 -6.87 11.81 2.95
C LEU A 14 -6.14 11.49 4.26
N LYS A 15 -6.77 10.67 5.09
CA LYS A 15 -6.21 10.34 6.39
C LYS A 15 -4.89 9.60 6.27
N TYR A 16 -4.80 8.66 5.34
CA TYR A 16 -3.58 7.89 5.19
C TYR A 16 -2.52 8.67 4.42
N ARG A 17 -2.95 9.71 3.70
CA ARG A 17 -2.00 10.61 3.07
C ARG A 17 -1.38 11.50 4.13
N GLN A 18 -2.14 11.70 5.20
CA GLN A 18 -1.72 12.51 6.34
C GLN A 18 -0.73 11.77 7.22
N LEU A 19 -0.69 10.48 7.03
CA LEU A 19 0.01 9.57 7.94
C LEU A 19 0.37 8.32 7.21
N PHE A 20 0.86 8.38 5.99
CA PHE A 20 2.08 9.08 5.54
C PHE A 20 2.43 10.46 6.14
N ASN A 21 1.88 11.55 5.59
CA ASN A 21 2.57 12.87 5.58
C ASN A 21 3.17 13.31 6.92
N SER A 22 2.46 13.15 8.02
CA SER A 22 2.95 13.58 9.32
C SER A 22 4.27 12.88 9.70
N HIS A 23 4.51 11.71 9.10
CA HIS A 23 5.70 10.93 9.41
C HIS A 23 6.76 11.05 8.31
N ASP A 24 6.54 11.98 7.38
CA ASP A 24 7.54 12.26 6.36
C ASP A 24 8.14 13.63 6.60
N LYS A 25 9.43 13.75 6.34
CA LYS A 25 10.15 14.99 6.52
C LYS A 25 10.14 15.77 5.21
N THR A 26 9.67 15.12 4.16
CA THR A 26 9.60 15.74 2.85
C THR A 26 8.19 16.27 2.59
N MET A 27 7.30 15.36 2.20
CA MET A 27 5.90 15.69 1.86
C MET A 27 5.22 14.45 1.32
N SER A 28 5.96 13.69 0.53
CA SER A 28 5.45 12.49 -0.11
C SER A 28 6.61 11.68 -0.67
N GLY A 29 7.73 11.68 0.04
CA GLY A 29 8.96 11.12 -0.50
C GLY A 29 9.23 9.69 -0.05
N HIS A 30 8.17 8.88 -0.01
CA HIS A 30 8.22 7.45 0.40
C HIS A 30 8.85 7.22 1.78
N LEU A 31 8.50 6.09 2.37
CA LEU A 31 9.12 5.65 3.61
C LEU A 31 9.86 4.35 3.36
N THR A 32 10.87 4.07 4.18
CA THR A 32 11.66 2.86 4.01
C THR A 32 10.96 1.66 4.65
N GLY A 33 11.51 0.48 4.42
CA GLY A 33 10.90 -0.75 4.91
C GLY A 33 10.64 -0.74 6.40
N PRO A 34 11.69 -0.68 7.24
CA PRO A 34 11.55 -0.67 8.69
C PRO A 34 10.67 0.48 9.18
N GLN A 35 10.82 1.66 8.58
CA GLN A 35 10.06 2.82 8.99
C GLN A 35 8.57 2.62 8.72
N ALA A 36 8.25 2.09 7.55
CA ALA A 36 6.88 1.77 7.19
C ALA A 36 6.30 0.73 8.16
N ARG A 37 7.07 -0.33 8.38
CA ARG A 37 6.65 -1.43 9.26
C ARG A 37 6.52 -0.98 10.71
N THR A 38 7.30 0.00 11.10
CA THR A 38 7.22 0.56 12.45
C THR A 38 5.83 1.14 12.71
N ILE A 39 5.29 1.84 11.71
CA ILE A 39 3.94 2.39 11.81
C ILE A 39 2.92 1.26 11.71
N LEU A 40 3.21 0.31 10.85
CA LEU A 40 2.35 -0.86 10.65
C LEU A 40 2.20 -1.66 11.95
N MET A 41 3.31 -1.78 12.69
CA MET A 41 3.36 -2.52 13.94
C MET A 41 2.42 -1.89 14.99
N GLN A 42 2.12 -0.61 14.82
CA GLN A 42 1.26 0.09 15.77
C GLN A 42 -0.19 -0.35 15.63
N SER A 43 -0.48 -1.10 14.59
CA SER A 43 -1.81 -1.65 14.38
C SER A 43 -1.97 -2.95 15.18
N SER A 44 -0.86 -3.48 15.68
CA SER A 44 -0.85 -4.67 16.53
C SER A 44 -1.33 -5.90 15.75
N LEU A 45 -1.18 -5.87 14.43
CA LEU A 45 -1.57 -7.01 13.59
C LEU A 45 -0.50 -8.10 13.63
N PRO A 46 -0.90 -9.36 13.45
CA PRO A 46 0.04 -10.47 13.42
C PRO A 46 0.87 -10.50 12.13
N GLN A 47 2.05 -11.09 12.20
CA GLN A 47 2.99 -11.08 11.07
C GLN A 47 2.41 -11.83 9.87
N ALA A 48 1.50 -12.76 10.11
CA ALA A 48 0.85 -13.49 9.03
C ALA A 48 0.05 -12.54 8.15
N GLN A 49 -0.75 -11.68 8.76
CA GLN A 49 -1.55 -10.71 8.02
C GLN A 49 -0.66 -9.60 7.47
N LEU A 50 0.34 -9.18 8.27
CA LEU A 50 1.25 -8.12 7.88
C LEU A 50 2.03 -8.50 6.62
N ALA A 51 2.49 -9.74 6.54
CA ALA A 51 3.24 -10.20 5.38
C ALA A 51 2.37 -10.17 4.14
N SER A 52 1.08 -10.43 4.31
CA SER A 52 0.14 -10.43 3.20
C SER A 52 -0.14 -8.99 2.76
N ILE A 53 -0.42 -8.12 3.73
CA ILE A 53 -0.70 -6.71 3.44
C ILE A 53 0.49 -6.04 2.77
N TRP A 54 1.68 -6.23 3.34
CA TRP A 54 2.89 -5.64 2.78
C TRP A 54 3.10 -6.13 1.35
N ASN A 55 2.98 -7.43 1.17
CA ASN A 55 3.16 -8.05 -0.14
C ASN A 55 2.16 -7.48 -1.15
N LEU A 56 0.97 -7.14 -0.66
CA LEU A 56 -0.05 -6.51 -1.48
C LEU A 56 0.28 -5.04 -1.76
N SER A 57 0.81 -4.35 -0.75
CA SER A 57 1.06 -2.92 -0.85
C SER A 57 2.32 -2.61 -1.66
N ASP A 58 3.34 -3.43 -1.51
CA ASP A 58 4.62 -3.23 -2.19
C ASP A 58 4.46 -3.49 -3.68
N ILE A 59 4.58 -2.45 -4.48
CA ILE A 59 4.43 -2.58 -5.92
C ILE A 59 5.76 -2.42 -6.64
N ASP A 60 6.46 -1.33 -6.36
CA ASP A 60 7.59 -0.92 -7.19
C ASP A 60 8.92 -0.94 -6.43
N GLN A 61 8.86 -0.85 -5.11
CA GLN A 61 10.07 -0.57 -4.35
C GLN A 61 10.76 -1.81 -3.79
N ASP A 62 10.00 -2.90 -3.64
CA ASP A 62 10.56 -4.19 -3.21
C ASP A 62 11.04 -4.12 -1.75
N GLY A 63 10.63 -3.08 -1.05
CA GLY A 63 10.96 -2.99 0.35
C GLY A 63 10.81 -1.59 0.90
N LYS A 64 9.90 -0.82 0.31
CA LYS A 64 9.63 0.54 0.76
C LYS A 64 8.16 0.84 0.49
N LEU A 65 7.62 1.85 1.16
CA LEU A 65 6.24 2.25 0.93
C LEU A 65 6.15 3.72 0.58
N THR A 66 5.68 4.02 -0.63
CA THR A 66 5.40 5.40 -1.01
C THR A 66 4.12 5.86 -0.33
N ALA A 67 3.67 7.06 -0.63
CA ALA A 67 2.42 7.55 -0.06
C ALA A 67 1.25 6.74 -0.61
N GLU A 68 1.32 6.46 -1.90
CA GLU A 68 0.29 5.68 -2.57
C GLU A 68 0.25 4.25 -2.03
N GLU A 69 1.42 3.67 -1.82
CA GLU A 69 1.50 2.29 -1.35
C GLU A 69 1.11 2.21 0.13
N PHE A 70 1.43 3.25 0.87
CA PHE A 70 1.09 3.33 2.28
C PHE A 70 -0.43 3.39 2.48
N ILE A 71 -1.09 4.24 1.68
CA ILE A 71 -2.55 4.37 1.75
C ILE A 71 -3.22 3.02 1.51
N LEU A 72 -2.74 2.31 0.50
CA LEU A 72 -3.25 0.98 0.20
C LEU A 72 -3.03 0.04 1.38
N ALA A 73 -1.84 0.10 1.95
CA ALA A 73 -1.48 -0.76 3.09
C ALA A 73 -2.42 -0.55 4.26
N MET A 74 -2.60 0.70 4.69
CA MET A 74 -3.45 0.99 5.84
C MET A 74 -4.91 0.70 5.55
N HIS A 75 -5.31 0.77 4.28
CA HIS A 75 -6.68 0.43 3.93
C HIS A 75 -6.88 -1.07 4.08
N LEU A 76 -5.85 -1.84 3.74
CA LEU A 76 -5.89 -3.28 3.94
C LEU A 76 -5.88 -3.58 5.44
N ILE A 77 -5.13 -2.78 6.18
CA ILE A 77 -5.09 -2.87 7.63
C ILE A 77 -6.46 -2.60 8.22
N ASP A 78 -7.10 -1.55 7.75
CA ASP A 78 -8.45 -1.16 8.21
C ASP A 78 -9.44 -2.31 8.03
N VAL A 79 -9.29 -3.02 6.91
CA VAL A 79 -10.13 -4.18 6.62
C VAL A 79 -9.77 -5.36 7.54
N ALA A 80 -8.47 -5.60 7.70
CA ALA A 80 -8.00 -6.68 8.57
C ALA A 80 -8.34 -6.41 10.02
N MET A 81 -8.31 -5.14 10.40
CA MET A 81 -8.66 -4.70 11.74
C MET A 81 -10.08 -5.13 12.10
N SER A 82 -10.98 -5.04 11.13
CA SER A 82 -12.36 -5.43 11.32
C SER A 82 -12.47 -6.94 11.49
N GLY A 83 -11.55 -7.67 10.88
CA GLY A 83 -11.60 -9.12 10.92
C GLY A 83 -11.98 -9.70 9.58
N GLN A 84 -12.01 -8.84 8.57
CA GLN A 84 -12.34 -9.24 7.22
C GLN A 84 -11.17 -9.97 6.57
N PRO A 85 -11.46 -10.97 5.73
CA PRO A 85 -10.42 -11.72 5.02
C PRO A 85 -9.73 -10.88 3.96
N LEU A 86 -8.42 -11.04 3.87
CA LEU A 86 -7.63 -10.32 2.88
C LEU A 86 -7.61 -11.09 1.57
N PRO A 87 -7.61 -10.41 0.42
CA PRO A 87 -7.59 -11.06 -0.89
C PRO A 87 -6.24 -11.70 -1.20
N PRO A 88 -6.23 -12.74 -2.04
CA PRO A 88 -5.00 -13.35 -2.54
C PRO A 88 -4.40 -12.52 -3.67
N VAL A 89 -5.28 -11.95 -4.48
CA VAL A 89 -4.89 -11.10 -5.58
C VAL A 89 -5.37 -9.69 -5.33
N LEU A 90 -4.80 -8.72 -6.04
CA LEU A 90 -5.25 -7.35 -5.92
C LEU A 90 -5.75 -6.86 -7.27
N PRO A 91 -6.86 -6.12 -7.28
CA PRO A 91 -7.42 -5.52 -8.48
C PRO A 91 -6.74 -4.19 -8.83
N PRO A 92 -6.76 -3.80 -10.12
CA PRO A 92 -6.12 -2.56 -10.60
C PRO A 92 -6.78 -1.29 -10.06
N GLU A 93 -7.96 -1.43 -9.48
CA GLU A 93 -8.65 -0.31 -8.85
C GLU A 93 -8.15 -0.10 -7.42
N TYR A 94 -7.45 -1.11 -6.89
CA TYR A 94 -6.81 -0.97 -5.58
C TYR A 94 -5.36 -0.57 -5.77
N ILE A 95 -4.81 -0.89 -6.93
CA ILE A 95 -3.45 -0.52 -7.27
C ILE A 95 -3.38 0.98 -7.53
N PRO A 96 -2.42 1.68 -6.89
CA PRO A 96 -2.27 3.13 -7.03
C PRO A 96 -2.12 3.58 -8.48
N PRO A 97 -2.51 4.83 -8.78
CA PRO A 97 -2.41 5.41 -10.13
C PRO A 97 -0.99 5.32 -10.68
N SER A 98 -0.88 5.21 -12.00
CA SER A 98 0.40 5.08 -12.70
C SER A 98 1.00 3.68 -12.55
N PHE A 99 0.66 3.00 -11.44
CA PHE A 99 1.14 1.65 -11.21
C PHE A 99 0.12 0.64 -11.74
N ARG A 100 -1.09 1.11 -12.01
CA ARG A 100 -2.18 0.26 -12.52
C ARG A 100 -1.75 -0.43 -13.81
N ARG A 101 -1.07 0.31 -14.67
CA ARG A 101 -0.37 -0.28 -15.80
C ARG A 101 0.97 0.43 -15.98
N VAL A 102 1.92 0.10 -15.12
CA VAL A 102 3.21 0.80 -15.09
C VAL A 102 4.19 0.19 -16.09
N ARG A 103 3.69 -0.79 -16.84
CA ARG A 103 4.48 -1.48 -17.87
C ARG A 103 5.77 -2.06 -17.28
N LEU A 104 5.72 -3.35 -16.93
CA LEU A 104 6.85 -3.98 -16.28
C LEU A 104 7.92 -4.39 -17.28
N GLU A 105 9.17 -4.15 -16.92
CA GLU A 105 10.32 -4.55 -17.71
C GLU A 105 11.52 -4.80 -16.81
N HIS A 106 11.92 -6.06 -16.70
CA HIS A 106 13.07 -6.41 -15.87
C HIS A 106 13.77 -7.63 -16.46
N HIS A 107 14.96 -7.42 -17.00
CA HIS A 107 15.74 -8.49 -17.58
C HIS A 107 16.86 -8.88 -16.62
N HIS A 108 17.44 -7.89 -15.98
CA HIS A 108 18.45 -8.11 -14.98
C HIS A 108 18.18 -7.23 -13.77
N HIS A 109 17.40 -7.76 -12.83
CA HIS A 109 17.04 -7.05 -11.60
C HIS A 109 18.28 -6.69 -10.80
N HIS A 110 18.71 -5.44 -10.95
CA HIS A 110 19.91 -4.89 -10.29
C HIS A 110 21.14 -5.77 -10.53
N HIS A 111 21.34 -6.77 -9.68
CA HIS A 111 22.43 -7.72 -9.86
C HIS A 111 22.00 -9.10 -9.37
N PRO A 1 -12.86 0.35 -21.81
CA PRO A 1 -11.85 -0.07 -20.83
C PRO A 1 -12.37 0.15 -19.43
N PRO A 2 -11.83 -0.57 -18.43
CA PRO A 2 -12.18 -0.36 -17.02
C PRO A 2 -11.93 1.07 -16.59
N VAL A 3 -12.79 1.59 -15.73
CA VAL A 3 -12.69 2.95 -15.27
C VAL A 3 -11.46 3.14 -14.38
N ALA A 4 -10.65 4.14 -14.71
CA ALA A 4 -9.49 4.47 -13.89
C ALA A 4 -9.94 5.08 -12.57
N GLU A 5 -9.99 4.26 -11.54
CA GLU A 5 -10.52 4.66 -10.25
C GLU A 5 -9.80 3.92 -9.13
N TRP A 6 -9.87 4.45 -7.92
CA TRP A 6 -9.18 3.84 -6.79
C TRP A 6 -10.19 3.55 -5.67
N ALA A 7 -10.32 2.28 -5.33
CA ALA A 7 -11.36 1.81 -4.40
C ALA A 7 -11.03 2.12 -2.94
N VAL A 8 -10.52 3.31 -2.69
CA VAL A 8 -10.33 3.80 -1.33
C VAL A 8 -11.01 5.15 -1.17
N PRO A 9 -11.91 5.29 -0.17
CA PRO A 9 -12.66 6.52 0.07
C PRO A 9 -11.74 7.75 0.16
N GLN A 10 -12.26 8.90 -0.25
CA GLN A 10 -11.46 10.12 -0.33
C GLN A 10 -11.02 10.56 1.06
N SER A 11 -11.88 10.38 2.05
CA SER A 11 -11.52 10.72 3.43
C SER A 11 -10.44 9.76 3.94
N SER A 12 -10.56 8.49 3.58
CA SER A 12 -9.60 7.48 3.99
C SER A 12 -8.24 7.70 3.33
N ARG A 13 -8.25 8.01 2.03
CA ARG A 13 -7.01 8.20 1.29
C ARG A 13 -6.22 9.40 1.84
N LEU A 14 -6.94 10.41 2.31
CA LEU A 14 -6.32 11.55 2.96
C LEU A 14 -5.78 11.16 4.32
N LYS A 15 -6.55 10.34 5.02
CA LYS A 15 -6.21 9.86 6.36
C LYS A 15 -4.87 9.13 6.36
N TYR A 16 -4.68 8.21 5.42
CA TYR A 16 -3.44 7.44 5.38
C TYR A 16 -2.33 8.23 4.72
N ARG A 17 -2.67 9.12 3.79
CA ARG A 17 -1.65 9.97 3.16
C ARG A 17 -1.06 10.94 4.17
N GLN A 18 -1.84 11.23 5.20
CA GLN A 18 -1.43 12.09 6.30
C GLN A 18 -0.45 11.39 7.23
N LEU A 19 -0.35 10.09 7.06
CA LEU A 19 0.41 9.23 7.98
C LEU A 19 0.90 8.01 7.27
N PHE A 20 1.33 8.09 6.02
CA PHE A 20 2.48 8.87 5.50
C PHE A 20 2.79 10.26 6.10
N ASN A 21 2.14 11.32 5.63
CA ASN A 21 2.71 12.68 5.66
C ASN A 21 3.28 13.14 7.01
N SER A 22 2.64 12.77 8.11
CA SER A 22 3.13 13.19 9.43
C SER A 22 4.49 12.55 9.75
N HIS A 23 4.75 11.38 9.15
CA HIS A 23 6.01 10.68 9.36
C HIS A 23 7.02 11.08 8.29
N ASP A 24 6.52 11.65 7.21
CA ASP A 24 7.38 12.10 6.12
C ASP A 24 7.91 13.51 6.42
N LYS A 25 9.10 13.81 5.95
CA LYS A 25 9.75 15.06 6.28
C LYS A 25 9.95 15.95 5.06
N THR A 26 9.19 15.67 4.00
CA THR A 26 9.23 16.49 2.78
C THR A 26 7.83 16.66 2.19
N MET A 27 7.31 15.57 1.64
CA MET A 27 6.03 15.56 0.94
C MET A 27 5.75 14.15 0.42
N SER A 28 6.80 13.50 -0.07
CA SER A 28 6.70 12.17 -0.63
C SER A 28 8.10 11.55 -0.73
N GLY A 29 8.85 11.65 0.36
CA GLY A 29 10.22 11.15 0.37
C GLY A 29 10.28 9.66 0.67
N HIS A 30 9.11 9.01 0.57
CA HIS A 30 8.94 7.57 0.79
C HIS A 30 9.34 7.10 2.19
N LEU A 31 8.73 6.02 2.61
CA LEU A 31 9.11 5.36 3.85
C LEU A 31 9.74 4.02 3.51
N THR A 32 10.76 3.63 4.24
CA THR A 32 11.46 2.38 3.96
C THR A 32 10.75 1.20 4.63
N GLY A 33 11.29 0.01 4.38
CA GLY A 33 10.70 -1.22 4.90
C GLY A 33 10.44 -1.16 6.39
N PRO A 34 11.50 -1.06 7.22
CA PRO A 34 11.37 -0.98 8.67
C PRO A 34 10.43 0.13 9.12
N GLN A 35 10.61 1.32 8.57
CA GLN A 35 9.84 2.49 8.97
C GLN A 35 8.34 2.30 8.70
N ALA A 36 8.01 1.98 7.46
CA ALA A 36 6.62 1.80 7.05
C ALA A 36 5.95 0.68 7.83
N ARG A 37 6.65 -0.45 7.96
CA ARG A 37 6.12 -1.63 8.61
C ARG A 37 5.98 -1.42 10.12
N THR A 38 6.84 -0.60 10.70
CA THR A 38 6.75 -0.29 12.13
C THR A 38 5.43 0.40 12.44
N ILE A 39 5.04 1.34 11.58
CA ILE A 39 3.76 2.03 11.72
C ILE A 39 2.62 1.01 11.61
N LEU A 40 2.78 0.10 10.65
CA LEU A 40 1.83 -0.98 10.44
C LEU A 40 1.70 -1.86 11.68
N MET A 41 2.84 -2.20 12.27
CA MET A 41 2.89 -3.07 13.44
C MET A 41 2.26 -2.40 14.66
N GLN A 42 2.42 -1.08 14.76
CA GLN A 42 1.91 -0.33 15.90
C GLN A 42 0.40 -0.16 15.86
N SER A 43 -0.23 -0.71 14.82
CA SER A 43 -1.67 -0.65 14.72
C SER A 43 -2.32 -1.67 15.66
N SER A 44 -2.37 -2.93 15.23
CA SER A 44 -3.00 -4.01 16.00
C SER A 44 -2.71 -5.38 15.38
N LEU A 45 -2.77 -5.42 14.05
CA LEU A 45 -2.73 -6.68 13.32
C LEU A 45 -1.44 -7.46 13.56
N PRO A 46 -1.56 -8.79 13.59
CA PRO A 46 -0.42 -9.70 13.77
C PRO A 46 0.55 -9.67 12.59
N GLN A 47 1.75 -10.17 12.83
CA GLN A 47 2.82 -10.16 11.84
C GLN A 47 2.45 -10.91 10.57
N ALA A 48 1.57 -11.89 10.68
CA ALA A 48 1.11 -12.65 9.51
C ALA A 48 0.36 -11.74 8.55
N GLN A 49 -0.61 -11.01 9.08
CA GLN A 49 -1.39 -10.08 8.29
C GLN A 49 -0.50 -8.94 7.80
N LEU A 50 0.43 -8.52 8.64
CA LEU A 50 1.36 -7.46 8.29
C LEU A 50 2.20 -7.85 7.08
N ALA A 51 2.69 -9.08 7.09
CA ALA A 51 3.46 -9.59 5.96
C ALA A 51 2.59 -9.68 4.71
N SER A 52 1.38 -10.19 4.88
CA SER A 52 0.42 -10.31 3.80
C SER A 52 0.11 -8.94 3.18
N ILE A 53 -0.19 -7.96 4.02
CA ILE A 53 -0.51 -6.62 3.56
C ILE A 53 0.69 -5.95 2.92
N TRP A 54 1.87 -6.12 3.51
CA TRP A 54 3.09 -5.56 2.95
C TRP A 54 3.35 -6.14 1.57
N ASN A 55 3.25 -7.46 1.47
CA ASN A 55 3.49 -8.16 0.22
C ASN A 55 2.53 -7.68 -0.86
N LEU A 56 1.30 -7.39 -0.45
CA LEU A 56 0.27 -6.88 -1.34
C LEU A 56 0.51 -5.41 -1.69
N SER A 57 1.14 -4.68 -0.78
CA SER A 57 1.27 -3.24 -0.90
C SER A 57 2.46 -2.85 -1.79
N ASP A 58 3.63 -3.44 -1.55
CA ASP A 58 4.81 -3.09 -2.32
C ASP A 58 4.78 -3.80 -3.67
N ILE A 59 4.47 -3.05 -4.71
CA ILE A 59 4.31 -3.59 -6.04
C ILE A 59 5.67 -4.01 -6.64
N ASP A 60 6.73 -3.43 -6.13
CA ASP A 60 8.06 -3.66 -6.70
C ASP A 60 8.92 -4.50 -5.73
N GLN A 61 8.29 -4.93 -4.62
CA GLN A 61 8.94 -5.70 -3.56
C GLN A 61 10.31 -5.12 -3.21
N ASP A 62 10.37 -3.80 -3.19
CA ASP A 62 11.62 -3.08 -3.00
C ASP A 62 11.92 -2.87 -1.53
N GLY A 63 10.89 -2.53 -0.78
CA GLY A 63 11.07 -2.15 0.60
C GLY A 63 10.84 -0.68 0.80
N LYS A 64 9.94 -0.12 0.01
CA LYS A 64 9.58 1.28 0.13
C LYS A 64 8.07 1.46 -0.01
N LEU A 65 7.54 2.35 0.81
CA LEU A 65 6.15 2.75 0.69
C LEU A 65 6.06 4.26 0.57
N THR A 66 5.77 4.73 -0.64
CA THR A 66 5.53 6.14 -0.87
C THR A 66 4.12 6.49 -0.43
N ALA A 67 3.69 7.71 -0.72
CA ALA A 67 2.37 8.18 -0.31
C ALA A 67 1.28 7.26 -0.85
N GLU A 68 1.30 7.04 -2.15
CA GLU A 68 0.28 6.23 -2.82
C GLU A 68 0.34 4.77 -2.38
N GLU A 69 1.54 4.28 -2.12
CA GLU A 69 1.72 2.88 -1.77
C GLU A 69 1.26 2.64 -0.32
N PHE A 70 1.58 3.58 0.54
CA PHE A 70 1.25 3.49 1.95
C PHE A 70 -0.27 3.57 2.15
N ILE A 71 -0.94 4.41 1.35
CA ILE A 71 -2.39 4.52 1.40
C ILE A 71 -3.05 3.16 1.19
N LEU A 72 -2.52 2.44 0.21
CA LEU A 72 -3.01 1.09 -0.08
C LEU A 72 -2.80 0.18 1.13
N ALA A 73 -1.60 0.24 1.71
CA ALA A 73 -1.25 -0.60 2.84
C ALA A 73 -2.17 -0.39 4.04
N MET A 74 -2.32 0.87 4.47
CA MET A 74 -3.14 1.15 5.64
C MET A 74 -4.61 0.88 5.38
N HIS A 75 -5.03 0.95 4.12
CA HIS A 75 -6.40 0.63 3.80
C HIS A 75 -6.63 -0.87 3.92
N LEU A 76 -5.61 -1.65 3.56
CA LEU A 76 -5.66 -3.09 3.77
C LEU A 76 -5.69 -3.39 5.26
N ILE A 77 -4.98 -2.57 6.03
CA ILE A 77 -5.03 -2.64 7.49
C ILE A 77 -6.47 -2.47 7.98
N ASP A 78 -7.13 -1.43 7.46
CA ASP A 78 -8.52 -1.13 7.82
C ASP A 78 -9.45 -2.30 7.50
N VAL A 79 -9.19 -2.95 6.37
CA VAL A 79 -9.97 -4.11 5.96
C VAL A 79 -9.80 -5.26 6.96
N ALA A 80 -8.56 -5.53 7.31
CA ALA A 80 -8.25 -6.59 8.28
C ALA A 80 -8.76 -6.21 9.66
N MET A 81 -8.79 -4.91 9.95
CA MET A 81 -9.35 -4.40 11.19
C MET A 81 -10.82 -4.78 11.33
N SER A 82 -11.49 -4.90 10.18
CA SER A 82 -12.90 -5.24 10.15
C SER A 82 -13.09 -6.75 10.31
N GLY A 83 -11.99 -7.47 10.46
CA GLY A 83 -12.06 -8.91 10.64
C GLY A 83 -12.27 -9.64 9.34
N GLN A 84 -11.94 -8.99 8.23
CA GLN A 84 -12.12 -9.59 6.92
C GLN A 84 -10.85 -10.30 6.47
N PRO A 85 -10.99 -11.42 5.75
CA PRO A 85 -9.85 -12.17 5.23
C PRO A 85 -9.18 -11.44 4.06
N LEU A 86 -7.86 -11.39 4.10
CA LEU A 86 -7.10 -10.73 3.05
C LEU A 86 -6.98 -11.63 1.81
N PRO A 87 -6.97 -11.03 0.62
CA PRO A 87 -6.83 -11.78 -0.63
C PRO A 87 -5.38 -12.05 -0.97
N PRO A 88 -5.12 -13.14 -1.72
CA PRO A 88 -3.78 -13.46 -2.21
C PRO A 88 -3.47 -12.76 -3.52
N VAL A 89 -4.49 -12.11 -4.07
CA VAL A 89 -4.36 -11.33 -5.28
C VAL A 89 -5.04 -9.99 -5.07
N LEU A 90 -4.57 -8.96 -5.75
CA LEU A 90 -5.16 -7.65 -5.60
C LEU A 90 -6.03 -7.32 -6.81
N PRO A 91 -7.19 -6.68 -6.58
CA PRO A 91 -8.05 -6.19 -7.66
C PRO A 91 -7.48 -4.96 -8.34
N PRO A 92 -7.83 -4.72 -9.62
CA PRO A 92 -7.33 -3.57 -10.37
C PRO A 92 -7.83 -2.25 -9.79
N GLU A 93 -8.98 -2.30 -9.11
CA GLU A 93 -9.59 -1.12 -8.51
C GLU A 93 -8.73 -0.58 -7.36
N TYR A 94 -7.79 -1.36 -6.89
CA TYR A 94 -6.93 -0.93 -5.80
C TYR A 94 -5.52 -0.61 -6.30
N ILE A 95 -5.34 -0.60 -7.60
CA ILE A 95 -4.05 -0.30 -8.20
C ILE A 95 -3.96 1.18 -8.59
N PRO A 96 -3.05 1.92 -7.94
CA PRO A 96 -2.88 3.36 -8.19
C PRO A 96 -2.40 3.66 -9.61
N PRO A 97 -2.70 4.86 -10.11
CA PRO A 97 -2.27 5.30 -11.45
C PRO A 97 -0.75 5.32 -11.58
N SER A 98 -0.28 5.29 -12.83
CA SER A 98 1.16 5.28 -13.14
C SER A 98 1.79 3.92 -12.80
N PHE A 99 1.55 3.44 -11.59
CA PHE A 99 2.10 2.17 -11.14
C PHE A 99 1.42 0.99 -11.83
N ARG A 100 0.39 1.28 -12.61
CA ARG A 100 -0.30 0.26 -13.40
C ARG A 100 0.63 -0.30 -14.47
N ARG A 101 1.63 0.50 -14.84
CA ARG A 101 2.65 0.07 -15.77
C ARG A 101 3.98 0.71 -15.41
N VAL A 102 4.86 -0.06 -14.78
CA VAL A 102 6.14 0.47 -14.32
C VAL A 102 7.24 0.14 -15.32
N ARG A 103 6.85 -0.26 -16.52
CA ARG A 103 7.81 -0.59 -17.56
C ARG A 103 8.35 0.68 -18.21
N LEU A 104 9.25 1.35 -17.50
CA LEU A 104 9.95 2.51 -18.03
C LEU A 104 11.44 2.29 -17.88
N GLU A 105 11.84 1.02 -17.87
CA GLU A 105 13.23 0.65 -17.66
C GLU A 105 14.03 0.78 -18.95
N HIS A 106 14.14 2.01 -19.43
CA HIS A 106 14.97 2.33 -20.57
C HIS A 106 15.74 3.61 -20.26
N HIS A 107 16.96 3.45 -19.78
CA HIS A 107 17.78 4.58 -19.43
C HIS A 107 19.00 4.65 -20.34
N HIS A 108 18.91 5.47 -21.35
CA HIS A 108 20.02 5.68 -22.26
C HIS A 108 20.38 7.16 -22.26
N HIS A 109 21.24 7.55 -21.33
CA HIS A 109 21.57 8.95 -21.16
C HIS A 109 23.04 9.13 -20.79
N HIS A 110 23.87 9.26 -21.81
CA HIS A 110 25.24 9.69 -21.62
C HIS A 110 25.36 11.07 -22.26
N HIS A 111 24.32 11.43 -22.98
CA HIS A 111 24.18 12.71 -23.61
C HIS A 111 22.70 13.05 -23.73
N PRO A 1 -10.64 18.45 -12.63
CA PRO A 1 -9.88 17.90 -11.48
C PRO A 1 -9.13 16.64 -11.90
N PRO A 2 -8.07 16.27 -11.17
CA PRO A 2 -7.30 15.05 -11.46
C PRO A 2 -8.17 13.79 -11.35
N VAL A 3 -8.27 13.05 -12.44
CA VAL A 3 -9.08 11.85 -12.48
C VAL A 3 -8.22 10.61 -12.34
N ALA A 4 -8.28 9.98 -11.18
CA ALA A 4 -7.56 8.76 -10.93
C ALA A 4 -8.52 7.66 -10.53
N GLU A 5 -8.63 6.64 -11.37
CA GLU A 5 -9.56 5.54 -11.10
C GLU A 5 -8.94 4.54 -10.13
N TRP A 6 -9.29 4.69 -8.87
CA TRP A 6 -8.78 3.83 -7.82
C TRP A 6 -9.85 3.66 -6.74
N ALA A 7 -10.29 2.42 -6.54
CA ALA A 7 -11.40 2.15 -5.63
C ALA A 7 -10.92 2.03 -4.19
N VAL A 8 -10.52 3.15 -3.62
CA VAL A 8 -10.20 3.22 -2.21
C VAL A 8 -10.83 4.47 -1.59
N PRO A 9 -11.75 4.26 -0.63
CA PRO A 9 -12.41 5.34 0.10
C PRO A 9 -11.49 6.51 0.42
N GLN A 10 -11.95 7.71 0.10
CA GLN A 10 -11.20 8.94 0.31
C GLN A 10 -10.75 9.08 1.76
N SER A 11 -11.55 8.53 2.68
CA SER A 11 -11.23 8.53 4.09
C SER A 11 -9.86 7.89 4.36
N SER A 12 -9.60 6.78 3.68
CA SER A 12 -8.36 6.04 3.85
C SER A 12 -7.16 6.83 3.29
N ARG A 13 -7.35 7.41 2.10
CA ARG A 13 -6.25 8.07 1.41
C ARG A 13 -5.95 9.44 2.01
N LEU A 14 -6.97 10.12 2.51
CA LEU A 14 -6.78 11.39 3.21
C LEU A 14 -6.00 11.18 4.50
N LYS A 15 -6.27 10.06 5.16
CA LYS A 15 -5.58 9.70 6.39
C LYS A 15 -4.12 9.41 6.12
N TYR A 16 -3.84 8.68 5.05
CA TYR A 16 -2.45 8.38 4.70
C TYR A 16 -1.72 9.61 4.18
N ARG A 17 -2.40 10.52 3.51
CA ARG A 17 -1.74 11.73 3.04
C ARG A 17 -1.15 12.47 4.24
N GLN A 18 -1.73 12.19 5.38
CA GLN A 18 -1.34 12.74 6.68
C GLN A 18 -0.18 11.98 7.32
N LEU A 19 0.11 10.81 6.78
CA LEU A 19 1.06 9.85 7.36
C LEU A 19 1.60 8.92 6.30
N PHE A 20 1.94 9.40 5.13
CA PHE A 20 2.94 10.44 4.83
C PHE A 20 3.09 11.66 5.76
N ASN A 21 2.23 12.66 5.64
CA ASN A 21 2.59 14.05 6.00
C ASN A 21 3.29 14.22 7.35
N SER A 22 2.80 13.59 8.41
CA SER A 22 3.41 13.74 9.73
C SER A 22 4.85 13.22 9.76
N HIS A 23 5.18 12.30 8.87
CA HIS A 23 6.55 11.78 8.76
C HIS A 23 7.31 12.50 7.67
N ASP A 24 6.65 12.68 6.53
CA ASP A 24 7.30 13.25 5.35
C ASP A 24 7.66 14.71 5.56
N LYS A 25 8.93 15.02 5.35
CA LYS A 25 9.43 16.38 5.53
C LYS A 25 10.48 16.69 4.48
N THR A 26 10.40 16.01 3.36
CA THR A 26 11.30 16.21 2.25
C THR A 26 10.69 15.60 1.01
N MET A 27 11.47 15.42 -0.04
CA MET A 27 10.96 14.80 -1.26
C MET A 27 11.18 13.29 -1.18
N SER A 28 10.38 12.65 -0.36
CA SER A 28 10.51 11.22 -0.13
C SER A 28 9.88 10.41 -1.27
N GLY A 29 8.57 10.58 -1.45
CA GLY A 29 7.86 9.84 -2.48
C GLY A 29 7.47 8.44 -2.00
N HIS A 30 8.29 7.90 -1.11
CA HIS A 30 8.05 6.58 -0.54
C HIS A 30 8.75 6.46 0.80
N LEU A 31 8.18 5.64 1.68
CA LEU A 31 8.78 5.41 2.99
C LEU A 31 9.54 4.09 2.99
N THR A 32 10.37 3.87 4.00
CA THR A 32 11.21 2.69 4.05
C THR A 32 10.46 1.53 4.71
N GLY A 33 11.01 0.34 4.55
CA GLY A 33 10.44 -0.86 5.13
C GLY A 33 10.12 -0.72 6.60
N PRO A 34 11.14 -0.52 7.46
CA PRO A 34 10.94 -0.37 8.91
C PRO A 34 9.90 0.71 9.24
N GLN A 35 10.00 1.87 8.59
CA GLN A 35 9.05 2.96 8.83
C GLN A 35 7.62 2.52 8.55
N ALA A 36 7.41 1.99 7.34
CA ALA A 36 6.10 1.50 6.92
C ALA A 36 5.60 0.43 7.87
N ARG A 37 6.46 -0.55 8.16
CA ARG A 37 6.09 -1.68 9.00
C ARG A 37 5.78 -1.26 10.44
N THR A 38 6.49 -0.24 10.91
CA THR A 38 6.26 0.26 12.26
C THR A 38 4.84 0.78 12.41
N ILE A 39 4.36 1.50 11.40
CA ILE A 39 3.01 2.03 11.41
C ILE A 39 2.00 0.90 11.21
N LEU A 40 2.36 -0.05 10.36
CA LEU A 40 1.53 -1.22 10.07
C LEU A 40 1.24 -2.01 11.35
N MET A 41 2.25 -2.19 12.18
CA MET A 41 2.14 -3.01 13.38
C MET A 41 1.25 -2.37 14.44
N GLN A 42 1.01 -1.07 14.33
CA GLN A 42 0.26 -0.33 15.35
C GLN A 42 -1.23 -0.65 15.29
N SER A 43 -1.62 -1.49 14.33
CA SER A 43 -3.00 -1.92 14.19
C SER A 43 -3.32 -3.02 15.19
N SER A 44 -2.26 -3.64 15.73
CA SER A 44 -2.36 -4.75 16.66
C SER A 44 -2.89 -6.01 15.97
N LEU A 45 -2.84 -6.00 14.64
CA LEU A 45 -3.19 -7.16 13.85
C LEU A 45 -2.02 -8.16 13.87
N PRO A 46 -2.31 -9.45 13.68
CA PRO A 46 -1.27 -10.48 13.71
C PRO A 46 -0.27 -10.33 12.58
N GLN A 47 0.99 -10.67 12.85
CA GLN A 47 2.07 -10.53 11.88
C GLN A 47 1.78 -11.33 10.60
N ALA A 48 1.03 -12.42 10.76
CA ALA A 48 0.65 -13.24 9.61
C ALA A 48 -0.12 -12.41 8.59
N GLN A 49 -1.07 -11.62 9.06
CA GLN A 49 -1.84 -10.75 8.18
C GLN A 49 -0.98 -9.59 7.71
N LEU A 50 -0.13 -9.10 8.59
CA LEU A 50 0.73 -7.97 8.29
C LEU A 50 1.68 -8.29 7.13
N ALA A 51 2.26 -9.47 7.13
CA ALA A 51 3.15 -9.90 6.05
C ALA A 51 2.37 -10.02 4.74
N SER A 52 1.14 -10.50 4.83
CA SER A 52 0.28 -10.61 3.66
C SER A 52 -0.07 -9.22 3.14
N ILE A 53 -0.38 -8.30 4.05
CA ILE A 53 -0.66 -6.92 3.69
C ILE A 53 0.55 -6.30 3.00
N TRP A 54 1.73 -6.49 3.58
CA TRP A 54 2.95 -5.94 3.02
C TRP A 54 3.19 -6.49 1.61
N ASN A 55 3.10 -7.80 1.48
CA ASN A 55 3.35 -8.45 0.19
C ASN A 55 2.35 -7.96 -0.85
N LEU A 56 1.15 -7.63 -0.39
CA LEU A 56 0.11 -7.06 -1.24
C LEU A 56 0.41 -5.59 -1.55
N SER A 57 0.93 -4.86 -0.58
CA SER A 57 1.13 -3.42 -0.71
C SER A 57 2.37 -3.10 -1.54
N ASP A 58 3.46 -3.82 -1.32
CA ASP A 58 4.70 -3.57 -2.06
C ASP A 58 4.65 -4.32 -3.39
N ILE A 59 4.35 -3.59 -4.47
CA ILE A 59 4.23 -4.18 -5.79
C ILE A 59 5.60 -4.55 -6.34
N ASP A 60 6.54 -3.64 -6.22
CA ASP A 60 7.86 -3.81 -6.81
C ASP A 60 8.69 -4.78 -5.97
N GLN A 61 8.37 -4.83 -4.68
CA GLN A 61 9.00 -5.75 -3.74
C GLN A 61 10.48 -5.45 -3.57
N ASP A 62 10.76 -4.36 -2.86
CA ASP A 62 12.13 -3.98 -2.53
C ASP A 62 12.28 -3.87 -1.03
N GLY A 63 11.18 -3.62 -0.34
CA GLY A 63 11.24 -3.38 1.07
C GLY A 63 10.93 -1.94 1.40
N LYS A 64 10.08 -1.33 0.58
CA LYS A 64 9.64 0.04 0.79
C LYS A 64 8.17 0.17 0.42
N LEU A 65 7.59 1.31 0.74
CA LEU A 65 6.20 1.59 0.38
C LEU A 65 6.05 3.01 -0.12
N THR A 66 5.69 3.16 -1.38
CA THR A 66 5.41 4.47 -1.92
C THR A 66 4.08 4.99 -1.38
N ALA A 67 3.74 6.21 -1.71
CA ALA A 67 2.49 6.81 -1.24
C ALA A 67 1.30 5.97 -1.71
N GLU A 68 1.33 5.59 -2.96
CA GLU A 68 0.25 4.81 -3.56
C GLU A 68 0.15 3.43 -2.93
N GLU A 69 1.29 2.83 -2.62
CA GLU A 69 1.31 1.48 -2.07
C GLU A 69 0.89 1.46 -0.60
N PHE A 70 1.37 2.44 0.14
CA PHE A 70 1.11 2.53 1.57
C PHE A 70 -0.39 2.79 1.83
N ILE A 71 -1.02 3.59 0.95
CA ILE A 71 -2.47 3.81 1.05
C ILE A 71 -3.20 2.47 1.02
N LEU A 72 -2.81 1.62 0.08
CA LEU A 72 -3.40 0.30 -0.07
C LEU A 72 -3.22 -0.50 1.21
N ALA A 73 -2.03 -0.44 1.78
CA ALA A 73 -1.71 -1.16 3.01
C ALA A 73 -2.61 -0.74 4.16
N MET A 74 -2.73 0.57 4.37
CA MET A 74 -3.58 1.07 5.45
C MET A 74 -5.03 0.70 5.21
N HIS A 75 -5.44 0.65 3.95
CA HIS A 75 -6.80 0.28 3.60
C HIS A 75 -7.05 -1.19 3.90
N LEU A 76 -6.05 -2.03 3.63
CA LEU A 76 -6.15 -3.46 3.91
C LEU A 76 -6.25 -3.69 5.42
N ILE A 77 -5.54 -2.86 6.18
CA ILE A 77 -5.61 -2.93 7.64
C ILE A 77 -7.04 -2.72 8.13
N ASP A 78 -7.68 -1.67 7.64
CA ASP A 78 -9.05 -1.35 8.05
C ASP A 78 -10.01 -2.48 7.70
N VAL A 79 -9.77 -3.10 6.54
CA VAL A 79 -10.58 -4.24 6.10
C VAL A 79 -10.38 -5.45 7.01
N ALA A 80 -9.12 -5.77 7.27
CA ALA A 80 -8.78 -6.89 8.15
C ALA A 80 -9.32 -6.66 9.55
N MET A 81 -9.18 -5.44 10.03
CA MET A 81 -9.67 -5.05 11.34
C MET A 81 -11.19 -5.16 11.42
N SER A 82 -11.84 -5.14 10.26
CA SER A 82 -13.29 -5.22 10.18
C SER A 82 -13.77 -6.67 10.34
N GLY A 83 -12.82 -7.60 10.44
CA GLY A 83 -13.16 -8.99 10.62
C GLY A 83 -13.07 -9.77 9.32
N GLN A 84 -12.69 -9.07 8.26
CA GLN A 84 -12.56 -9.68 6.95
C GLN A 84 -11.15 -10.18 6.73
N PRO A 85 -11.00 -11.32 6.03
CA PRO A 85 -9.70 -11.82 5.63
C PRO A 85 -9.17 -11.11 4.39
N LEU A 86 -7.95 -11.42 4.01
CA LEU A 86 -7.36 -10.81 2.82
C LEU A 86 -7.52 -11.75 1.64
N PRO A 87 -7.76 -11.18 0.44
CA PRO A 87 -7.92 -11.96 -0.78
C PRO A 87 -6.60 -12.52 -1.28
N PRO A 88 -6.64 -13.63 -2.04
CA PRO A 88 -5.45 -14.24 -2.63
C PRO A 88 -4.91 -13.41 -3.79
N VAL A 89 -5.79 -12.63 -4.39
CA VAL A 89 -5.44 -11.73 -5.48
C VAL A 89 -6.16 -10.41 -5.29
N LEU A 90 -5.52 -9.33 -5.70
CA LEU A 90 -6.14 -8.01 -5.59
C LEU A 90 -6.84 -7.67 -6.89
N PRO A 91 -8.02 -7.03 -6.83
CA PRO A 91 -8.74 -6.59 -8.02
C PRO A 91 -8.11 -5.34 -8.62
N PRO A 92 -8.27 -5.15 -9.95
CA PRO A 92 -7.70 -3.99 -10.66
C PRO A 92 -8.19 -2.67 -10.10
N GLU A 93 -9.45 -2.65 -9.65
CA GLU A 93 -10.04 -1.44 -9.06
C GLU A 93 -9.23 -0.96 -7.87
N TYR A 94 -8.67 -1.90 -7.12
CA TYR A 94 -7.99 -1.60 -5.88
C TYR A 94 -6.48 -1.45 -6.08
N ILE A 95 -6.02 -1.69 -7.30
CA ILE A 95 -4.60 -1.56 -7.62
C ILE A 95 -4.23 -0.10 -7.80
N PRO A 96 -3.23 0.37 -7.02
CA PRO A 96 -2.75 1.76 -7.09
C PRO A 96 -2.16 2.10 -8.46
N PRO A 97 -2.17 3.39 -8.83
CA PRO A 97 -1.58 3.85 -10.08
C PRO A 97 -0.07 3.64 -10.13
N SER A 98 0.54 3.96 -11.28
CA SER A 98 1.98 3.79 -11.50
C SER A 98 2.36 2.31 -11.60
N PHE A 99 2.08 1.56 -10.55
CA PHE A 99 2.46 0.15 -10.45
C PHE A 99 1.44 -0.75 -11.14
N ARG A 100 0.59 -0.19 -11.99
CA ARG A 100 -0.40 -0.98 -12.72
C ARG A 100 0.23 -1.68 -13.91
N ARG A 101 1.52 -1.42 -14.12
CA ARG A 101 2.29 -2.15 -15.12
C ARG A 101 3.51 -2.75 -14.44
N VAL A 102 3.37 -4.00 -14.02
CA VAL A 102 4.40 -4.65 -13.23
C VAL A 102 5.47 -5.28 -14.12
N ARG A 103 6.70 -4.82 -13.91
CA ARG A 103 7.89 -5.40 -14.55
C ARG A 103 7.97 -5.07 -16.04
N LEU A 104 8.85 -4.16 -16.39
CA LEU A 104 9.08 -3.77 -17.78
C LEU A 104 10.53 -4.02 -18.16
N GLU A 105 11.43 -3.82 -17.20
CA GLU A 105 12.85 -4.04 -17.42
C GLU A 105 13.51 -4.55 -16.14
N HIS A 106 14.59 -5.29 -16.29
CA HIS A 106 15.27 -5.91 -15.17
C HIS A 106 16.58 -5.18 -14.89
N HIS A 107 16.63 -3.92 -15.33
CA HIS A 107 17.85 -3.13 -15.26
C HIS A 107 18.08 -2.55 -13.88
N HIS A 108 18.99 -3.16 -13.14
CA HIS A 108 19.43 -2.65 -11.86
C HIS A 108 20.88 -3.07 -11.66
N HIS A 109 21.78 -2.10 -11.58
CA HIS A 109 23.20 -2.40 -11.48
C HIS A 109 23.50 -3.20 -10.22
N HIS A 110 24.12 -4.34 -10.40
CA HIS A 110 24.45 -5.25 -9.31
C HIS A 110 25.55 -4.65 -8.44
N HIS A 111 25.49 -4.93 -7.15
CA HIS A 111 26.51 -4.49 -6.22
C HIS A 111 27.10 -5.69 -5.49
N PRO A 1 -22.35 -4.91 -4.94
CA PRO A 1 -22.27 -3.49 -5.36
C PRO A 1 -21.02 -3.26 -6.20
N PRO A 2 -21.16 -2.58 -7.34
CA PRO A 2 -20.04 -2.29 -8.23
C PRO A 2 -19.12 -1.21 -7.65
N VAL A 3 -17.86 -1.58 -7.43
CA VAL A 3 -16.87 -0.63 -6.92
C VAL A 3 -16.08 -0.03 -8.06
N ALA A 4 -16.04 1.29 -8.11
CA ALA A 4 -15.31 1.99 -9.18
C ALA A 4 -14.24 2.90 -8.59
N GLU A 5 -13.34 3.35 -9.45
CA GLU A 5 -12.21 4.21 -9.05
C GLU A 5 -11.29 3.42 -8.12
N TRP A 6 -10.42 4.11 -7.41
CA TRP A 6 -9.53 3.46 -6.45
C TRP A 6 -10.35 3.04 -5.25
N ALA A 7 -10.31 1.75 -4.93
CA ALA A 7 -11.17 1.17 -3.90
C ALA A 7 -10.66 1.46 -2.49
N VAL A 8 -10.38 2.72 -2.23
CA VAL A 8 -10.05 3.18 -0.89
C VAL A 8 -10.82 4.46 -0.56
N PRO A 9 -11.48 4.51 0.61
CA PRO A 9 -12.22 5.70 1.04
C PRO A 9 -11.40 6.97 0.92
N GLN A 10 -12.05 8.06 0.53
CA GLN A 10 -11.37 9.33 0.33
C GLN A 10 -10.82 9.86 1.64
N SER A 11 -11.55 9.62 2.72
CA SER A 11 -11.10 9.99 4.05
C SER A 11 -9.79 9.30 4.39
N SER A 12 -9.69 8.03 4.01
CA SER A 12 -8.51 7.22 4.27
C SER A 12 -7.33 7.70 3.44
N ARG A 13 -7.56 7.98 2.16
CA ARG A 13 -6.48 8.39 1.27
C ARG A 13 -5.96 9.78 1.65
N LEU A 14 -6.85 10.61 2.19
CA LEU A 14 -6.45 11.93 2.69
C LEU A 14 -5.64 11.80 3.98
N LYS A 15 -6.12 10.98 4.90
CA LYS A 15 -5.48 10.80 6.20
C LYS A 15 -4.06 10.26 6.05
N TYR A 16 -3.86 9.33 5.13
CA TYR A 16 -2.55 8.71 4.98
C TYR A 16 -1.66 9.49 4.02
N ARG A 17 -2.19 10.57 3.44
CA ARG A 17 -1.35 11.58 2.83
C ARG A 17 -0.74 12.43 3.94
N GLN A 18 -1.52 12.59 4.98
CA GLN A 18 -1.15 13.34 6.18
C GLN A 18 -0.25 12.53 7.11
N LEU A 19 -0.17 11.25 6.82
CA LEU A 19 0.52 10.27 7.67
C LEU A 19 0.93 9.10 6.80
N PHE A 20 1.48 9.31 5.63
CA PHE A 20 2.69 10.13 5.33
C PHE A 20 2.96 11.43 6.10
N ASN A 21 2.37 12.54 5.68
CA ASN A 21 2.95 13.89 5.87
C ASN A 21 3.47 14.18 7.28
N SER A 22 2.80 13.69 8.32
CA SER A 22 3.26 13.90 9.69
C SER A 22 4.65 13.30 9.93
N HIS A 23 5.01 12.31 9.11
CA HIS A 23 6.30 11.65 9.21
C HIS A 23 7.17 11.99 8.00
N ASP A 24 6.80 13.06 7.30
CA ASP A 24 7.48 13.43 6.06
C ASP A 24 7.88 14.90 6.06
N LYS A 25 9.07 15.19 5.56
CA LYS A 25 9.56 16.56 5.47
C LYS A 25 9.34 17.12 4.07
N THR A 26 8.24 16.71 3.45
CA THR A 26 7.88 17.08 2.07
C THR A 26 9.01 16.76 1.10
N MET A 27 9.73 15.67 1.38
CA MET A 27 10.86 15.28 0.54
C MET A 27 11.25 13.82 0.79
N SER A 28 10.32 13.03 1.31
CA SER A 28 10.59 11.62 1.52
C SER A 28 10.22 10.81 0.28
N GLY A 29 9.02 11.08 -0.25
CA GLY A 29 8.54 10.40 -1.45
C GLY A 29 8.07 8.99 -1.15
N HIS A 30 8.81 8.30 -0.30
CA HIS A 30 8.49 6.95 0.09
C HIS A 30 8.92 6.70 1.52
N LEU A 31 8.24 5.78 2.18
CA LEU A 31 8.63 5.36 3.51
C LEU A 31 9.48 4.11 3.40
N THR A 32 10.29 3.86 4.41
CA THR A 32 11.15 2.69 4.42
C THR A 32 10.42 1.51 5.08
N GLY A 33 11.02 0.33 4.95
CA GLY A 33 10.48 -0.87 5.56
C GLY A 33 10.10 -0.69 7.02
N PRO A 34 11.09 -0.43 7.91
CA PRO A 34 10.83 -0.21 9.33
C PRO A 34 9.72 0.82 9.58
N GLN A 35 9.75 1.93 8.86
CA GLN A 35 8.73 2.98 8.99
C GLN A 35 7.34 2.42 8.73
N ALA A 36 7.17 1.82 7.56
CA ALA A 36 5.90 1.23 7.17
C ALA A 36 5.47 0.11 8.12
N ARG A 37 6.42 -0.78 8.41
CA ARG A 37 6.15 -1.98 9.20
C ARG A 37 5.77 -1.63 10.63
N THR A 38 6.35 -0.58 11.16
CA THR A 38 6.06 -0.15 12.53
C THR A 38 4.60 0.30 12.65
N ILE A 39 4.12 1.03 11.65
CA ILE A 39 2.73 1.49 11.65
C ILE A 39 1.79 0.32 11.36
N LEU A 40 2.24 -0.58 10.49
CA LEU A 40 1.47 -1.76 10.13
C LEU A 40 1.20 -2.66 11.34
N MET A 41 2.22 -2.86 12.17
CA MET A 41 2.11 -3.78 13.30
C MET A 41 1.24 -3.19 14.41
N GLN A 42 1.03 -1.87 14.38
CA GLN A 42 0.22 -1.20 15.41
C GLN A 42 -1.22 -1.70 15.42
N SER A 43 -1.62 -2.37 14.36
CA SER A 43 -2.97 -2.91 14.25
C SER A 43 -3.11 -4.18 15.12
N SER A 44 -1.99 -4.63 15.68
CA SER A 44 -1.97 -5.78 16.58
C SER A 44 -2.33 -7.08 15.85
N LEU A 45 -2.28 -7.04 14.53
CA LEU A 45 -2.61 -8.20 13.71
C LEU A 45 -1.41 -9.14 13.62
N PRO A 46 -1.66 -10.45 13.46
CA PRO A 46 -0.61 -11.46 13.28
C PRO A 46 0.38 -11.06 12.19
N GLN A 47 1.67 -11.23 12.46
CA GLN A 47 2.72 -10.79 11.54
C GLN A 47 2.69 -11.59 10.24
N ALA A 48 2.00 -12.72 10.24
CA ALA A 48 1.78 -13.49 9.02
C ALA A 48 0.89 -12.69 8.07
N GLN A 49 -0.16 -12.08 8.61
CA GLN A 49 -1.07 -11.27 7.83
C GLN A 49 -0.40 -9.96 7.43
N LEU A 50 0.47 -9.46 8.30
CA LEU A 50 1.22 -8.25 8.04
C LEU A 50 2.10 -8.42 6.80
N ALA A 51 2.76 -9.56 6.71
CA ALA A 51 3.57 -9.87 5.54
C ALA A 51 2.68 -10.01 4.31
N SER A 52 1.51 -10.60 4.50
CA SER A 52 0.55 -10.76 3.42
C SER A 52 0.12 -9.40 2.88
N ILE A 53 -0.25 -8.49 3.78
CA ILE A 53 -0.67 -7.15 3.39
C ILE A 53 0.47 -6.41 2.68
N TRP A 54 1.68 -6.56 3.20
CA TRP A 54 2.86 -5.98 2.57
C TRP A 54 3.00 -6.51 1.15
N ASN A 55 2.94 -7.83 1.02
CA ASN A 55 3.11 -8.51 -0.26
C ASN A 55 2.01 -8.11 -1.24
N LEU A 56 0.82 -7.85 -0.72
CA LEU A 56 -0.32 -7.46 -1.54
C LEU A 56 -0.14 -6.05 -2.13
N SER A 57 0.47 -5.16 -1.36
CA SER A 57 0.62 -3.78 -1.77
C SER A 57 1.97 -3.54 -2.46
N ASP A 58 2.93 -4.42 -2.20
CA ASP A 58 4.27 -4.29 -2.74
C ASP A 58 4.28 -4.41 -4.26
N ILE A 59 4.80 -3.40 -4.93
CA ILE A 59 4.99 -3.45 -6.37
C ILE A 59 6.32 -4.13 -6.68
N ASP A 60 7.38 -3.52 -6.17
CA ASP A 60 8.74 -4.07 -6.26
C ASP A 60 9.61 -3.32 -5.27
N GLN A 61 9.04 -3.04 -4.12
CA GLN A 61 9.71 -2.21 -3.13
C GLN A 61 10.61 -3.04 -2.24
N ASP A 62 10.04 -4.11 -1.69
CA ASP A 62 10.75 -5.07 -0.85
C ASP A 62 11.00 -4.51 0.54
N GLY A 63 11.26 -3.21 0.60
CA GLY A 63 11.47 -2.56 1.86
C GLY A 63 11.16 -1.08 1.80
N LYS A 64 10.15 -0.73 1.01
CA LYS A 64 9.72 0.66 0.87
C LYS A 64 8.21 0.69 0.65
N LEU A 65 7.61 1.85 0.89
CA LEU A 65 6.20 2.09 0.58
C LEU A 65 5.97 3.56 0.30
N THR A 66 5.58 3.87 -0.93
CA THR A 66 5.25 5.24 -1.29
C THR A 66 3.88 5.62 -0.72
N ALA A 67 3.48 6.87 -0.90
CA ALA A 67 2.23 7.36 -0.32
C ALA A 67 1.05 6.50 -0.75
N GLU A 68 0.92 6.30 -2.05
CA GLU A 68 -0.20 5.56 -2.62
C GLU A 68 -0.18 4.08 -2.22
N GLU A 69 1.01 3.53 -2.01
CA GLU A 69 1.14 2.15 -1.59
C GLU A 69 0.75 2.01 -0.12
N PHE A 70 1.23 2.94 0.69
CA PHE A 70 0.94 2.96 2.12
C PHE A 70 -0.57 3.03 2.36
N ILE A 71 -1.26 3.86 1.57
CA ILE A 71 -2.70 3.99 1.68
C ILE A 71 -3.39 2.66 1.42
N LEU A 72 -2.94 1.96 0.38
CA LEU A 72 -3.50 0.66 0.03
C LEU A 72 -3.29 -0.35 1.16
N ALA A 73 -2.05 -0.42 1.65
CA ALA A 73 -1.70 -1.33 2.73
C ALA A 73 -2.56 -1.07 3.97
N MET A 74 -2.73 0.20 4.31
CA MET A 74 -3.50 0.56 5.50
C MET A 74 -4.98 0.28 5.30
N HIS A 75 -5.45 0.32 4.06
CA HIS A 75 -6.83 -0.03 3.77
C HIS A 75 -7.03 -1.54 3.93
N LEU A 76 -5.99 -2.30 3.58
CA LEU A 76 -6.03 -3.75 3.78
C LEU A 76 -6.04 -4.09 5.26
N ILE A 77 -5.42 -3.20 6.06
CA ILE A 77 -5.44 -3.32 7.51
C ILE A 77 -6.88 -3.37 8.02
N ASP A 78 -7.70 -2.44 7.55
CA ASP A 78 -9.11 -2.35 7.97
C ASP A 78 -9.84 -3.67 7.75
N VAL A 79 -9.63 -4.27 6.59
CA VAL A 79 -10.27 -5.53 6.25
C VAL A 79 -9.87 -6.63 7.24
N ALA A 80 -8.57 -6.78 7.43
CA ALA A 80 -8.05 -7.81 8.33
C ALA A 80 -8.39 -7.50 9.78
N MET A 81 -8.47 -6.20 10.10
CA MET A 81 -8.78 -5.73 11.43
C MET A 81 -10.19 -6.14 11.85
N SER A 82 -11.04 -6.45 10.87
CA SER A 82 -12.40 -6.88 11.15
C SER A 82 -12.45 -8.41 11.29
N GLY A 83 -11.28 -9.04 11.20
CA GLY A 83 -11.20 -10.48 11.36
C GLY A 83 -11.49 -11.21 10.07
N GLN A 84 -11.37 -10.51 8.95
CA GLN A 84 -11.65 -11.08 7.65
C GLN A 84 -10.38 -11.58 6.99
N PRO A 85 -10.46 -12.69 6.23
CA PRO A 85 -9.32 -13.25 5.52
C PRO A 85 -8.96 -12.43 4.29
N LEU A 86 -7.67 -12.39 3.97
CA LEU A 86 -7.19 -11.64 2.82
C LEU A 86 -7.27 -12.50 1.57
N PRO A 87 -7.60 -11.88 0.42
CA PRO A 87 -7.70 -12.60 -0.85
C PRO A 87 -6.32 -13.06 -1.36
N PRO A 88 -6.28 -14.14 -2.15
CA PRO A 88 -5.04 -14.63 -2.75
C PRO A 88 -4.57 -13.74 -3.90
N VAL A 89 -5.53 -13.02 -4.48
CA VAL A 89 -5.25 -12.09 -5.57
C VAL A 89 -5.94 -10.77 -5.28
N LEU A 90 -5.36 -9.68 -5.78
CA LEU A 90 -5.92 -8.37 -5.55
C LEU A 90 -6.72 -7.91 -6.77
N PRO A 91 -7.87 -7.24 -6.56
CA PRO A 91 -8.64 -6.65 -7.64
C PRO A 91 -7.95 -5.43 -8.25
N PRO A 92 -8.22 -5.14 -9.53
CA PRO A 92 -7.58 -4.03 -10.26
C PRO A 92 -7.93 -2.66 -9.67
N GLU A 93 -9.11 -2.56 -9.09
CA GLU A 93 -9.59 -1.29 -8.55
C GLU A 93 -8.86 -0.92 -7.26
N TYR A 94 -8.14 -1.88 -6.69
CA TYR A 94 -7.37 -1.63 -5.48
C TYR A 94 -5.95 -1.21 -5.82
N ILE A 95 -5.55 -1.45 -7.06
CA ILE A 95 -4.19 -1.14 -7.49
C ILE A 95 -4.03 0.36 -7.71
N PRO A 96 -3.07 1.00 -7.02
CA PRO A 96 -2.85 2.44 -7.12
C PRO A 96 -2.47 2.88 -8.53
N PRO A 97 -2.74 4.16 -8.87
CA PRO A 97 -2.43 4.73 -10.17
C PRO A 97 -0.94 4.62 -10.51
N SER A 98 -0.64 4.64 -11.82
CA SER A 98 0.73 4.50 -12.33
C SER A 98 1.27 3.08 -12.12
N PHE A 99 1.22 2.60 -10.88
CA PHE A 99 1.79 1.29 -10.51
C PHE A 99 1.06 0.14 -11.20
N ARG A 100 -0.06 0.44 -11.85
CA ARG A 100 -0.81 -0.57 -12.59
C ARG A 100 -0.03 -1.06 -13.80
N ARG A 101 0.91 -0.25 -14.29
CA ARG A 101 1.70 -0.63 -15.46
C ARG A 101 3.13 -0.11 -15.38
N VAL A 102 3.32 1.01 -14.70
CA VAL A 102 4.64 1.63 -14.62
C VAL A 102 5.45 1.00 -13.49
N ARG A 103 6.11 -0.10 -13.79
CA ARG A 103 6.98 -0.76 -12.84
C ARG A 103 8.32 -1.11 -13.50
N LEU A 104 8.47 -0.66 -14.73
CA LEU A 104 9.66 -0.96 -15.52
C LEU A 104 10.61 0.23 -15.51
N GLU A 105 11.78 0.04 -14.93
CA GLU A 105 12.78 1.10 -14.84
C GLU A 105 14.13 0.63 -15.36
N HIS A 106 14.77 1.45 -16.18
CA HIS A 106 16.13 1.20 -16.61
C HIS A 106 17.03 2.37 -16.24
N HIS A 107 17.80 2.21 -15.17
CA HIS A 107 18.78 3.21 -14.79
C HIS A 107 20.19 2.69 -15.08
N HIS A 108 21.02 3.53 -15.67
CA HIS A 108 22.35 3.11 -16.07
C HIS A 108 23.19 4.32 -16.48
N HIS A 109 24.48 4.27 -16.19
CA HIS A 109 25.40 5.33 -16.61
C HIS A 109 26.80 4.76 -16.82
N HIS A 110 27.58 5.42 -17.65
CA HIS A 110 28.94 4.99 -17.94
C HIS A 110 29.90 5.44 -16.86
N HIS A 111 30.74 4.51 -16.41
CA HIS A 111 31.82 4.80 -15.47
C HIS A 111 32.59 3.53 -15.17
N PRO A 1 -15.04 15.99 -13.93
CA PRO A 1 -14.58 15.52 -12.61
C PRO A 1 -13.35 14.63 -12.76
N PRO A 2 -12.33 14.84 -11.92
CA PRO A 2 -11.12 14.02 -11.93
C PRO A 2 -11.38 12.61 -11.38
N VAL A 3 -11.56 11.67 -12.28
CA VAL A 3 -11.87 10.30 -11.90
C VAL A 3 -10.61 9.47 -11.70
N ALA A 4 -10.44 8.94 -10.51
CA ALA A 4 -9.33 8.07 -10.21
C ALA A 4 -9.69 6.63 -10.52
N GLU A 5 -8.71 5.86 -10.95
CA GLU A 5 -8.92 4.46 -11.30
C GLU A 5 -8.62 3.56 -10.10
N TRP A 6 -8.57 4.19 -8.93
CA TRP A 6 -8.19 3.51 -7.72
C TRP A 6 -9.40 3.35 -6.79
N ALA A 7 -9.73 2.11 -6.47
CA ALA A 7 -10.90 1.82 -5.66
C ALA A 7 -10.59 1.85 -4.16
N VAL A 8 -10.33 3.03 -3.65
CA VAL A 8 -10.17 3.24 -2.22
C VAL A 8 -10.84 4.56 -1.80
N PRO A 9 -11.70 4.51 -0.77
CA PRO A 9 -12.41 5.69 -0.26
C PRO A 9 -11.49 6.89 -0.04
N GLN A 10 -11.96 8.05 -0.47
CA GLN A 10 -11.17 9.29 -0.41
C GLN A 10 -10.77 9.61 1.02
N SER A 11 -11.71 9.44 1.96
CA SER A 11 -11.46 9.71 3.36
C SER A 11 -10.28 8.88 3.88
N SER A 12 -10.15 7.67 3.35
CA SER A 12 -9.07 6.77 3.77
C SER A 12 -7.72 7.25 3.26
N ARG A 13 -7.69 7.75 2.03
CA ARG A 13 -6.45 8.25 1.44
C ARG A 13 -6.08 9.61 2.00
N LEU A 14 -7.10 10.39 2.33
CA LEU A 14 -6.92 11.65 3.04
C LEU A 14 -6.26 11.40 4.40
N LYS A 15 -6.73 10.36 5.07
CA LYS A 15 -6.18 9.92 6.34
C LYS A 15 -4.70 9.58 6.20
N TYR A 16 -4.33 8.95 5.09
CA TYR A 16 -2.93 8.61 4.88
C TYR A 16 -2.12 9.82 4.42
N ARG A 17 -2.71 10.74 3.68
CA ARG A 17 -1.97 11.93 3.27
C ARG A 17 -1.48 12.67 4.52
N GLN A 18 -2.20 12.42 5.60
CA GLN A 18 -1.89 12.93 6.94
C GLN A 18 -0.69 12.23 7.58
N LEU A 19 -0.31 11.09 7.00
CA LEU A 19 0.63 10.14 7.62
C LEU A 19 1.19 9.22 6.55
N PHE A 20 1.57 9.72 5.40
CA PHE A 20 2.58 10.77 5.16
C PHE A 20 2.67 11.98 6.10
N ASN A 21 1.82 12.98 5.93
CA ASN A 21 2.15 14.39 6.30
C ASN A 21 2.79 14.54 7.69
N SER A 22 2.29 13.86 8.70
CA SER A 22 2.81 13.98 10.05
C SER A 22 4.24 13.41 10.18
N HIS A 23 4.61 12.50 9.29
CA HIS A 23 5.93 11.87 9.33
C HIS A 23 6.77 12.27 8.13
N ASP A 24 6.19 13.00 7.19
CA ASP A 24 6.90 13.38 5.97
C ASP A 24 7.86 14.53 6.24
N LYS A 25 9.09 14.33 5.85
CA LYS A 25 10.12 15.33 5.97
C LYS A 25 10.99 15.36 4.71
N THR A 26 10.43 15.94 3.65
CA THR A 26 11.09 16.03 2.33
C THR A 26 11.60 14.66 1.87
N MET A 27 10.80 13.63 2.05
CA MET A 27 11.20 12.29 1.70
C MET A 27 10.78 12.00 0.26
N SER A 28 11.48 11.08 -0.37
CA SER A 28 11.35 10.84 -1.81
C SER A 28 10.11 10.00 -2.17
N GLY A 29 8.95 10.41 -1.68
CA GLY A 29 7.69 9.81 -2.12
C GLY A 29 7.41 8.44 -1.52
N HIS A 30 8.37 7.89 -0.79
CA HIS A 30 8.19 6.58 -0.18
C HIS A 30 8.95 6.46 1.12
N LEU A 31 8.42 5.65 2.02
CA LEU A 31 9.07 5.37 3.28
C LEU A 31 9.92 4.13 3.13
N THR A 32 10.80 3.89 4.08
CA THR A 32 11.68 2.75 4.02
C THR A 32 11.01 1.52 4.61
N GLY A 33 11.60 0.36 4.35
CA GLY A 33 11.06 -0.90 4.86
C GLY A 33 10.74 -0.85 6.34
N PRO A 34 11.76 -0.67 7.20
CA PRO A 34 11.58 -0.57 8.65
C PRO A 34 10.55 0.48 9.05
N GLN A 35 10.63 1.68 8.47
CA GLN A 35 9.70 2.77 8.85
C GLN A 35 8.25 2.40 8.54
N ALA A 36 8.03 1.80 7.38
CA ALA A 36 6.70 1.34 7.00
C ALA A 36 6.22 0.27 7.96
N ARG A 37 7.09 -0.71 8.21
CA ARG A 37 6.77 -1.82 9.11
C ARG A 37 6.56 -1.34 10.54
N THR A 38 7.25 -0.27 10.91
CA THR A 38 7.14 0.30 12.25
C THR A 38 5.70 0.73 12.53
N ILE A 39 5.13 1.53 11.63
CA ILE A 39 3.77 2.02 11.79
C ILE A 39 2.78 0.87 11.69
N LEU A 40 3.08 -0.07 10.81
CA LEU A 40 2.23 -1.25 10.61
C LEU A 40 2.11 -2.07 11.89
N MET A 41 3.23 -2.30 12.56
CA MET A 41 3.25 -3.11 13.77
C MET A 41 2.50 -2.46 14.93
N GLN A 42 2.36 -1.14 14.89
CA GLN A 42 1.71 -0.40 15.96
C GLN A 42 0.21 -0.73 16.03
N SER A 43 -0.32 -1.28 14.93
CA SER A 43 -1.73 -1.65 14.87
C SER A 43 -2.01 -2.84 15.78
N SER A 44 -0.96 -3.60 16.10
CA SER A 44 -1.04 -4.75 17.01
C SER A 44 -1.86 -5.89 16.39
N LEU A 45 -1.92 -5.92 15.06
CA LEU A 45 -2.62 -6.98 14.35
C LEU A 45 -1.76 -8.24 14.24
N PRO A 46 -2.37 -9.40 13.91
CA PRO A 46 -1.64 -10.64 13.71
C PRO A 46 -0.57 -10.53 12.62
N GLN A 47 0.65 -10.94 12.96
CA GLN A 47 1.79 -10.88 12.06
C GLN A 47 1.54 -11.65 10.77
N ALA A 48 0.79 -12.76 10.87
CA ALA A 48 0.46 -13.55 9.70
C ALA A 48 -0.31 -12.71 8.67
N GLN A 49 -1.29 -11.97 9.16
CA GLN A 49 -2.07 -11.07 8.31
C GLN A 49 -1.19 -9.95 7.79
N LEU A 50 -0.37 -9.40 8.69
CA LEU A 50 0.54 -8.32 8.35
C LEU A 50 1.50 -8.72 7.24
N ALA A 51 1.98 -9.97 7.29
CA ALA A 51 2.89 -10.49 6.29
C ALA A 51 2.24 -10.50 4.91
N SER A 52 0.96 -10.87 4.87
CA SER A 52 0.23 -10.91 3.62
C SER A 52 -0.03 -9.48 3.12
N ILE A 53 -0.45 -8.61 4.02
CA ILE A 53 -0.72 -7.22 3.69
C ILE A 53 0.53 -6.54 3.12
N TRP A 54 1.67 -6.79 3.74
CA TRP A 54 2.95 -6.27 3.23
C TRP A 54 3.20 -6.76 1.81
N ASN A 55 3.10 -8.08 1.64
CA ASN A 55 3.34 -8.72 0.34
C ASN A 55 2.41 -8.15 -0.73
N LEU A 56 1.18 -7.87 -0.32
CA LEU A 56 0.17 -7.29 -1.21
C LEU A 56 0.46 -5.82 -1.47
N SER A 57 0.97 -5.14 -0.46
CA SER A 57 1.15 -3.69 -0.49
C SER A 57 2.29 -3.28 -1.43
N ASP A 58 3.43 -3.94 -1.30
CA ASP A 58 4.60 -3.60 -2.11
C ASP A 58 4.39 -4.10 -3.55
N ILE A 59 4.23 -3.16 -4.46
CA ILE A 59 3.95 -3.49 -5.85
C ILE A 59 5.24 -3.85 -6.58
N ASP A 60 6.31 -3.15 -6.25
CA ASP A 60 7.59 -3.37 -6.91
C ASP A 60 8.28 -4.59 -6.33
N GLN A 61 7.99 -4.86 -5.06
CA GLN A 61 8.60 -5.97 -4.32
C GLN A 61 10.06 -5.64 -4.04
N ASP A 62 10.29 -4.36 -3.75
CA ASP A 62 11.62 -3.84 -3.50
C ASP A 62 11.97 -3.94 -2.02
N GLY A 63 10.96 -3.83 -1.17
CA GLY A 63 11.18 -3.85 0.26
C GLY A 63 10.97 -2.48 0.88
N LYS A 64 10.12 -1.69 0.24
CA LYS A 64 9.78 -0.35 0.70
C LYS A 64 8.30 -0.11 0.46
N LEU A 65 7.81 1.07 0.79
CA LEU A 65 6.42 1.42 0.54
C LEU A 65 6.29 2.89 0.17
N THR A 66 5.83 3.14 -1.04
CA THR A 66 5.53 4.50 -1.46
C THR A 66 4.27 4.98 -0.75
N ALA A 67 3.93 6.25 -0.93
CA ALA A 67 2.74 6.81 -0.32
C ALA A 67 1.51 6.00 -0.69
N GLU A 68 1.31 5.80 -1.98
CA GLU A 68 0.11 5.14 -2.48
C GLU A 68 0.07 3.66 -2.09
N GLU A 69 1.23 3.04 -1.93
CA GLU A 69 1.28 1.63 -1.53
C GLU A 69 0.92 1.50 -0.05
N PHE A 70 1.45 2.40 0.76
CA PHE A 70 1.14 2.44 2.18
C PHE A 70 -0.35 2.74 2.37
N ILE A 71 -0.94 3.55 1.48
CA ILE A 71 -2.39 3.78 1.48
C ILE A 71 -3.13 2.45 1.35
N LEU A 72 -2.70 1.64 0.40
CA LEU A 72 -3.28 0.32 0.17
C LEU A 72 -3.14 -0.53 1.42
N ALA A 73 -1.96 -0.49 2.02
CA ALA A 73 -1.70 -1.20 3.27
C ALA A 73 -2.68 -0.75 4.35
N MET A 74 -2.82 0.56 4.52
CA MET A 74 -3.74 1.12 5.51
C MET A 74 -5.17 0.64 5.25
N HIS A 75 -5.53 0.57 3.98
CA HIS A 75 -6.87 0.12 3.59
C HIS A 75 -7.06 -1.34 3.97
N LEU A 76 -6.04 -2.15 3.75
CA LEU A 76 -6.08 -3.56 4.13
C LEU A 76 -6.08 -3.72 5.65
N ILE A 77 -5.29 -2.88 6.32
CA ILE A 77 -5.24 -2.86 7.78
C ILE A 77 -6.62 -2.59 8.37
N ASP A 78 -7.32 -1.60 7.82
CA ASP A 78 -8.64 -1.24 8.33
C ASP A 78 -9.62 -2.38 8.15
N VAL A 79 -9.57 -3.02 6.99
CA VAL A 79 -10.42 -4.18 6.70
C VAL A 79 -10.14 -5.32 7.67
N ALA A 80 -8.86 -5.65 7.84
CA ALA A 80 -8.45 -6.72 8.74
C ALA A 80 -8.82 -6.39 10.19
N MET A 81 -8.61 -5.14 10.59
CA MET A 81 -8.94 -4.67 11.92
C MET A 81 -10.43 -4.81 12.19
N SER A 82 -11.24 -4.60 11.16
CA SER A 82 -12.69 -4.69 11.29
C SER A 82 -13.14 -6.15 11.43
N GLY A 83 -12.26 -7.07 11.05
CA GLY A 83 -12.60 -8.48 11.12
C GLY A 83 -13.14 -9.01 9.82
N GLN A 84 -12.72 -8.40 8.72
CA GLN A 84 -13.14 -8.82 7.40
C GLN A 84 -12.01 -9.60 6.72
N PRO A 85 -12.37 -10.63 5.92
CA PRO A 85 -11.40 -11.48 5.25
C PRO A 85 -10.65 -10.77 4.13
N LEU A 86 -9.40 -11.19 3.90
CA LEU A 86 -8.59 -10.63 2.84
C LEU A 86 -8.56 -11.59 1.65
N PRO A 87 -8.47 -11.07 0.42
CA PRO A 87 -8.41 -11.89 -0.78
C PRO A 87 -7.01 -12.47 -1.01
N PRO A 88 -6.92 -13.62 -1.72
CA PRO A 88 -5.65 -14.24 -2.07
C PRO A 88 -4.90 -13.45 -3.14
N VAL A 89 -5.68 -12.75 -3.96
CA VAL A 89 -5.13 -11.91 -5.01
C VAL A 89 -5.80 -10.54 -4.97
N LEU A 90 -5.07 -9.50 -5.34
CA LEU A 90 -5.61 -8.16 -5.33
C LEU A 90 -6.20 -7.83 -6.70
N PRO A 91 -7.34 -7.12 -6.75
CA PRO A 91 -7.94 -6.66 -8.00
C PRO A 91 -7.20 -5.44 -8.57
N PRO A 92 -7.26 -5.25 -9.90
CA PRO A 92 -6.57 -4.14 -10.56
C PRO A 92 -7.05 -2.77 -10.06
N GLU A 93 -8.33 -2.68 -9.72
CA GLU A 93 -8.92 -1.43 -9.24
C GLU A 93 -8.27 -0.97 -7.94
N TYR A 94 -7.78 -1.92 -7.16
CA TYR A 94 -7.20 -1.60 -5.85
C TYR A 94 -5.71 -1.31 -5.96
N ILE A 95 -5.15 -1.48 -7.14
CA ILE A 95 -3.74 -1.23 -7.35
C ILE A 95 -3.51 0.26 -7.64
N PRO A 96 -2.60 0.90 -6.86
CA PRO A 96 -2.34 2.34 -6.98
C PRO A 96 -1.90 2.76 -8.38
N PRO A 97 -2.17 4.02 -8.75
CA PRO A 97 -1.79 4.55 -10.07
C PRO A 97 -0.28 4.50 -10.30
N SER A 98 0.12 4.51 -11.56
CA SER A 98 1.53 4.40 -11.97
C SER A 98 2.07 3.00 -11.73
N PHE A 99 1.94 2.50 -10.51
CA PHE A 99 2.45 1.19 -10.13
C PHE A 99 1.58 0.10 -10.75
N ARG A 100 0.33 0.43 -11.01
CA ARG A 100 -0.59 -0.50 -11.66
C ARG A 100 -0.22 -0.70 -13.14
N ARG A 101 0.68 0.12 -13.64
CA ARG A 101 1.14 0.00 -15.00
C ARG A 101 2.38 -0.87 -15.03
N VAL A 102 2.17 -2.17 -14.81
CA VAL A 102 3.26 -3.14 -14.80
C VAL A 102 3.59 -3.58 -16.22
N ARG A 103 4.74 -3.15 -16.71
CA ARG A 103 5.18 -3.49 -18.05
C ARG A 103 6.69 -3.69 -18.08
N LEU A 104 7.43 -2.65 -17.71
CA LEU A 104 8.88 -2.69 -17.79
C LEU A 104 9.46 -3.12 -16.45
N GLU A 105 10.25 -4.17 -16.47
CA GLU A 105 10.85 -4.70 -15.26
C GLU A 105 12.26 -4.14 -15.08
N HIS A 106 12.33 -2.98 -14.43
CA HIS A 106 13.59 -2.32 -14.11
C HIS A 106 14.40 -1.93 -15.36
N HIS A 107 15.58 -1.38 -15.13
CA HIS A 107 16.50 -0.98 -16.20
C HIS A 107 17.92 -0.98 -15.68
N HIS A 108 18.88 -1.09 -16.59
CA HIS A 108 20.29 -1.04 -16.22
C HIS A 108 21.03 -0.01 -17.05
N HIS A 109 21.46 1.06 -16.40
CA HIS A 109 22.15 2.15 -17.06
C HIS A 109 22.97 2.93 -16.04
N HIS A 110 24.19 3.30 -16.39
CA HIS A 110 25.07 4.01 -15.49
C HIS A 110 25.04 5.51 -15.77
N HIS A 111 25.41 6.28 -14.77
CA HIS A 111 25.46 7.74 -14.88
C HIS A 111 26.52 8.30 -13.96
N PRO A 1 -18.29 8.22 -16.99
CA PRO A 1 -17.21 7.21 -17.07
C PRO A 1 -16.42 7.17 -15.76
N PRO A 2 -16.01 5.96 -15.33
CA PRO A 2 -15.22 5.79 -14.11
C PRO A 2 -13.80 6.35 -14.27
N VAL A 3 -13.53 7.44 -13.60
CA VAL A 3 -12.22 8.09 -13.68
C VAL A 3 -11.58 8.20 -12.31
N ALA A 4 -10.47 7.49 -12.14
CA ALA A 4 -9.67 7.56 -10.91
C ALA A 4 -10.43 7.01 -9.70
N GLU A 5 -11.37 6.12 -9.95
CA GLU A 5 -12.13 5.51 -8.87
C GLU A 5 -11.33 4.40 -8.19
N TRP A 6 -10.54 4.80 -7.21
CA TRP A 6 -9.83 3.84 -6.37
C TRP A 6 -10.83 3.27 -5.36
N ALA A 7 -10.76 1.97 -5.11
CA ALA A 7 -11.74 1.29 -4.26
C ALA A 7 -11.57 1.63 -2.77
N VAL A 8 -10.78 2.66 -2.49
CA VAL A 8 -10.66 3.18 -1.14
C VAL A 8 -11.18 4.62 -1.10
N PRO A 9 -12.11 4.91 -0.19
CA PRO A 9 -12.75 6.23 -0.09
C PRO A 9 -11.76 7.38 0.02
N GLN A 10 -12.08 8.51 -0.61
CA GLN A 10 -11.15 9.64 -0.68
C GLN A 10 -10.91 10.25 0.71
N SER A 11 -11.90 10.17 1.58
CA SER A 11 -11.75 10.66 2.95
C SER A 11 -10.68 9.87 3.70
N SER A 12 -10.68 8.55 3.55
CA SER A 12 -9.68 7.72 4.18
C SER A 12 -8.32 7.89 3.49
N ARG A 13 -8.36 8.13 2.17
CA ARG A 13 -7.14 8.37 1.41
C ARG A 13 -6.42 9.60 1.93
N LEU A 14 -7.19 10.66 2.16
CA LEU A 14 -6.65 11.91 2.67
C LEU A 14 -5.95 11.71 4.01
N LYS A 15 -6.57 10.89 4.87
CA LYS A 15 -6.05 10.64 6.20
C LYS A 15 -4.69 9.96 6.16
N TYR A 16 -4.56 8.90 5.37
CA TYR A 16 -3.30 8.16 5.32
C TYR A 16 -2.30 8.88 4.43
N ARG A 17 -2.80 9.76 3.57
CA ARG A 17 -1.93 10.66 2.81
C ARG A 17 -1.26 11.62 3.78
N GLN A 18 -1.97 11.90 4.86
CA GLN A 18 -1.51 12.83 5.89
C GLN A 18 -0.51 12.21 6.84
N LEU A 19 -0.40 10.90 6.78
CA LEU A 19 0.41 10.13 7.74
C LEU A 19 0.81 8.81 7.12
N PHE A 20 1.20 8.77 5.86
CA PHE A 20 2.34 9.49 5.23
C PHE A 20 2.67 10.93 5.67
N ASN A 21 1.96 11.93 5.17
CA ASN A 21 2.49 13.30 5.04
C ASN A 21 3.21 13.84 6.28
N SER A 22 2.64 13.68 7.46
CA SER A 22 3.24 14.21 8.68
C SER A 22 4.64 13.63 8.93
N HIS A 23 4.90 12.44 8.38
CA HIS A 23 6.21 11.80 8.51
C HIS A 23 7.08 12.15 7.32
N ASP A 24 6.46 12.66 6.26
CA ASP A 24 7.18 12.97 5.02
C ASP A 24 7.71 14.40 5.04
N LYS A 25 7.38 15.11 6.11
CA LYS A 25 7.87 16.48 6.30
C LYS A 25 9.39 16.52 6.25
N THR A 26 10.01 15.47 6.76
CA THR A 26 11.46 15.37 6.77
C THR A 26 11.91 14.13 5.97
N MET A 27 10.96 13.51 5.28
CA MET A 27 11.23 12.27 4.55
C MET A 27 11.51 12.59 3.08
N SER A 28 11.51 11.57 2.22
CA SER A 28 11.90 11.75 0.83
C SER A 28 10.88 11.10 -0.11
N GLY A 29 9.60 11.33 0.15
CA GLY A 29 8.56 10.88 -0.78
C GLY A 29 8.26 9.40 -0.66
N HIS A 30 8.85 8.74 0.33
CA HIS A 30 8.60 7.33 0.58
C HIS A 30 9.15 6.91 1.93
N LEU A 31 8.51 5.95 2.55
CA LEU A 31 8.98 5.40 3.81
C LEU A 31 9.71 4.10 3.53
N THR A 32 10.49 3.62 4.50
CA THR A 32 11.26 2.40 4.32
C THR A 32 10.54 1.22 4.95
N GLY A 33 11.04 0.02 4.65
CA GLY A 33 10.44 -1.20 5.18
C GLY A 33 10.24 -1.18 6.69
N PRO A 34 11.32 -1.13 7.49
CA PRO A 34 11.23 -1.14 8.96
C PRO A 34 10.34 -0.02 9.50
N GLN A 35 10.43 1.16 8.91
CA GLN A 35 9.65 2.32 9.36
C GLN A 35 8.17 2.12 9.05
N ALA A 36 7.88 1.62 7.85
CA ALA A 36 6.51 1.31 7.46
C ALA A 36 5.93 0.22 8.35
N ARG A 37 6.73 -0.82 8.59
CA ARG A 37 6.33 -1.94 9.43
C ARG A 37 6.07 -1.47 10.86
N THR A 38 6.78 -0.42 11.28
CA THR A 38 6.59 0.16 12.60
C THR A 38 5.15 0.68 12.76
N ILE A 39 4.65 1.33 11.72
CA ILE A 39 3.29 1.85 11.73
C ILE A 39 2.30 0.69 11.58
N LEU A 40 2.64 -0.25 10.72
CA LEU A 40 1.84 -1.45 10.49
C LEU A 40 1.65 -2.23 11.79
N MET A 41 2.69 -2.26 12.61
CA MET A 41 2.66 -3.01 13.86
C MET A 41 1.63 -2.45 14.84
N GLN A 42 1.25 -1.19 14.64
CA GLN A 42 0.36 -0.50 15.58
C GLN A 42 -1.09 -0.96 15.43
N SER A 43 -1.31 -1.92 14.54
CA SER A 43 -2.62 -2.52 14.36
C SER A 43 -2.77 -3.76 15.23
N SER A 44 -1.64 -4.21 15.78
CA SER A 44 -1.58 -5.41 16.62
C SER A 44 -1.97 -6.66 15.83
N LEU A 45 -1.81 -6.60 14.51
CA LEU A 45 -2.07 -7.76 13.66
C LEU A 45 -0.84 -8.66 13.63
N PRO A 46 -1.06 -9.98 13.45
CA PRO A 46 0.01 -10.96 13.36
C PRO A 46 0.94 -10.68 12.18
N GLN A 47 2.22 -10.99 12.34
CA GLN A 47 3.21 -10.76 11.29
C GLN A 47 2.83 -11.50 10.01
N ALA A 48 2.22 -12.67 10.17
CA ALA A 48 1.78 -13.46 9.02
C ALA A 48 0.84 -12.64 8.13
N GLN A 49 -0.13 -11.97 8.75
CA GLN A 49 -1.06 -11.14 8.02
C GLN A 49 -0.39 -9.86 7.55
N LEU A 50 0.50 -9.32 8.37
CA LEU A 50 1.24 -8.12 8.04
C LEU A 50 2.10 -8.32 6.79
N ALA A 51 2.79 -9.46 6.72
CA ALA A 51 3.61 -9.80 5.57
C ALA A 51 2.74 -10.01 4.34
N SER A 52 1.57 -10.61 4.55
CA SER A 52 0.61 -10.81 3.49
C SER A 52 0.13 -9.47 2.93
N ILE A 53 -0.28 -8.57 3.83
CA ILE A 53 -0.72 -7.23 3.43
C ILE A 53 0.41 -6.47 2.75
N TRP A 54 1.61 -6.59 3.31
CA TRP A 54 2.79 -5.97 2.72
C TRP A 54 2.97 -6.41 1.28
N ASN A 55 3.00 -7.73 1.08
CA ASN A 55 3.27 -8.30 -0.24
C ASN A 55 2.12 -7.99 -1.21
N LEU A 56 0.91 -7.87 -0.68
CA LEU A 56 -0.24 -7.52 -1.49
C LEU A 56 -0.22 -6.05 -1.92
N SER A 57 0.41 -5.22 -1.09
CA SER A 57 0.45 -3.79 -1.35
C SER A 57 1.71 -3.40 -2.13
N ASP A 58 2.87 -3.77 -1.60
CA ASP A 58 4.15 -3.39 -2.19
C ASP A 58 4.30 -3.99 -3.58
N ILE A 59 4.40 -3.13 -4.58
CA ILE A 59 4.48 -3.54 -5.96
C ILE A 59 5.81 -4.25 -6.28
N ASP A 60 6.91 -3.49 -6.25
CA ASP A 60 8.21 -4.02 -6.66
C ASP A 60 9.33 -3.49 -5.78
N GLN A 61 8.98 -2.98 -4.62
CA GLN A 61 9.93 -2.30 -3.77
C GLN A 61 10.49 -3.25 -2.71
N ASP A 62 9.61 -4.06 -2.15
CA ASP A 62 9.96 -5.06 -1.14
C ASP A 62 10.67 -4.43 0.05
N GLY A 63 10.43 -3.13 0.24
CA GLY A 63 11.06 -2.44 1.36
C GLY A 63 10.87 -0.94 1.33
N LYS A 64 9.84 -0.46 0.64
CA LYS A 64 9.54 0.97 0.61
C LYS A 64 8.04 1.17 0.44
N LEU A 65 7.47 2.06 1.24
CA LEU A 65 6.05 2.39 1.10
C LEU A 65 5.90 3.87 0.78
N THR A 66 5.39 4.15 -0.41
CA THR A 66 5.14 5.52 -0.81
C THR A 66 3.73 5.93 -0.36
N ALA A 67 3.25 7.07 -0.84
CA ALA A 67 1.92 7.54 -0.48
C ALA A 67 0.86 6.59 -1.03
N GLU A 68 1.09 6.10 -2.24
CA GLU A 68 0.16 5.17 -2.89
C GLU A 68 0.11 3.86 -2.12
N GLU A 69 1.27 3.37 -1.73
CA GLU A 69 1.39 2.06 -1.09
C GLU A 69 0.83 2.09 0.33
N PHE A 70 1.17 3.15 1.06
CA PHE A 70 0.79 3.28 2.45
C PHE A 70 -0.74 3.28 2.60
N ILE A 71 -1.41 4.02 1.74
CA ILE A 71 -2.88 4.10 1.79
C ILE A 71 -3.51 2.74 1.54
N LEU A 72 -2.94 2.00 0.59
CA LEU A 72 -3.42 0.67 0.26
C LEU A 72 -3.23 -0.27 1.44
N ALA A 73 -2.00 -0.33 1.95
CA ALA A 73 -1.66 -1.21 3.06
C ALA A 73 -2.50 -0.91 4.29
N MET A 74 -2.55 0.35 4.70
CA MET A 74 -3.24 0.73 5.93
C MET A 74 -4.75 0.51 5.83
N HIS A 75 -5.28 0.58 4.62
CA HIS A 75 -6.70 0.31 4.41
C HIS A 75 -6.97 -1.18 4.60
N LEU A 76 -6.01 -2.01 4.20
CA LEU A 76 -6.10 -3.44 4.41
C LEU A 76 -5.97 -3.75 5.90
N ILE A 77 -5.15 -2.97 6.59
CA ILE A 77 -5.01 -3.09 8.05
C ILE A 77 -6.36 -2.88 8.73
N ASP A 78 -7.11 -1.90 8.26
CA ASP A 78 -8.44 -1.61 8.81
C ASP A 78 -9.36 -2.82 8.66
N VAL A 79 -9.39 -3.38 7.46
CA VAL A 79 -10.21 -4.54 7.17
C VAL A 79 -9.79 -5.75 8.01
N ALA A 80 -8.49 -5.99 8.08
CA ALA A 80 -7.96 -7.11 8.84
C ALA A 80 -8.21 -6.92 10.34
N MET A 81 -8.14 -5.67 10.79
CA MET A 81 -8.39 -5.33 12.18
C MET A 81 -9.84 -5.61 12.55
N SER A 82 -10.70 -5.70 11.55
CA SER A 82 -12.11 -6.02 11.77
C SER A 82 -12.29 -7.54 11.78
N GLY A 83 -11.18 -8.27 11.72
CA GLY A 83 -11.23 -9.73 11.76
C GLY A 83 -11.76 -10.32 10.47
N GLN A 84 -11.57 -9.60 9.38
CA GLN A 84 -12.06 -10.06 8.09
C GLN A 84 -10.99 -10.91 7.38
N PRO A 85 -11.41 -11.94 6.66
CA PRO A 85 -10.51 -12.80 5.88
C PRO A 85 -9.98 -12.09 4.64
N LEU A 86 -8.70 -12.28 4.37
CA LEU A 86 -8.07 -11.65 3.21
C LEU A 86 -8.13 -12.58 2.01
N PRO A 87 -8.32 -12.01 0.80
CA PRO A 87 -8.36 -12.77 -0.44
C PRO A 87 -6.96 -13.22 -0.88
N PRO A 88 -6.89 -14.32 -1.66
CA PRO A 88 -5.61 -14.82 -2.18
C PRO A 88 -4.93 -13.80 -3.10
N VAL A 89 -5.74 -13.09 -3.87
CA VAL A 89 -5.26 -12.03 -4.74
C VAL A 89 -6.18 -10.83 -4.64
N LEU A 90 -5.59 -9.64 -4.68
CA LEU A 90 -6.35 -8.40 -4.55
C LEU A 90 -6.94 -8.02 -5.91
N PRO A 91 -8.17 -7.47 -5.94
CA PRO A 91 -8.78 -7.00 -7.19
C PRO A 91 -8.09 -5.75 -7.72
N PRO A 92 -8.15 -5.54 -9.05
CA PRO A 92 -7.49 -4.39 -9.70
C PRO A 92 -8.07 -3.05 -9.27
N GLU A 93 -9.27 -3.08 -8.72
CA GLU A 93 -9.93 -1.87 -8.25
C GLU A 93 -9.24 -1.31 -7.01
N TYR A 94 -8.55 -2.18 -6.27
CA TYR A 94 -7.83 -1.75 -5.09
C TYR A 94 -6.37 -1.47 -5.42
N ILE A 95 -5.94 -1.92 -6.58
CA ILE A 95 -4.59 -1.65 -7.04
C ILE A 95 -4.53 -0.25 -7.65
N PRO A 96 -3.62 0.61 -7.16
CA PRO A 96 -3.51 1.99 -7.60
C PRO A 96 -3.29 2.11 -9.12
N PRO A 97 -3.73 3.24 -9.70
CA PRO A 97 -3.60 3.48 -11.14
C PRO A 97 -2.14 3.44 -11.60
N SER A 98 -1.93 2.91 -12.81
CA SER A 98 -0.58 2.79 -13.40
C SER A 98 0.24 1.68 -12.73
N PHE A 99 -0.11 1.32 -11.50
CA PHE A 99 0.56 0.22 -10.81
C PHE A 99 -0.24 -1.07 -10.99
N ARG A 100 -1.28 -0.99 -11.82
CA ARG A 100 -2.15 -2.14 -12.09
C ARG A 100 -1.50 -3.12 -13.06
N ARG A 101 -0.25 -2.87 -13.41
CA ARG A 101 0.51 -3.76 -14.26
C ARG A 101 1.88 -4.01 -13.65
N VAL A 102 2.14 -5.26 -13.31
CA VAL A 102 3.39 -5.63 -12.67
C VAL A 102 4.11 -6.70 -13.49
N ARG A 103 5.02 -6.28 -14.34
CA ARG A 103 5.77 -7.21 -15.17
C ARG A 103 7.27 -7.01 -14.95
N LEU A 104 7.78 -7.66 -13.91
CA LEU A 104 9.21 -7.65 -13.59
C LEU A 104 9.46 -8.60 -12.43
N GLU A 105 10.66 -9.17 -12.38
CA GLU A 105 11.02 -10.04 -11.29
C GLU A 105 11.72 -9.26 -10.19
N HIS A 106 12.67 -8.41 -10.59
CA HIS A 106 13.45 -7.60 -9.65
C HIS A 106 14.20 -8.52 -8.68
N HIS A 107 14.53 -9.71 -9.16
CA HIS A 107 15.11 -10.75 -8.33
C HIS A 107 16.48 -11.13 -8.88
N HIS A 108 17.17 -10.15 -9.45
CA HIS A 108 18.47 -10.38 -10.09
C HIS A 108 19.53 -10.86 -9.09
N HIS A 109 19.27 -10.69 -7.80
CA HIS A 109 20.11 -11.30 -6.78
C HIS A 109 19.41 -12.55 -6.27
N HIS A 110 19.99 -13.71 -6.58
CA HIS A 110 19.35 -14.99 -6.33
C HIS A 110 19.04 -15.21 -4.84
N HIS A 111 17.76 -15.21 -4.53
CA HIS A 111 17.28 -15.56 -3.19
C HIS A 111 16.17 -16.59 -3.33
N PRO A 1 -20.48 4.66 -9.77
CA PRO A 1 -19.01 4.86 -9.77
C PRO A 1 -18.54 5.35 -8.41
N PRO A 2 -17.31 4.96 -8.01
CA PRO A 2 -16.71 5.42 -6.76
C PRO A 2 -16.09 6.80 -6.91
N VAL A 3 -15.48 7.31 -5.83
CA VAL A 3 -14.82 8.60 -5.87
C VAL A 3 -13.41 8.43 -6.41
N ALA A 4 -13.22 8.80 -7.67
CA ALA A 4 -11.98 8.58 -8.41
C ALA A 4 -11.79 7.09 -8.70
N GLU A 5 -10.89 6.77 -9.62
CA GLU A 5 -10.67 5.38 -10.01
C GLU A 5 -9.73 4.70 -9.01
N TRP A 6 -10.22 4.51 -7.80
CA TRP A 6 -9.48 3.81 -6.76
C TRP A 6 -10.47 3.37 -5.67
N ALA A 7 -10.56 2.07 -5.43
CA ALA A 7 -11.57 1.49 -4.54
C ALA A 7 -11.21 1.65 -3.07
N VAL A 8 -10.87 2.87 -2.69
CA VAL A 8 -10.63 3.20 -1.29
C VAL A 8 -11.20 4.60 -1.00
N PRO A 9 -11.99 4.72 0.08
CA PRO A 9 -12.65 5.97 0.46
C PRO A 9 -11.71 7.17 0.49
N GLN A 10 -12.12 8.24 -0.18
CA GLN A 10 -11.31 9.45 -0.30
C GLN A 10 -10.93 10.01 1.07
N SER A 11 -11.87 9.98 2.00
CA SER A 11 -11.63 10.44 3.36
C SER A 11 -10.43 9.74 3.97
N SER A 12 -10.39 8.42 3.80
CA SER A 12 -9.29 7.62 4.32
C SER A 12 -8.01 7.88 3.54
N ARG A 13 -8.15 8.14 2.24
CA ARG A 13 -7.00 8.45 1.39
C ARG A 13 -6.35 9.74 1.87
N LEU A 14 -7.16 10.75 2.12
CA LEU A 14 -6.67 12.03 2.61
C LEU A 14 -6.07 11.88 4.00
N LYS A 15 -6.82 11.27 4.90
CA LYS A 15 -6.43 11.13 6.30
C LYS A 15 -5.11 10.37 6.46
N TYR A 16 -4.92 9.30 5.69
CA TYR A 16 -3.71 8.51 5.82
C TYR A 16 -2.67 8.86 4.77
N ARG A 17 -2.98 9.78 3.88
CA ARG A 17 -1.92 10.44 3.11
C ARG A 17 -1.28 11.48 4.00
N GLN A 18 -2.08 11.97 4.94
CA GLN A 18 -1.68 12.93 5.94
C GLN A 18 -0.91 12.29 7.08
N LEU A 19 -0.94 10.98 7.10
CA LEU A 19 -0.36 10.15 8.17
C LEU A 19 -0.12 8.77 7.64
N PHE A 20 0.41 8.61 6.44
CA PHE A 20 1.73 9.11 5.98
C PHE A 20 2.21 10.50 6.46
N ASN A 21 1.75 11.59 5.86
CA ASN A 21 2.50 12.87 5.84
C ASN A 21 3.06 13.29 7.21
N SER A 22 2.24 13.25 8.24
CA SER A 22 2.67 13.67 9.58
C SER A 22 3.82 12.80 10.11
N HIS A 23 3.94 11.58 9.58
CA HIS A 23 4.99 10.66 10.02
C HIS A 23 6.23 10.77 9.15
N ASP A 24 6.23 11.67 8.18
CA ASP A 24 7.40 11.90 7.35
C ASP A 24 8.44 12.67 8.15
N LYS A 25 9.70 12.33 7.97
CA LYS A 25 10.78 13.00 8.70
C LYS A 25 10.83 14.49 8.37
N THR A 26 10.62 14.81 7.10
CA THR A 26 10.59 16.18 6.61
C THR A 26 10.13 16.18 5.15
N MET A 27 10.93 15.55 4.30
CA MET A 27 10.63 15.42 2.89
C MET A 27 11.16 14.08 2.39
N SER A 28 10.55 13.00 2.83
CA SER A 28 10.94 11.67 2.41
C SER A 28 10.13 11.26 1.18
N GLY A 29 8.81 11.41 1.29
CA GLY A 29 7.94 11.07 0.18
C GLY A 29 7.60 9.59 0.13
N HIS A 30 8.31 8.82 0.96
CA HIS A 30 8.09 7.39 1.03
C HIS A 30 8.59 6.84 2.36
N LEU A 31 8.03 5.73 2.77
CA LEU A 31 8.52 5.02 3.94
C LEU A 31 9.26 3.77 3.47
N THR A 32 10.27 3.36 4.20
CA THR A 32 11.01 2.17 3.85
C THR A 32 10.51 0.97 4.66
N GLY A 33 11.10 -0.20 4.41
CA GLY A 33 10.69 -1.42 5.09
C GLY A 33 10.49 -1.24 6.59
N PRO A 34 11.57 -0.93 7.35
CA PRO A 34 11.48 -0.77 8.80
C PRO A 34 10.46 0.29 9.24
N GLN A 35 10.50 1.46 8.60
CA GLN A 35 9.62 2.57 8.99
C GLN A 35 8.16 2.22 8.75
N ALA A 36 7.88 1.62 7.59
CA ALA A 36 6.53 1.20 7.26
C ALA A 36 6.05 0.11 8.22
N ARG A 37 6.94 -0.85 8.47
CA ARG A 37 6.63 -1.98 9.37
C ARG A 37 6.35 -1.50 10.79
N THR A 38 6.98 -0.39 11.17
CA THR A 38 6.79 0.17 12.49
C THR A 38 5.33 0.56 12.72
N ILE A 39 4.76 1.26 11.74
CA ILE A 39 3.38 1.71 11.84
C ILE A 39 2.43 0.52 11.65
N LEU A 40 2.82 -0.40 10.76
CA LEU A 40 2.05 -1.63 10.54
C LEU A 40 1.95 -2.44 11.84
N MET A 41 3.04 -2.41 12.61
CA MET A 41 3.13 -3.15 13.87
C MET A 41 2.18 -2.57 14.91
N GLN A 42 1.86 -1.28 14.77
CA GLN A 42 0.99 -0.60 15.73
C GLN A 42 -0.46 -0.96 15.50
N SER A 43 -0.75 -1.65 14.39
CA SER A 43 -2.10 -2.10 14.10
C SER A 43 -2.45 -3.31 14.97
N SER A 44 -1.42 -3.91 15.58
CA SER A 44 -1.58 -5.06 16.47
C SER A 44 -1.98 -6.30 15.69
N LEU A 45 -1.71 -6.30 14.40
CA LEU A 45 -1.96 -7.47 13.56
C LEU A 45 -0.72 -8.36 13.51
N PRO A 46 -0.91 -9.68 13.36
CA PRO A 46 0.19 -10.64 13.31
C PRO A 46 1.01 -10.51 12.02
N GLN A 47 2.24 -11.00 12.06
CA GLN A 47 3.15 -10.90 10.92
C GLN A 47 2.59 -11.64 9.71
N ALA A 48 1.87 -12.72 9.95
CA ALA A 48 1.24 -13.48 8.88
C ALA A 48 0.34 -12.57 8.03
N GLN A 49 -0.44 -11.72 8.70
CA GLN A 49 -1.30 -10.77 8.01
C GLN A 49 -0.48 -9.65 7.40
N LEU A 50 0.49 -9.16 8.17
CA LEU A 50 1.33 -8.05 7.76
C LEU A 50 2.10 -8.37 6.48
N ALA A 51 2.61 -9.60 6.39
CA ALA A 51 3.37 -10.01 5.20
C ALA A 51 2.46 -10.05 3.97
N SER A 52 1.25 -10.55 4.15
CA SER A 52 0.28 -10.62 3.07
C SER A 52 -0.06 -9.21 2.59
N ILE A 53 -0.30 -8.30 3.54
CA ILE A 53 -0.60 -6.92 3.23
C ILE A 53 0.60 -6.25 2.54
N TRP A 54 1.79 -6.46 3.10
CA TRP A 54 3.01 -5.90 2.53
C TRP A 54 3.21 -6.36 1.10
N ASN A 55 3.12 -7.67 0.91
CA ASN A 55 3.35 -8.27 -0.40
C ASN A 55 2.35 -7.73 -1.42
N LEU A 56 1.13 -7.48 -0.95
CA LEU A 56 0.07 -6.92 -1.77
C LEU A 56 0.28 -5.43 -2.03
N SER A 57 0.75 -4.72 -1.01
CA SER A 57 0.86 -3.27 -1.07
C SER A 57 2.03 -2.82 -1.95
N ASP A 58 3.23 -3.31 -1.66
CA ASP A 58 4.42 -2.89 -2.39
C ASP A 58 4.28 -3.25 -3.86
N ILE A 59 4.33 -2.24 -4.73
CA ILE A 59 4.09 -2.42 -6.14
C ILE A 59 5.17 -3.27 -6.81
N ASP A 60 6.41 -3.14 -6.35
CA ASP A 60 7.54 -3.79 -7.01
C ASP A 60 8.25 -4.77 -6.08
N GLN A 61 7.82 -4.77 -4.82
CA GLN A 61 8.45 -5.57 -3.76
C GLN A 61 9.84 -5.04 -3.47
N ASP A 62 9.97 -3.73 -3.62
CA ASP A 62 11.27 -3.06 -3.45
C ASP A 62 11.60 -2.90 -1.98
N GLY A 63 10.58 -2.69 -1.18
CA GLY A 63 10.77 -2.43 0.22
C GLY A 63 10.49 -0.98 0.55
N LYS A 64 9.53 -0.39 -0.16
CA LYS A 64 9.12 0.98 0.09
C LYS A 64 7.60 1.09 0.06
N LEU A 65 7.08 2.02 0.85
CA LEU A 65 5.67 2.36 0.83
C LEU A 65 5.53 3.87 0.75
N THR A 66 5.16 4.38 -0.41
CA THR A 66 4.91 5.81 -0.56
C THR A 66 3.60 6.18 0.13
N ALA A 67 3.21 7.45 0.03
CA ALA A 67 2.00 7.93 0.68
C ALA A 67 0.77 7.13 0.26
N GLU A 68 0.58 7.02 -1.04
CA GLU A 68 -0.59 6.33 -1.59
C GLU A 68 -0.52 4.83 -1.35
N GLU A 69 0.68 4.28 -1.25
CA GLU A 69 0.85 2.85 -0.97
C GLU A 69 0.51 2.57 0.49
N PHE A 70 0.89 3.50 1.35
CA PHE A 70 0.54 3.45 2.76
C PHE A 70 -0.99 3.41 2.92
N ILE A 71 -1.67 4.21 2.10
CA ILE A 71 -3.13 4.23 2.08
C ILE A 71 -3.68 2.85 1.71
N LEU A 72 -3.09 2.26 0.67
CA LEU A 72 -3.48 0.93 0.21
C LEU A 72 -3.30 -0.11 1.33
N ALA A 73 -2.14 -0.06 1.96
CA ALA A 73 -1.82 -0.96 3.07
C ALA A 73 -2.84 -0.81 4.20
N MET A 74 -3.15 0.43 4.56
CA MET A 74 -4.11 0.71 5.61
C MET A 74 -5.50 0.24 5.22
N HIS A 75 -5.82 0.31 3.93
CA HIS A 75 -7.11 -0.19 3.45
C HIS A 75 -7.19 -1.70 3.63
N LEU A 76 -6.06 -2.37 3.40
CA LEU A 76 -5.99 -3.81 3.59
C LEU A 76 -6.06 -4.15 5.08
N ILE A 77 -5.43 -3.32 5.90
CA ILE A 77 -5.50 -3.45 7.35
C ILE A 77 -6.94 -3.29 7.81
N ASP A 78 -7.62 -2.28 7.27
CA ASP A 78 -9.02 -2.01 7.56
C ASP A 78 -9.89 -3.23 7.23
N VAL A 79 -9.63 -3.83 6.06
CA VAL A 79 -10.32 -5.05 5.65
C VAL A 79 -10.03 -6.19 6.62
N ALA A 80 -8.75 -6.34 6.98
CA ALA A 80 -8.32 -7.38 7.90
C ALA A 80 -8.90 -7.17 9.30
N MET A 81 -9.07 -5.90 9.68
CA MET A 81 -9.66 -5.55 10.96
C MET A 81 -11.10 -6.04 11.08
N SER A 82 -11.81 -6.02 9.96
CA SER A 82 -13.18 -6.53 9.93
C SER A 82 -13.20 -8.04 9.71
N GLY A 83 -12.04 -8.66 9.80
CA GLY A 83 -11.93 -10.10 9.71
C GLY A 83 -12.21 -10.63 8.32
N GLN A 84 -12.02 -9.78 7.32
CA GLN A 84 -12.25 -10.18 5.94
C GLN A 84 -10.96 -10.68 5.31
N PRO A 85 -11.05 -11.70 4.45
CA PRO A 85 -9.87 -12.34 3.84
C PRO A 85 -9.20 -11.47 2.78
N LEU A 86 -7.89 -11.58 2.69
CA LEU A 86 -7.12 -10.83 1.70
C LEU A 86 -6.90 -11.69 0.46
N PRO A 87 -6.94 -11.06 -0.73
CA PRO A 87 -6.75 -11.78 -2.00
C PRO A 87 -5.28 -12.06 -2.30
N PRO A 88 -5.01 -13.09 -3.14
CA PRO A 88 -3.65 -13.40 -3.58
C PRO A 88 -3.18 -12.42 -4.64
N VAL A 89 -4.13 -11.96 -5.46
CA VAL A 89 -3.85 -10.98 -6.49
C VAL A 89 -4.78 -9.80 -6.29
N LEU A 90 -4.32 -8.61 -6.66
CA LEU A 90 -5.12 -7.41 -6.45
C LEU A 90 -5.78 -7.00 -7.76
N PRO A 91 -7.05 -6.56 -7.70
CA PRO A 91 -7.76 -6.06 -8.87
C PRO A 91 -7.36 -4.62 -9.20
N PRO A 92 -7.48 -4.22 -10.49
CA PRO A 92 -7.07 -2.90 -10.96
C PRO A 92 -7.74 -1.74 -10.22
N GLU A 93 -8.95 -1.96 -9.72
CA GLU A 93 -9.68 -0.91 -9.02
C GLU A 93 -8.99 -0.56 -7.70
N TYR A 94 -8.29 -1.52 -7.13
CA TYR A 94 -7.62 -1.33 -5.85
C TYR A 94 -6.16 -0.95 -6.04
N ILE A 95 -5.66 -1.14 -7.25
CA ILE A 95 -4.29 -0.78 -7.59
C ILE A 95 -4.19 0.73 -7.79
N PRO A 96 -3.25 1.39 -7.11
CA PRO A 96 -3.07 2.84 -7.22
C PRO A 96 -2.82 3.28 -8.67
N PRO A 97 -3.19 4.51 -9.01
CA PRO A 97 -3.03 5.04 -10.37
C PRO A 97 -1.57 5.26 -10.74
N SER A 98 -1.30 5.29 -12.05
CA SER A 98 0.04 5.55 -12.58
C SER A 98 0.98 4.36 -12.39
N PHE A 99 1.10 3.89 -11.15
CA PHE A 99 2.00 2.78 -10.83
C PHE A 99 1.63 1.51 -11.58
N ARG A 100 0.43 1.49 -12.14
CA ARG A 100 -0.08 0.33 -12.85
C ARG A 100 0.74 0.03 -14.11
N ARG A 101 0.85 1.02 -15.00
CA ARG A 101 1.50 0.80 -16.29
C ARG A 101 2.46 1.94 -16.65
N VAL A 102 3.43 2.17 -15.79
CA VAL A 102 4.55 3.07 -16.12
C VAL A 102 5.84 2.28 -16.17
N ARG A 103 5.71 0.97 -16.12
CA ARG A 103 6.84 0.07 -16.13
C ARG A 103 7.21 -0.32 -17.56
N LEU A 104 8.46 -0.07 -17.92
CA LEU A 104 8.93 -0.37 -19.27
C LEU A 104 10.00 -1.45 -19.20
N GLU A 105 9.57 -2.69 -19.38
CA GLU A 105 10.46 -3.84 -19.29
C GLU A 105 10.33 -4.72 -20.52
N HIS A 106 11.39 -4.80 -21.30
CA HIS A 106 11.39 -5.61 -22.52
C HIS A 106 12.72 -6.37 -22.64
N HIS A 107 13.52 -6.30 -21.58
CA HIS A 107 14.79 -7.01 -21.50
C HIS A 107 14.56 -8.51 -21.72
N HIS A 108 15.08 -9.03 -22.82
CA HIS A 108 14.81 -10.42 -23.20
C HIS A 108 16.03 -11.06 -23.85
N HIS A 109 16.00 -12.38 -23.94
CA HIS A 109 17.00 -13.14 -24.68
C HIS A 109 16.31 -13.98 -25.74
N HIS A 110 17.08 -14.55 -26.66
CA HIS A 110 16.57 -15.43 -27.73
C HIS A 110 15.70 -14.69 -28.75
N HIS A 111 15.70 -15.21 -29.96
CA HIS A 111 14.78 -14.75 -31.00
C HIS A 111 14.67 -15.83 -32.07
N PRO A 1 -14.23 16.01 -6.43
CA PRO A 1 -13.29 15.03 -5.85
C PRO A 1 -13.28 13.75 -6.69
N PRO A 2 -12.15 13.03 -6.71
CA PRO A 2 -12.00 11.80 -7.49
C PRO A 2 -13.07 10.76 -7.18
N VAL A 3 -13.91 10.47 -8.16
CA VAL A 3 -14.97 9.48 -7.99
C VAL A 3 -14.63 8.20 -8.75
N ALA A 4 -14.58 7.09 -8.01
CA ALA A 4 -14.36 5.76 -8.59
C ALA A 4 -12.93 5.57 -9.12
N GLU A 5 -12.08 6.57 -8.91
CA GLU A 5 -10.68 6.45 -9.28
C GLU A 5 -9.89 6.01 -8.06
N TRP A 6 -9.47 4.74 -8.06
CA TRP A 6 -8.84 4.08 -6.92
C TRP A 6 -9.90 3.83 -5.83
N ALA A 7 -10.16 2.55 -5.58
CA ALA A 7 -11.30 2.13 -4.77
C ALA A 7 -11.28 2.67 -3.33
N VAL A 8 -10.08 2.91 -2.80
CA VAL A 8 -9.97 3.42 -1.43
C VAL A 8 -10.61 4.81 -1.32
N PRO A 9 -11.60 4.95 -0.43
CA PRO A 9 -12.34 6.20 -0.25
C PRO A 9 -11.42 7.39 -0.02
N GLN A 10 -11.71 8.48 -0.71
CA GLN A 10 -10.90 9.70 -0.67
C GLN A 10 -10.63 10.16 0.77
N SER A 11 -11.67 10.22 1.59
CA SER A 11 -11.54 10.69 2.96
C SER A 11 -10.56 9.83 3.73
N SER A 12 -10.67 8.53 3.57
CA SER A 12 -9.80 7.60 4.26
C SER A 12 -8.38 7.67 3.71
N ARG A 13 -8.25 7.77 2.39
CA ARG A 13 -6.94 7.73 1.77
C ARG A 13 -6.18 9.03 2.01
N LEU A 14 -6.90 10.13 2.14
CA LEU A 14 -6.29 11.40 2.51
C LEU A 14 -5.77 11.33 3.95
N LYS A 15 -6.50 10.62 4.78
CA LYS A 15 -6.10 10.38 6.16
C LYS A 15 -4.77 9.63 6.23
N TYR A 16 -4.62 8.57 5.43
CA TYR A 16 -3.39 7.80 5.45
C TYR A 16 -2.28 8.56 4.72
N ARG A 17 -2.65 9.41 3.77
CA ARG A 17 -1.67 10.26 3.09
C ARG A 17 -1.08 11.23 4.10
N GLN A 18 -1.87 11.53 5.11
CA GLN A 18 -1.50 12.45 6.17
C GLN A 18 -0.57 11.82 7.20
N LEU A 19 -0.48 10.51 7.13
CA LEU A 19 0.24 9.71 8.12
C LEU A 19 0.73 8.41 7.52
N PHE A 20 1.19 8.39 6.28
CA PHE A 20 2.37 9.10 5.72
C PHE A 20 2.71 10.49 6.25
N ASN A 21 2.02 11.53 5.79
CA ASN A 21 2.57 12.90 5.76
C ASN A 21 3.25 13.34 7.07
N SER A 22 2.60 13.12 8.21
CA SER A 22 3.14 13.56 9.49
C SER A 22 4.45 12.84 9.84
N HIS A 23 4.65 11.65 9.28
CA HIS A 23 5.85 10.87 9.58
C HIS A 23 6.96 11.18 8.57
N ASP A 24 6.61 11.87 7.50
CA ASP A 24 7.59 12.25 6.49
C ASP A 24 8.13 13.64 6.76
N LYS A 25 9.39 13.85 6.45
CA LYS A 25 10.03 15.14 6.64
C LYS A 25 9.83 16.01 5.40
N THR A 26 8.72 15.74 4.69
CA THR A 26 8.29 16.50 3.51
C THR A 26 9.41 16.63 2.46
N MET A 27 10.21 15.59 2.32
CA MET A 27 11.28 15.59 1.32
C MET A 27 11.68 14.18 0.92
N SER A 28 10.90 13.18 1.32
CA SER A 28 11.23 11.80 1.01
C SER A 28 10.37 11.29 -0.14
N GLY A 29 9.06 11.44 -0.02
CA GLY A 29 8.15 10.95 -1.03
C GLY A 29 7.78 9.49 -0.81
N HIS A 30 8.53 8.83 0.07
CA HIS A 30 8.29 7.44 0.41
C HIS A 30 8.84 7.13 1.79
N LEU A 31 8.22 6.19 2.45
CA LEU A 31 8.71 5.72 3.74
C LEU A 31 9.53 4.46 3.53
N THR A 32 10.55 4.28 4.35
CA THR A 32 11.42 3.12 4.24
C THR A 32 10.72 1.88 4.76
N GLY A 33 11.29 0.72 4.44
CA GLY A 33 10.80 -0.55 4.95
C GLY A 33 10.56 -0.51 6.44
N PRO A 34 11.62 -0.29 7.25
CA PRO A 34 11.51 -0.20 8.71
C PRO A 34 10.44 0.80 9.15
N GLN A 35 10.43 1.99 8.55
CA GLN A 35 9.43 3.01 8.88
C GLN A 35 8.02 2.49 8.64
N ALA A 36 7.78 1.97 7.44
CA ALA A 36 6.49 1.40 7.09
C ALA A 36 6.10 0.30 8.05
N ARG A 37 7.04 -0.60 8.31
CA ARG A 37 6.79 -1.76 9.16
C ARG A 37 6.56 -1.35 10.62
N THR A 38 7.29 -0.35 11.07
CA THR A 38 7.16 0.13 12.44
C THR A 38 5.74 0.67 12.67
N ILE A 39 5.21 1.38 11.69
CA ILE A 39 3.85 1.89 11.76
C ILE A 39 2.85 0.74 11.64
N LEU A 40 3.17 -0.22 10.78
CA LEU A 40 2.34 -1.41 10.59
C LEU A 40 2.22 -2.20 11.90
N MET A 41 3.34 -2.36 12.60
CA MET A 41 3.37 -3.10 13.87
C MET A 41 2.45 -2.44 14.91
N GLN A 42 2.21 -1.15 14.75
CA GLN A 42 1.42 -0.39 15.74
C GLN A 42 -0.05 -0.79 15.71
N SER A 43 -0.44 -1.57 14.71
CA SER A 43 -1.81 -2.05 14.62
C SER A 43 -2.04 -3.19 15.60
N SER A 44 -0.93 -3.76 16.09
CA SER A 44 -0.97 -4.89 17.01
C SER A 44 -1.48 -6.15 16.33
N LEU A 45 -1.56 -6.11 15.00
CA LEU A 45 -1.98 -7.25 14.22
C LEU A 45 -0.83 -8.22 14.03
N PRO A 46 -1.11 -9.53 13.95
CA PRO A 46 -0.09 -10.56 13.83
C PRO A 46 0.68 -10.48 12.51
N GLN A 47 1.90 -11.01 12.51
CA GLN A 47 2.79 -10.98 11.36
C GLN A 47 2.14 -11.67 10.17
N ALA A 48 1.29 -12.67 10.46
CA ALA A 48 0.56 -13.38 9.42
C ALA A 48 -0.27 -12.42 8.57
N GLN A 49 -0.92 -11.48 9.24
CA GLN A 49 -1.73 -10.47 8.57
C GLN A 49 -0.81 -9.45 7.90
N LEU A 50 0.20 -9.02 8.64
CA LEU A 50 1.14 -8.02 8.19
C LEU A 50 1.85 -8.44 6.91
N ALA A 51 2.31 -9.69 6.87
CA ALA A 51 3.02 -10.22 5.71
C ALA A 51 2.11 -10.22 4.48
N SER A 52 0.86 -10.57 4.68
CA SER A 52 -0.12 -10.61 3.61
C SER A 52 -0.36 -9.20 3.08
N ILE A 53 -0.58 -8.26 3.99
CA ILE A 53 -0.81 -6.87 3.62
C ILE A 53 0.40 -6.28 2.92
N TRP A 54 1.59 -6.58 3.42
CA TRP A 54 2.82 -6.09 2.81
C TRP A 54 2.95 -6.59 1.38
N ASN A 55 2.77 -7.89 1.20
CA ASN A 55 2.89 -8.50 -0.13
C ASN A 55 1.87 -7.90 -1.09
N LEU A 56 0.70 -7.55 -0.55
CA LEU A 56 -0.35 -6.91 -1.33
C LEU A 56 0.00 -5.45 -1.63
N SER A 57 0.61 -4.78 -0.66
CA SER A 57 0.89 -3.35 -0.75
C SER A 57 2.11 -3.06 -1.62
N ASP A 58 3.17 -3.85 -1.45
CA ASP A 58 4.40 -3.64 -2.20
C ASP A 58 4.28 -4.27 -3.59
N ILE A 59 3.99 -3.44 -4.58
CA ILE A 59 3.66 -3.90 -5.93
C ILE A 59 4.91 -4.37 -6.68
N ASP A 60 6.06 -3.84 -6.31
CA ASP A 60 7.31 -4.11 -7.02
C ASP A 60 8.28 -4.81 -6.09
N GLN A 61 7.79 -5.13 -4.89
CA GLN A 61 8.59 -5.70 -3.83
C GLN A 61 9.91 -4.95 -3.67
N ASP A 62 9.80 -3.62 -3.65
CA ASP A 62 10.98 -2.77 -3.59
C ASP A 62 11.41 -2.56 -2.15
N GLY A 63 10.50 -2.79 -1.23
CA GLY A 63 10.82 -2.66 0.18
C GLY A 63 10.63 -1.25 0.70
N LYS A 64 9.87 -0.46 -0.04
CA LYS A 64 9.58 0.91 0.34
C LYS A 64 8.12 1.20 0.08
N LEU A 65 7.54 2.10 0.85
CA LEU A 65 6.15 2.47 0.66
C LEU A 65 6.01 3.96 0.42
N THR A 66 5.67 4.34 -0.81
CA THR A 66 5.37 5.73 -1.13
C THR A 66 4.04 6.13 -0.51
N ALA A 67 3.57 7.33 -0.79
CA ALA A 67 2.31 7.81 -0.24
C ALA A 67 1.17 6.88 -0.66
N GLU A 68 1.03 6.67 -1.96
CA GLU A 68 -0.05 5.84 -2.50
C GLU A 68 0.05 4.40 -2.00
N GLU A 69 1.26 3.90 -1.86
CA GLU A 69 1.47 2.52 -1.42
C GLU A 69 1.13 2.37 0.05
N PHE A 70 1.57 3.33 0.84
CA PHE A 70 1.30 3.33 2.27
C PHE A 70 -0.20 3.47 2.53
N ILE A 71 -0.87 4.26 1.70
CA ILE A 71 -2.32 4.43 1.77
C ILE A 71 -3.02 3.08 1.65
N LEU A 72 -2.58 2.28 0.69
CA LEU A 72 -3.14 0.96 0.47
C LEU A 72 -2.94 0.07 1.70
N ALA A 73 -1.72 0.05 2.22
CA ALA A 73 -1.38 -0.75 3.39
C ALA A 73 -2.24 -0.38 4.60
N MET A 74 -2.32 0.91 4.90
CA MET A 74 -3.09 1.38 6.05
C MET A 74 -4.57 1.06 5.89
N HIS A 75 -5.06 1.09 4.65
CA HIS A 75 -6.45 0.80 4.40
C HIS A 75 -6.74 -0.67 4.66
N LEU A 76 -5.80 -1.53 4.26
CA LEU A 76 -5.91 -2.96 4.53
C LEU A 76 -5.89 -3.22 6.04
N ILE A 77 -5.08 -2.45 6.74
CA ILE A 77 -5.03 -2.50 8.20
C ILE A 77 -6.39 -2.17 8.80
N ASP A 78 -6.97 -1.05 8.37
CA ASP A 78 -8.27 -0.60 8.88
C ASP A 78 -9.34 -1.66 8.66
N VAL A 79 -9.33 -2.26 7.48
CA VAL A 79 -10.28 -3.33 7.14
C VAL A 79 -10.07 -4.55 8.05
N ALA A 80 -8.81 -4.97 8.19
CA ALA A 80 -8.48 -6.11 9.04
C ALA A 80 -8.75 -5.80 10.51
N MET A 81 -8.68 -4.53 10.87
CA MET A 81 -8.97 -4.07 12.22
C MET A 81 -10.44 -4.25 12.56
N SER A 82 -11.28 -4.29 11.53
CA SER A 82 -12.71 -4.48 11.72
C SER A 82 -13.03 -5.98 11.76
N GLY A 83 -12.00 -6.81 11.61
CA GLY A 83 -12.17 -8.24 11.70
C GLY A 83 -12.43 -8.89 10.36
N GLN A 84 -12.31 -8.12 9.29
CA GLN A 84 -12.53 -8.63 7.95
C GLN A 84 -11.35 -9.48 7.49
N PRO A 85 -11.62 -10.56 6.73
CA PRO A 85 -10.59 -11.43 6.20
C PRO A 85 -9.83 -10.80 5.05
N LEU A 86 -8.52 -10.89 5.09
CA LEU A 86 -7.67 -10.35 4.04
C LEU A 86 -7.61 -11.30 2.85
N PRO A 87 -7.57 -10.76 1.63
CA PRO A 87 -7.47 -11.56 0.42
C PRO A 87 -6.02 -11.95 0.11
N PRO A 88 -5.84 -13.06 -0.60
CA PRO A 88 -4.52 -13.52 -1.03
C PRO A 88 -4.00 -12.69 -2.20
N VAL A 89 -4.94 -12.20 -3.00
CA VAL A 89 -4.63 -11.35 -4.13
C VAL A 89 -5.48 -10.08 -4.05
N LEU A 90 -4.98 -8.98 -4.58
CA LEU A 90 -5.67 -7.71 -4.50
C LEU A 90 -6.41 -7.44 -5.81
N PRO A 91 -7.62 -6.86 -5.74
CA PRO A 91 -8.38 -6.45 -6.93
C PRO A 91 -7.77 -5.23 -7.61
N PRO A 92 -7.97 -5.08 -8.92
CA PRO A 92 -7.37 -3.99 -9.72
C PRO A 92 -7.82 -2.61 -9.26
N GLU A 93 -9.01 -2.54 -8.70
CA GLU A 93 -9.58 -1.26 -8.26
C GLU A 93 -8.77 -0.67 -7.11
N TYR A 94 -8.12 -1.54 -6.35
CA TYR A 94 -7.35 -1.10 -5.19
C TYR A 94 -5.89 -0.86 -5.56
N ILE A 95 -5.53 -1.17 -6.80
CA ILE A 95 -4.17 -0.98 -7.27
C ILE A 95 -3.97 0.44 -7.77
N PRO A 96 -2.97 1.16 -7.24
CA PRO A 96 -2.66 2.53 -7.66
C PRO A 96 -2.25 2.61 -9.13
N PRO A 97 -2.46 3.77 -9.77
CA PRO A 97 -2.10 3.99 -11.16
C PRO A 97 -0.60 3.83 -11.40
N SER A 98 -0.24 3.54 -12.66
CA SER A 98 1.15 3.37 -13.08
C SER A 98 1.72 2.02 -12.61
N PHE A 99 1.19 1.50 -11.51
CA PHE A 99 1.57 0.19 -11.01
C PHE A 99 0.66 -0.88 -11.60
N ARG A 100 -0.30 -0.45 -12.40
CA ARG A 100 -1.26 -1.36 -13.01
C ARG A 100 -0.68 -2.00 -14.26
N ARG A 101 -0.07 -1.18 -15.12
CA ARG A 101 0.56 -1.67 -16.35
C ARG A 101 1.52 -0.62 -16.90
N VAL A 102 2.59 -1.10 -17.55
CA VAL A 102 3.58 -0.24 -18.19
C VAL A 102 4.41 0.51 -17.14
N ARG A 103 5.52 -0.09 -16.74
CA ARG A 103 6.39 0.52 -15.74
C ARG A 103 7.44 1.41 -16.41
N LEU A 104 7.95 0.98 -17.55
CA LEU A 104 8.96 1.76 -18.24
C LEU A 104 8.82 1.65 -19.76
N GLU A 105 8.59 0.43 -20.25
CA GLU A 105 8.57 0.15 -21.68
C GLU A 105 9.89 0.54 -22.35
N HIS A 106 10.70 -0.46 -22.65
CA HIS A 106 12.01 -0.21 -23.25
C HIS A 106 11.98 -0.56 -24.74
N HIS A 107 10.79 -0.68 -25.29
CA HIS A 107 10.63 -0.96 -26.72
C HIS A 107 10.08 0.24 -27.45
N HIS A 108 10.92 0.86 -28.27
CA HIS A 108 10.47 1.92 -29.17
C HIS A 108 9.67 1.28 -30.29
N HIS A 109 8.36 1.44 -30.24
CA HIS A 109 7.46 0.70 -31.12
C HIS A 109 7.48 1.27 -32.54
N HIS A 110 8.15 0.57 -33.43
CA HIS A 110 8.12 0.89 -34.84
C HIS A 110 7.19 -0.08 -35.54
N HIS A 111 7.01 0.07 -36.85
CA HIS A 111 6.13 -0.83 -37.58
C HIS A 111 6.89 -2.08 -38.01
N PRO A 1 -19.05 -2.56 -10.78
CA PRO A 1 -18.21 -2.33 -11.97
C PRO A 1 -17.22 -1.19 -11.73
N PRO A 2 -15.98 -1.34 -12.23
CA PRO A 2 -14.96 -0.30 -12.13
C PRO A 2 -15.32 0.94 -12.95
N VAL A 3 -15.26 2.10 -12.31
CA VAL A 3 -15.62 3.34 -12.96
C VAL A 3 -14.38 4.23 -13.10
N ALA A 4 -13.23 3.60 -12.93
CA ALA A 4 -11.93 4.25 -13.03
C ALA A 4 -11.72 5.25 -11.88
N GLU A 5 -11.36 4.71 -10.73
CA GLU A 5 -11.05 5.51 -9.55
C GLU A 5 -10.45 4.60 -8.49
N TRP A 6 -9.71 5.17 -7.56
CA TRP A 6 -9.10 4.41 -6.49
C TRP A 6 -10.21 3.94 -5.55
N ALA A 7 -10.25 2.63 -5.29
CA ALA A 7 -11.34 2.00 -4.55
C ALA A 7 -11.26 2.27 -3.04
N VAL A 8 -10.72 3.42 -2.68
CA VAL A 8 -10.68 3.86 -1.30
C VAL A 8 -11.36 5.22 -1.18
N PRO A 9 -12.26 5.38 -0.18
CA PRO A 9 -13.01 6.64 0.03
C PRO A 9 -12.09 7.86 0.14
N GLN A 10 -12.57 9.00 -0.34
CA GLN A 10 -11.76 10.21 -0.41
C GLN A 10 -11.32 10.66 0.99
N SER A 11 -12.25 10.60 1.94
CA SER A 11 -11.95 10.96 3.32
C SER A 11 -10.85 10.05 3.87
N SER A 12 -10.90 8.79 3.49
CA SER A 12 -9.91 7.83 3.93
C SER A 12 -8.56 8.09 3.26
N ARG A 13 -8.60 8.45 1.97
CA ARG A 13 -7.39 8.82 1.24
C ARG A 13 -6.64 9.92 1.96
N LEU A 14 -7.36 10.97 2.30
CA LEU A 14 -6.81 12.10 3.05
C LEU A 14 -6.31 11.66 4.42
N LYS A 15 -7.06 10.77 5.05
CA LYS A 15 -6.75 10.27 6.38
C LYS A 15 -5.37 9.59 6.43
N TYR A 16 -5.11 8.70 5.48
CA TYR A 16 -3.84 7.98 5.48
C TYR A 16 -2.76 8.82 4.81
N ARG A 17 -3.16 9.71 3.92
CA ARG A 17 -2.22 10.61 3.27
C ARG A 17 -1.70 11.62 4.29
N GLN A 18 -2.51 11.83 5.33
CA GLN A 18 -2.16 12.69 6.46
C GLN A 18 -1.11 12.06 7.36
N LEU A 19 -0.91 10.77 7.16
CA LEU A 19 -0.09 9.94 8.04
C LEU A 19 0.43 8.76 7.27
N PHE A 20 0.91 8.93 6.05
CA PHE A 20 2.05 9.81 5.65
C PHE A 20 2.22 11.19 6.27
N ASN A 21 1.43 12.18 5.84
CA ASN A 21 1.86 13.61 5.85
C ASN A 21 2.51 14.09 7.16
N SER A 22 2.06 13.63 8.32
CA SER A 22 2.70 14.00 9.59
C SER A 22 4.19 13.61 9.60
N HIS A 23 4.56 12.62 8.80
CA HIS A 23 5.92 12.13 8.72
C HIS A 23 6.64 12.66 7.48
N ASP A 24 5.87 13.23 6.56
CA ASP A 24 6.42 13.73 5.31
C ASP A 24 7.01 15.12 5.49
N LYS A 25 8.24 15.28 5.03
CA LYS A 25 8.94 16.56 5.12
C LYS A 25 10.10 16.60 4.13
N THR A 26 10.05 15.74 3.12
CA THR A 26 11.13 15.61 2.18
C THR A 26 10.56 15.60 0.75
N MET A 27 11.42 15.37 -0.22
CA MET A 27 11.00 15.34 -1.61
C MET A 27 10.80 13.90 -2.05
N SER A 28 9.61 13.62 -2.57
CA SER A 28 9.21 12.30 -3.03
C SER A 28 8.91 11.43 -1.82
N GLY A 29 7.67 11.56 -1.35
CA GLY A 29 7.24 10.89 -0.15
C GLY A 29 7.27 9.38 -0.27
N HIS A 30 8.43 8.81 -0.06
CA HIS A 30 8.56 7.36 0.11
C HIS A 30 9.28 7.03 1.41
N LEU A 31 8.77 6.01 2.09
CA LEU A 31 9.37 5.57 3.35
C LEU A 31 10.18 4.30 3.13
N THR A 32 11.08 4.00 4.05
CA THR A 32 11.93 2.84 3.94
C THR A 32 11.25 1.60 4.50
N GLY A 33 11.90 0.46 4.35
CA GLY A 33 11.37 -0.80 4.84
C GLY A 33 11.01 -0.75 6.32
N PRO A 34 12.01 -0.55 7.20
CA PRO A 34 11.78 -0.45 8.65
C PRO A 34 10.73 0.60 9.01
N GLN A 35 10.77 1.75 8.35
CA GLN A 35 9.79 2.81 8.59
C GLN A 35 8.38 2.30 8.40
N ALA A 36 8.13 1.71 7.24
CA ALA A 36 6.83 1.14 6.91
C ALA A 36 6.44 0.05 7.91
N ARG A 37 7.37 -0.89 8.13
CA ARG A 37 7.11 -2.05 8.98
C ARG A 37 6.84 -1.66 10.43
N THR A 38 7.49 -0.59 10.88
CA THR A 38 7.32 -0.12 12.24
C THR A 38 5.90 0.42 12.44
N ILE A 39 5.43 1.24 11.51
CA ILE A 39 4.09 1.80 11.59
C ILE A 39 3.05 0.70 11.42
N LEU A 40 3.35 -0.25 10.54
CA LEU A 40 2.49 -1.40 10.30
C LEU A 40 2.22 -2.17 11.59
N MET A 41 3.28 -2.40 12.37
CA MET A 41 3.17 -3.18 13.59
C MET A 41 2.46 -2.38 14.70
N GLN A 42 2.57 -1.06 14.65
CA GLN A 42 2.01 -0.23 15.70
C GLN A 42 0.52 -0.02 15.55
N SER A 43 -0.09 -0.72 14.61
CA SER A 43 -1.54 -0.66 14.47
C SER A 43 -2.20 -1.56 15.50
N SER A 44 -2.35 -2.84 15.17
CA SER A 44 -2.98 -3.86 16.04
C SER A 44 -2.91 -5.25 15.43
N LEU A 45 -2.14 -5.42 14.35
CA LEU A 45 -2.19 -6.64 13.57
C LEU A 45 -0.97 -7.50 13.81
N PRO A 46 -1.14 -8.82 13.78
CA PRO A 46 -0.05 -9.78 13.95
C PRO A 46 0.77 -9.96 12.68
N GLN A 47 1.89 -10.66 12.81
CA GLN A 47 2.83 -10.89 11.70
C GLN A 47 2.14 -11.56 10.51
N ALA A 48 1.15 -12.39 10.79
CA ALA A 48 0.41 -13.09 9.74
C ALA A 48 -0.23 -12.10 8.76
N GLN A 49 -0.91 -11.09 9.30
CA GLN A 49 -1.51 -10.06 8.48
C GLN A 49 -0.44 -9.14 7.92
N LEU A 50 0.56 -8.82 8.73
CA LEU A 50 1.62 -7.93 8.32
C LEU A 50 2.35 -8.45 7.09
N ALA A 51 2.59 -9.76 7.04
CA ALA A 51 3.24 -10.36 5.89
C ALA A 51 2.39 -10.22 4.64
N SER A 52 1.10 -10.49 4.77
CA SER A 52 0.19 -10.44 3.64
C SER A 52 0.02 -8.99 3.16
N ILE A 53 -0.12 -8.07 4.10
CA ILE A 53 -0.28 -6.66 3.77
C ILE A 53 0.99 -6.11 3.12
N TRP A 54 2.15 -6.46 3.66
CA TRP A 54 3.41 -6.06 3.05
C TRP A 54 3.51 -6.63 1.65
N ASN A 55 3.23 -7.92 1.54
CA ASN A 55 3.26 -8.63 0.27
C ASN A 55 2.41 -7.87 -0.76
N LEU A 56 1.26 -7.40 -0.31
CA LEU A 56 0.33 -6.64 -1.15
C LEU A 56 0.84 -5.23 -1.42
N SER A 57 1.38 -4.59 -0.39
CA SER A 57 1.74 -3.18 -0.44
C SER A 57 3.04 -2.93 -1.20
N ASP A 58 4.01 -3.83 -1.07
CA ASP A 58 5.28 -3.67 -1.77
C ASP A 58 5.10 -4.02 -3.24
N ILE A 59 4.67 -3.03 -4.02
CA ILE A 59 4.31 -3.25 -5.41
C ILE A 59 5.54 -3.49 -6.26
N ASP A 60 6.55 -2.67 -6.07
CA ASP A 60 7.76 -2.73 -6.89
C ASP A 60 8.78 -3.71 -6.29
N GLN A 61 8.32 -4.49 -5.30
CA GLN A 61 9.13 -5.52 -4.62
C GLN A 61 10.54 -5.00 -4.29
N ASP A 62 10.62 -3.75 -3.89
CA ASP A 62 11.89 -3.11 -3.64
C ASP A 62 12.07 -2.84 -2.15
N GLY A 63 11.01 -3.07 -1.38
CA GLY A 63 11.08 -2.91 0.05
C GLY A 63 10.99 -1.47 0.49
N LYS A 64 10.33 -0.65 -0.30
CA LYS A 64 10.12 0.76 0.02
C LYS A 64 8.69 1.13 -0.31
N LEU A 65 8.00 1.70 0.65
CA LEU A 65 6.61 2.06 0.46
C LEU A 65 6.46 3.55 0.18
N THR A 66 6.05 3.87 -1.04
CA THR A 66 5.78 5.24 -1.39
C THR A 66 4.46 5.70 -0.76
N ALA A 67 4.12 6.97 -0.93
CA ALA A 67 2.90 7.52 -0.34
C ALA A 67 1.68 6.70 -0.72
N GLU A 68 1.49 6.51 -2.01
CA GLU A 68 0.32 5.79 -2.53
C GLU A 68 0.29 4.34 -2.02
N GLU A 69 1.46 3.73 -1.88
CA GLU A 69 1.54 2.35 -1.41
C GLU A 69 1.24 2.28 0.08
N PHE A 70 1.81 3.21 0.83
CA PHE A 70 1.61 3.28 2.26
C PHE A 70 0.14 3.58 2.59
N ILE A 71 -0.48 4.46 1.81
CA ILE A 71 -1.90 4.75 1.96
C ILE A 71 -2.73 3.49 1.75
N LEU A 72 -2.37 2.72 0.72
CA LEU A 72 -3.00 1.45 0.44
C LEU A 72 -2.81 0.49 1.60
N ALA A 73 -1.57 0.41 2.10
CA ALA A 73 -1.24 -0.44 3.23
C ALA A 73 -2.07 -0.08 4.46
N MET A 74 -2.15 1.21 4.78
CA MET A 74 -2.94 1.67 5.91
C MET A 74 -4.40 1.28 5.77
N HIS A 75 -4.91 1.32 4.54
CA HIS A 75 -6.28 0.94 4.27
C HIS A 75 -6.46 -0.56 4.47
N LEU A 76 -5.46 -1.34 4.05
CA LEU A 76 -5.47 -2.78 4.25
C LEU A 76 -5.40 -3.11 5.73
N ILE A 77 -4.65 -2.29 6.46
CA ILE A 77 -4.54 -2.42 7.92
C ILE A 77 -5.92 -2.35 8.57
N ASP A 78 -6.68 -1.32 8.23
CA ASP A 78 -8.00 -1.10 8.82
C ASP A 78 -8.96 -2.23 8.47
N VAL A 79 -8.88 -2.72 7.25
CA VAL A 79 -9.70 -3.84 6.80
C VAL A 79 -9.39 -5.10 7.62
N ALA A 80 -8.11 -5.42 7.74
CA ALA A 80 -7.68 -6.59 8.50
C ALA A 80 -7.95 -6.38 10.00
N MET A 81 -7.83 -5.14 10.44
CA MET A 81 -8.13 -4.76 11.81
C MET A 81 -9.60 -5.04 12.13
N SER A 82 -10.44 -4.98 11.10
CA SER A 82 -11.86 -5.25 11.25
C SER A 82 -12.11 -6.77 11.28
N GLY A 83 -11.07 -7.54 10.94
CA GLY A 83 -11.18 -8.98 10.96
C GLY A 83 -11.44 -9.57 9.60
N GLN A 84 -11.40 -8.73 8.57
CA GLN A 84 -11.66 -9.18 7.22
C GLN A 84 -10.41 -9.79 6.60
N PRO A 85 -10.59 -10.85 5.78
CA PRO A 85 -9.47 -11.51 5.11
C PRO A 85 -9.00 -10.74 3.88
N LEU A 86 -7.72 -10.88 3.58
CA LEU A 86 -7.13 -10.20 2.43
C LEU A 86 -6.76 -11.21 1.35
N PRO A 87 -6.93 -10.84 0.07
CA PRO A 87 -6.58 -11.70 -1.06
C PRO A 87 -5.08 -11.76 -1.29
N PRO A 88 -4.59 -12.85 -1.91
CA PRO A 88 -3.17 -12.98 -2.27
C PRO A 88 -2.79 -12.04 -3.41
N VAL A 89 -3.76 -11.77 -4.27
CA VAL A 89 -3.58 -10.82 -5.36
C VAL A 89 -4.55 -9.66 -5.19
N LEU A 90 -4.06 -8.45 -5.39
CA LEU A 90 -4.89 -7.27 -5.19
C LEU A 90 -5.56 -6.87 -6.51
N PRO A 91 -6.83 -6.42 -6.44
CA PRO A 91 -7.54 -5.90 -7.61
C PRO A 91 -6.91 -4.61 -8.13
N PRO A 92 -7.06 -4.32 -9.43
CA PRO A 92 -6.42 -3.16 -10.07
C PRO A 92 -6.99 -1.84 -9.59
N GLU A 93 -8.21 -1.89 -9.07
CA GLU A 93 -8.89 -0.69 -8.57
C GLU A 93 -8.26 -0.22 -7.26
N TYR A 94 -7.46 -1.08 -6.65
CA TYR A 94 -6.75 -0.74 -5.43
C TYR A 94 -5.29 -0.44 -5.73
N ILE A 95 -4.82 -0.92 -6.87
CA ILE A 95 -3.44 -0.73 -7.28
C ILE A 95 -3.28 0.64 -7.95
N PRO A 96 -2.36 1.48 -7.43
CA PRO A 96 -2.12 2.81 -7.99
C PRO A 96 -1.64 2.73 -9.45
N PRO A 97 -1.90 3.79 -10.24
CA PRO A 97 -1.54 3.84 -11.64
C PRO A 97 -0.03 3.76 -11.86
N SER A 98 0.37 3.25 -13.02
CA SER A 98 1.77 3.12 -13.39
C SER A 98 2.48 1.99 -12.62
N PHE A 99 2.17 1.86 -11.33
CA PHE A 99 2.73 0.79 -10.51
C PHE A 99 2.18 -0.57 -10.95
N ARG A 100 1.06 -0.53 -11.67
CA ARG A 100 0.44 -1.72 -12.23
C ARG A 100 1.39 -2.38 -13.23
N ARG A 101 2.03 -1.54 -14.05
CA ARG A 101 3.10 -1.97 -14.97
C ARG A 101 2.72 -3.18 -15.83
N VAL A 102 2.05 -2.91 -16.95
CA VAL A 102 1.77 -3.96 -17.92
C VAL A 102 2.78 -3.89 -19.07
N ARG A 103 3.53 -4.97 -19.24
CA ARG A 103 4.60 -5.02 -20.22
C ARG A 103 4.63 -6.39 -20.88
N LEU A 104 3.46 -6.93 -21.18
CA LEU A 104 3.37 -8.27 -21.77
C LEU A 104 3.76 -8.25 -23.24
N GLU A 105 5.03 -8.56 -23.51
CA GLU A 105 5.55 -8.67 -24.85
C GLU A 105 6.63 -9.74 -24.86
N HIS A 106 6.83 -10.38 -26.02
CA HIS A 106 7.78 -11.47 -26.16
C HIS A 106 7.38 -12.65 -25.28
N HIS A 107 6.43 -13.45 -25.73
CA HIS A 107 5.96 -14.58 -24.93
C HIS A 107 6.03 -15.88 -25.72
N HIS A 108 7.09 -16.63 -25.49
CA HIS A 108 7.29 -17.95 -26.10
C HIS A 108 7.91 -18.88 -25.07
N HIS A 109 9.06 -18.46 -24.57
CA HIS A 109 9.80 -19.15 -23.51
C HIS A 109 10.20 -20.57 -23.91
N HIS A 110 9.33 -21.54 -23.66
CA HIS A 110 9.65 -22.94 -23.90
C HIS A 110 8.45 -23.83 -23.63
N HIS A 111 8.19 -24.75 -24.55
CA HIS A 111 7.21 -25.80 -24.35
C HIS A 111 7.42 -26.87 -25.41
N PRO A 1 -10.97 14.53 -6.00
CA PRO A 1 -10.54 13.72 -7.16
C PRO A 1 -11.75 13.19 -7.91
N PRO A 2 -11.98 13.70 -9.13
CA PRO A 2 -13.15 13.33 -9.93
C PRO A 2 -12.99 12.00 -10.64
N VAL A 3 -13.73 11.00 -10.16
CA VAL A 3 -13.78 9.66 -10.75
C VAL A 3 -12.44 8.92 -10.67
N ALA A 4 -12.49 7.74 -10.05
CA ALA A 4 -11.33 6.86 -9.95
C ALA A 4 -11.81 5.43 -9.66
N GLU A 5 -11.10 4.44 -10.18
CA GLU A 5 -11.50 3.05 -9.97
C GLU A 5 -10.89 2.49 -8.69
N TRP A 6 -10.32 3.37 -7.90
CA TRP A 6 -9.71 2.97 -6.64
C TRP A 6 -10.78 2.94 -5.55
N ALA A 7 -11.03 1.75 -5.00
CA ALA A 7 -12.17 1.53 -4.10
C ALA A 7 -11.92 2.04 -2.68
N VAL A 8 -10.79 2.70 -2.47
CA VAL A 8 -10.50 3.30 -1.17
C VAL A 8 -11.18 4.66 -1.07
N PRO A 9 -11.98 4.86 -0.02
CA PRO A 9 -12.69 6.13 0.21
C PRO A 9 -11.75 7.34 0.22
N GLN A 10 -12.29 8.48 -0.20
CA GLN A 10 -11.52 9.72 -0.27
C GLN A 10 -11.06 10.11 1.13
N SER A 11 -11.92 9.87 2.11
CA SER A 11 -11.60 10.12 3.50
C SER A 11 -10.45 9.23 3.96
N SER A 12 -10.50 7.96 3.55
CA SER A 12 -9.47 7.01 3.89
C SER A 12 -8.13 7.43 3.27
N ARG A 13 -8.16 7.85 2.01
CA ARG A 13 -6.93 8.30 1.33
C ARG A 13 -6.26 9.38 2.15
N LEU A 14 -7.01 10.44 2.47
CA LEU A 14 -6.49 11.57 3.23
C LEU A 14 -5.98 11.13 4.61
N LYS A 15 -6.69 10.18 5.19
CA LYS A 15 -6.38 9.68 6.52
C LYS A 15 -4.96 9.12 6.62
N TYR A 16 -4.58 8.26 5.69
CA TYR A 16 -3.25 7.67 5.71
C TYR A 16 -2.28 8.52 4.88
N ARG A 17 -2.82 9.39 4.05
CA ARG A 17 -2.01 10.34 3.29
C ARG A 17 -1.41 11.36 4.24
N GLN A 18 -2.09 11.55 5.37
CA GLN A 18 -1.69 12.47 6.40
C GLN A 18 -0.50 11.93 7.19
N LEU A 19 -0.25 10.66 7.01
CA LEU A 19 0.70 9.90 7.83
C LEU A 19 1.19 8.69 7.10
N PHE A 20 1.46 8.77 5.81
CA PHE A 20 2.47 9.63 5.15
C PHE A 20 2.72 11.05 5.69
N ASN A 21 1.91 12.03 5.28
CA ASN A 21 2.35 13.44 5.19
C ASN A 21 3.07 13.98 6.44
N SER A 22 2.58 13.66 7.64
CA SER A 22 3.21 14.16 8.86
C SER A 22 4.65 13.66 9.00
N HIS A 23 4.93 12.48 8.47
CA HIS A 23 6.26 11.89 8.55
C HIS A 23 7.11 12.31 7.34
N ASP A 24 6.45 12.60 6.24
CA ASP A 24 7.15 12.95 5.00
C ASP A 24 7.91 14.26 5.15
N LYS A 25 9.17 14.23 4.78
CA LYS A 25 10.03 15.40 4.86
C LYS A 25 10.77 15.58 3.54
N THR A 26 10.34 14.83 2.52
CA THR A 26 11.02 14.82 1.25
C THR A 26 10.07 15.22 0.11
N MET A 27 8.80 15.41 0.46
CA MET A 27 7.75 15.70 -0.52
C MET A 27 7.53 14.50 -1.43
N SER A 28 6.77 13.52 -0.92
CA SER A 28 6.48 12.29 -1.65
C SER A 28 7.77 11.53 -1.98
N GLY A 29 8.59 11.30 -0.98
CA GLY A 29 9.81 10.55 -1.17
C GLY A 29 9.72 9.15 -0.58
N HIS A 30 8.47 8.66 -0.47
CA HIS A 30 8.15 7.36 0.14
C HIS A 30 8.72 7.19 1.55
N LEU A 31 8.28 6.15 2.23
CA LEU A 31 8.80 5.80 3.54
C LEU A 31 9.68 4.56 3.44
N THR A 32 10.54 4.36 4.42
CA THR A 32 11.46 3.23 4.40
C THR A 32 10.82 1.99 5.00
N GLY A 33 11.49 0.85 4.82
CA GLY A 33 11.01 -0.41 5.35
C GLY A 33 10.69 -0.35 6.83
N PRO A 34 11.69 -0.10 7.70
CA PRO A 34 11.48 0.02 9.14
C PRO A 34 10.34 0.96 9.51
N GLN A 35 10.29 2.14 8.88
CA GLN A 35 9.25 3.12 9.16
C GLN A 35 7.87 2.56 8.83
N ALA A 36 7.75 1.98 7.64
CA ALA A 36 6.50 1.35 7.21
C ALA A 36 6.09 0.25 8.18
N ARG A 37 7.03 -0.62 8.53
CA ARG A 37 6.80 -1.74 9.42
C ARG A 37 6.41 -1.26 10.82
N THR A 38 7.02 -0.18 11.27
CA THR A 38 6.74 0.37 12.59
C THR A 38 5.29 0.82 12.69
N ILE A 39 4.82 1.53 11.67
CA ILE A 39 3.45 1.99 11.65
C ILE A 39 2.50 0.80 11.50
N LEU A 40 2.95 -0.22 10.78
CA LEU A 40 2.20 -1.46 10.64
C LEU A 40 1.96 -2.11 12.00
N MET A 41 2.97 -2.09 12.84
CA MET A 41 2.89 -2.72 14.17
C MET A 41 1.89 -2.00 15.08
N GLN A 42 1.60 -0.75 14.76
CA GLN A 42 0.72 0.08 15.59
C GLN A 42 -0.71 -0.45 15.59
N SER A 43 -1.02 -1.33 14.65
CA SER A 43 -2.36 -1.89 14.52
C SER A 43 -2.55 -3.10 15.43
N SER A 44 -1.44 -3.65 15.93
CA SER A 44 -1.46 -4.84 16.77
C SER A 44 -1.97 -6.07 16.01
N LEU A 45 -1.98 -5.97 14.68
CA LEU A 45 -2.44 -7.07 13.85
C LEU A 45 -1.41 -8.19 13.80
N PRO A 46 -1.87 -9.44 13.60
CA PRO A 46 -0.98 -10.60 13.44
C PRO A 46 0.02 -10.41 12.32
N GLN A 47 1.23 -10.89 12.54
CA GLN A 47 2.32 -10.80 11.58
C GLN A 47 1.92 -11.48 10.26
N ALA A 48 1.10 -12.52 10.36
CA ALA A 48 0.57 -13.20 9.18
C ALA A 48 -0.22 -12.22 8.30
N GLN A 49 -1.14 -11.51 8.93
CA GLN A 49 -1.92 -10.48 8.25
C GLN A 49 -0.99 -9.40 7.70
N LEU A 50 -0.06 -8.95 8.54
CA LEU A 50 0.89 -7.91 8.18
C LEU A 50 1.71 -8.29 6.95
N ALA A 51 2.15 -9.54 6.92
CA ALA A 51 2.95 -10.03 5.79
C ALA A 51 2.13 -10.02 4.51
N SER A 52 0.88 -10.47 4.60
CA SER A 52 -0.01 -10.52 3.45
C SER A 52 -0.28 -9.11 2.94
N ILE A 53 -0.55 -8.20 3.88
CA ILE A 53 -0.77 -6.80 3.56
C ILE A 53 0.45 -6.18 2.89
N TRP A 54 1.62 -6.44 3.46
CA TRP A 54 2.87 -5.93 2.90
C TRP A 54 3.07 -6.47 1.48
N ASN A 55 2.92 -7.79 1.34
CA ASN A 55 3.11 -8.45 0.06
C ASN A 55 2.15 -7.87 -0.99
N LEU A 56 0.95 -7.53 -0.54
CA LEU A 56 -0.06 -6.91 -1.39
C LEU A 56 0.27 -5.45 -1.71
N SER A 57 0.78 -4.73 -0.71
CA SER A 57 1.03 -3.30 -0.83
C SER A 57 2.30 -3.03 -1.63
N ASP A 58 3.33 -3.83 -1.40
CA ASP A 58 4.59 -3.70 -2.13
C ASP A 58 4.39 -4.09 -3.59
N ILE A 59 4.31 -3.07 -4.44
CA ILE A 59 3.90 -3.26 -5.83
C ILE A 59 4.90 -4.05 -6.65
N ASP A 60 6.10 -3.51 -6.86
CA ASP A 60 7.06 -4.14 -7.76
C ASP A 60 8.27 -4.66 -6.99
N GLN A 61 8.08 -4.86 -5.70
CA GLN A 61 9.11 -5.40 -4.82
C GLN A 61 10.26 -4.40 -4.64
N ASP A 62 10.08 -3.51 -3.68
CA ASP A 62 11.11 -2.55 -3.30
C ASP A 62 11.27 -2.50 -1.79
N GLY A 63 10.19 -2.82 -1.08
CA GLY A 63 10.24 -2.83 0.37
C GLY A 63 10.19 -1.43 0.94
N LYS A 64 9.62 -0.51 0.17
CA LYS A 64 9.46 0.87 0.59
C LYS A 64 8.08 1.34 0.18
N LEU A 65 7.34 1.91 1.12
CA LEU A 65 5.96 2.30 0.85
C LEU A 65 5.90 3.76 0.44
N THR A 66 5.48 4.00 -0.79
CA THR A 66 5.24 5.35 -1.27
C THR A 66 3.91 5.86 -0.71
N ALA A 67 3.46 7.01 -1.21
CA ALA A 67 2.20 7.59 -0.74
C ALA A 67 1.02 6.70 -1.09
N GLU A 68 0.89 6.36 -2.37
CA GLU A 68 -0.21 5.56 -2.85
C GLU A 68 -0.20 4.16 -2.24
N GLU A 69 0.99 3.61 -2.01
CA GLU A 69 1.12 2.27 -1.46
C GLU A 69 0.76 2.27 0.02
N PHE A 70 1.19 3.31 0.73
CA PHE A 70 0.93 3.42 2.15
C PHE A 70 -0.58 3.54 2.40
N ILE A 71 -1.26 4.30 1.55
CA ILE A 71 -2.70 4.45 1.64
C ILE A 71 -3.40 3.10 1.51
N LEU A 72 -2.94 2.31 0.55
CA LEU A 72 -3.47 0.96 0.33
C LEU A 72 -3.20 0.08 1.55
N ALA A 73 -1.96 0.09 2.00
CA ALA A 73 -1.54 -0.75 3.12
C ALA A 73 -2.32 -0.42 4.39
N MET A 74 -2.33 0.84 4.79
CA MET A 74 -3.01 1.22 6.02
C MET A 74 -4.51 1.09 5.91
N HIS A 75 -5.03 1.05 4.69
CA HIS A 75 -6.44 0.82 4.50
C HIS A 75 -6.75 -0.65 4.78
N LEU A 76 -5.84 -1.52 4.38
CA LEU A 76 -5.94 -2.93 4.70
C LEU A 76 -5.84 -3.12 6.21
N ILE A 77 -4.92 -2.38 6.83
CA ILE A 77 -4.79 -2.35 8.28
C ILE A 77 -6.09 -1.86 8.93
N ASP A 78 -6.65 -0.81 8.37
CA ASP A 78 -7.84 -0.16 8.93
C ASP A 78 -9.03 -1.12 8.91
N VAL A 79 -9.16 -1.88 7.83
CA VAL A 79 -10.23 -2.86 7.71
C VAL A 79 -9.96 -4.08 8.59
N ALA A 80 -8.72 -4.57 8.56
CA ALA A 80 -8.34 -5.72 9.37
C ALA A 80 -8.43 -5.40 10.86
N MET A 81 -8.21 -4.13 11.20
CA MET A 81 -8.34 -3.63 12.55
C MET A 81 -9.76 -3.84 13.08
N SER A 82 -10.70 -4.07 12.17
CA SER A 82 -12.09 -4.29 12.54
C SER A 82 -12.33 -5.76 12.91
N GLY A 83 -11.28 -6.56 12.80
CA GLY A 83 -11.36 -7.95 13.22
C GLY A 83 -11.56 -8.91 12.06
N GLN A 84 -11.80 -8.37 10.88
CA GLN A 84 -12.06 -9.20 9.71
C GLN A 84 -10.77 -9.49 8.95
N PRO A 85 -10.67 -10.71 8.37
CA PRO A 85 -9.52 -11.12 7.56
C PRO A 85 -9.50 -10.47 6.18
N LEU A 86 -8.44 -10.71 5.44
CA LEU A 86 -8.26 -10.10 4.12
C LEU A 86 -8.13 -11.17 3.04
N PRO A 87 -8.48 -10.82 1.79
CA PRO A 87 -8.35 -11.73 0.64
C PRO A 87 -6.90 -12.13 0.37
N PRO A 88 -6.68 -13.30 -0.25
CA PRO A 88 -5.34 -13.79 -0.58
C PRO A 88 -4.66 -12.96 -1.68
N VAL A 89 -5.48 -12.43 -2.58
CA VAL A 89 -4.99 -11.59 -3.65
C VAL A 89 -5.76 -10.28 -3.67
N LEU A 90 -5.13 -9.21 -4.14
CA LEU A 90 -5.76 -7.91 -4.16
C LEU A 90 -6.65 -7.78 -5.41
N PRO A 91 -7.83 -7.16 -5.26
CA PRO A 91 -8.72 -6.88 -6.39
C PRO A 91 -8.23 -5.71 -7.24
N PRO A 92 -8.62 -5.66 -8.53
CA PRO A 92 -8.22 -4.59 -9.44
C PRO A 92 -8.75 -3.21 -8.99
N GLU A 93 -9.79 -3.23 -8.16
CA GLU A 93 -10.38 -1.99 -7.67
C GLU A 93 -9.49 -1.35 -6.60
N TYR A 94 -8.53 -2.12 -6.09
CA TYR A 94 -7.66 -1.62 -5.04
C TYR A 94 -6.26 -1.38 -5.57
N ILE A 95 -6.10 -1.45 -6.89
CA ILE A 95 -4.83 -1.15 -7.51
C ILE A 95 -4.75 0.35 -7.83
N PRO A 96 -3.80 1.07 -7.22
CA PRO A 96 -3.70 2.53 -7.36
C PRO A 96 -3.43 2.95 -8.81
N PRO A 97 -3.87 4.15 -9.19
CA PRO A 97 -3.68 4.69 -10.54
C PRO A 97 -2.21 4.96 -10.83
N SER A 98 -1.50 5.40 -9.80
CA SER A 98 -0.09 5.75 -9.90
C SER A 98 0.80 4.51 -10.04
N PHE A 99 0.19 3.32 -10.05
CA PHE A 99 0.96 2.09 -10.19
C PHE A 99 0.40 1.16 -11.25
N ARG A 100 -0.93 1.12 -11.38
CA ARG A 100 -1.57 0.24 -12.36
C ARG A 100 -1.17 0.61 -13.78
N ARG A 101 -0.95 1.91 -14.00
CA ARG A 101 -0.47 2.39 -15.30
C ARG A 101 -0.15 3.88 -15.20
N VAL A 102 1.10 4.18 -14.87
CA VAL A 102 1.52 5.57 -14.72
C VAL A 102 2.60 5.91 -15.76
N ARG A 103 2.85 4.96 -16.64
CA ARG A 103 3.89 5.09 -17.65
C ARG A 103 3.36 4.70 -19.02
N LEU A 104 4.26 4.63 -20.00
CA LEU A 104 3.92 4.33 -21.39
C LEU A 104 3.22 5.54 -22.02
N GLU A 105 3.93 6.24 -22.89
CA GLU A 105 3.40 7.43 -23.53
C GLU A 105 2.67 7.04 -24.80
N HIS A 106 1.88 7.96 -25.33
CA HIS A 106 1.01 7.69 -26.47
C HIS A 106 1.84 7.36 -27.71
N HIS A 107 1.69 6.13 -28.19
CA HIS A 107 2.48 5.63 -29.31
C HIS A 107 1.58 4.85 -30.28
N HIS A 108 1.80 5.03 -31.58
CA HIS A 108 1.04 4.33 -32.61
C HIS A 108 1.47 2.87 -32.68
N HIS A 109 0.50 1.97 -32.66
CA HIS A 109 0.75 0.54 -32.73
C HIS A 109 -0.55 -0.21 -32.94
N HIS A 110 -0.80 -0.61 -34.17
CA HIS A 110 -2.05 -1.29 -34.50
C HIS A 110 -1.76 -2.64 -35.15
N HIS A 111 -2.36 -3.69 -34.62
CA HIS A 111 -2.20 -5.03 -35.17
C HIS A 111 -3.56 -5.71 -35.32
N PRO A 1 -18.31 8.99 -4.56
CA PRO A 1 -17.19 9.95 -4.41
C PRO A 1 -16.57 10.25 -5.77
N PRO A 2 -15.86 11.39 -5.90
CA PRO A 2 -15.18 11.77 -7.14
C PRO A 2 -14.12 10.76 -7.54
N VAL A 3 -14.24 10.24 -8.76
CA VAL A 3 -13.27 9.28 -9.27
C VAL A 3 -11.91 9.93 -9.51
N ALA A 4 -10.91 9.41 -8.85
CA ALA A 4 -9.55 9.90 -9.01
C ALA A 4 -8.60 8.74 -9.21
N GLU A 5 -9.16 7.63 -9.74
CA GLU A 5 -8.45 6.37 -9.91
C GLU A 5 -8.20 5.70 -8.57
N TRP A 6 -8.25 4.37 -8.55
CA TRP A 6 -7.92 3.58 -7.37
C TRP A 6 -9.04 3.66 -6.33
N ALA A 7 -9.64 2.51 -6.02
CA ALA A 7 -10.85 2.45 -5.21
C ALA A 7 -10.57 2.51 -3.70
N VAL A 8 -10.06 3.64 -3.27
CA VAL A 8 -9.97 3.97 -1.85
C VAL A 8 -10.63 5.32 -1.59
N PRO A 9 -11.62 5.37 -0.68
CA PRO A 9 -12.36 6.60 -0.38
C PRO A 9 -11.44 7.78 -0.07
N GLN A 10 -11.75 8.94 -0.64
CA GLN A 10 -10.92 10.13 -0.49
C GLN A 10 -10.72 10.48 0.98
N SER A 11 -11.81 10.50 1.74
CA SER A 11 -11.77 10.84 3.15
C SER A 11 -10.89 9.85 3.92
N SER A 12 -10.91 8.60 3.51
CA SER A 12 -10.10 7.57 4.14
C SER A 12 -8.64 7.72 3.73
N ARG A 13 -8.39 7.90 2.44
CA ARG A 13 -7.04 7.94 1.91
C ARG A 13 -6.29 9.17 2.41
N LEU A 14 -7.02 10.27 2.62
CA LEU A 14 -6.44 11.48 3.16
C LEU A 14 -5.90 11.25 4.57
N LYS A 15 -6.66 10.48 5.35
CA LYS A 15 -6.28 10.14 6.72
C LYS A 15 -4.95 9.37 6.77
N TYR A 16 -4.74 8.47 5.82
CA TYR A 16 -3.49 7.72 5.79
C TYR A 16 -2.42 8.53 5.06
N ARG A 17 -2.85 9.37 4.12
CA ARG A 17 -1.93 10.27 3.44
C ARG A 17 -1.32 11.25 4.44
N GLN A 18 -2.04 11.45 5.53
CA GLN A 18 -1.61 12.31 6.64
C GLN A 18 -0.50 11.65 7.46
N LEU A 19 -0.31 10.36 7.25
CA LEU A 19 0.60 9.54 8.06
C LEU A 19 1.06 8.35 7.27
N PHE A 20 1.33 8.47 5.99
CA PHE A 20 2.37 9.32 5.36
C PHE A 20 2.68 10.71 5.95
N ASN A 21 1.90 11.74 5.65
CA ASN A 21 2.35 13.15 5.67
C ASN A 21 3.15 13.57 6.91
N SER A 22 2.73 13.13 8.09
CA SER A 22 3.43 13.49 9.33
C SER A 22 4.89 12.99 9.33
N HIS A 23 5.17 11.96 8.54
CA HIS A 23 6.50 11.38 8.44
C HIS A 23 7.28 11.98 7.27
N ASP A 24 6.63 12.84 6.52
CA ASP A 24 7.25 13.45 5.33
C ASP A 24 7.71 14.86 5.67
N LYS A 25 8.60 15.40 4.85
CA LYS A 25 9.13 16.74 5.07
C LYS A 25 8.48 17.75 4.12
N THR A 26 7.97 17.25 3.00
CA THR A 26 7.32 18.10 2.01
C THR A 26 6.09 17.40 1.45
N MET A 27 6.31 16.47 0.52
CA MET A 27 5.25 15.69 -0.08
C MET A 27 5.84 14.57 -0.93
N SER A 28 5.47 13.34 -0.60
CA SER A 28 5.81 12.17 -1.41
C SER A 28 7.31 11.89 -1.44
N GLY A 29 7.97 12.08 -0.29
CA GLY A 29 9.39 11.79 -0.18
C GLY A 29 9.64 10.31 0.10
N HIS A 30 8.54 9.54 0.04
CA HIS A 30 8.51 8.08 0.22
C HIS A 30 9.00 7.62 1.60
N LEU A 31 8.39 6.54 2.06
CA LEU A 31 8.77 5.94 3.32
C LEU A 31 9.44 4.60 3.05
N THR A 32 10.41 4.26 3.87
CA THR A 32 11.16 3.04 3.70
C THR A 32 10.45 1.86 4.36
N GLY A 33 10.91 0.65 4.03
CA GLY A 33 10.36 -0.57 4.60
C GLY A 33 10.18 -0.51 6.11
N PRO A 34 11.29 -0.36 6.88
CA PRO A 34 11.23 -0.29 8.35
C PRO A 34 10.18 0.70 8.86
N GLN A 35 10.17 1.91 8.30
CA GLN A 35 9.20 2.93 8.70
C GLN A 35 7.78 2.47 8.43
N ALA A 36 7.56 1.94 7.23
CA ALA A 36 6.26 1.42 6.85
C ALA A 36 5.82 0.31 7.81
N ARG A 37 6.74 -0.62 8.08
CA ARG A 37 6.48 -1.75 8.95
C ARG A 37 6.20 -1.30 10.38
N THR A 38 6.89 -0.25 10.80
CA THR A 38 6.73 0.28 12.16
C THR A 38 5.30 0.75 12.36
N ILE A 39 4.73 1.41 11.36
CA ILE A 39 3.35 1.85 11.43
C ILE A 39 2.40 0.66 11.26
N LEU A 40 2.80 -0.31 10.44
CA LEU A 40 2.03 -1.54 10.26
C LEU A 40 1.88 -2.28 11.58
N MET A 41 2.96 -2.30 12.37
CA MET A 41 2.99 -2.99 13.66
C MET A 41 2.02 -2.36 14.66
N GLN A 42 1.62 -1.13 14.39
CA GLN A 42 0.74 -0.40 15.31
C GLN A 42 -0.67 -1.00 15.33
N SER A 43 -0.95 -1.89 14.37
CA SER A 43 -2.25 -2.52 14.28
C SER A 43 -2.40 -3.61 15.34
N SER A 44 -1.27 -4.10 15.85
CA SER A 44 -1.24 -5.16 16.85
C SER A 44 -1.73 -6.48 16.25
N LEU A 45 -1.76 -6.54 14.93
CA LEU A 45 -2.22 -7.72 14.22
C LEU A 45 -1.06 -8.71 14.03
N PRO A 46 -1.39 -10.00 13.84
CA PRO A 46 -0.38 -11.05 13.64
C PRO A 46 0.47 -10.82 12.38
N GLN A 47 1.73 -11.24 12.45
CA GLN A 47 2.67 -11.08 11.36
C GLN A 47 2.19 -11.72 10.06
N ALA A 48 1.43 -12.80 10.19
CA ALA A 48 0.85 -13.47 9.03
C ALA A 48 0.04 -12.50 8.19
N GLN A 49 -0.76 -11.68 8.87
CA GLN A 49 -1.55 -10.67 8.20
C GLN A 49 -0.66 -9.53 7.72
N LEU A 50 0.28 -9.13 8.56
CA LEU A 50 1.18 -8.04 8.27
C LEU A 50 1.99 -8.31 7.01
N ALA A 51 2.56 -9.51 6.92
CA ALA A 51 3.37 -9.89 5.76
C ALA A 51 2.51 -9.94 4.51
N SER A 52 1.31 -10.49 4.64
CA SER A 52 0.39 -10.61 3.52
C SER A 52 -0.01 -9.22 3.02
N ILE A 53 -0.25 -8.29 3.95
CA ILE A 53 -0.63 -6.94 3.60
C ILE A 53 0.53 -6.20 2.94
N TRP A 54 1.73 -6.35 3.48
CA TRP A 54 2.93 -5.77 2.87
C TRP A 54 3.12 -6.30 1.46
N ASN A 55 3.05 -7.61 1.34
CA ASN A 55 3.22 -8.29 0.06
C ASN A 55 2.18 -7.82 -0.95
N LEU A 56 0.96 -7.55 -0.47
CA LEU A 56 -0.11 -7.00 -1.30
C LEU A 56 0.11 -5.53 -1.60
N SER A 57 0.74 -4.82 -0.67
CA SER A 57 0.89 -3.37 -0.76
C SER A 57 1.82 -2.98 -1.90
N ASP A 58 3.01 -3.58 -1.94
CA ASP A 58 3.97 -3.26 -3.00
C ASP A 58 3.80 -4.22 -4.17
N ILE A 59 3.47 -3.66 -5.32
CA ILE A 59 3.18 -4.45 -6.52
C ILE A 59 4.45 -5.09 -7.09
N ASP A 60 5.58 -4.39 -6.99
CA ASP A 60 6.81 -4.87 -7.58
C ASP A 60 7.78 -5.32 -6.50
N GLN A 61 7.48 -4.95 -5.26
CA GLN A 61 8.28 -5.32 -4.10
C GLN A 61 9.65 -4.68 -4.13
N ASP A 62 9.66 -3.35 -4.27
CA ASP A 62 10.91 -2.61 -4.31
C ASP A 62 11.30 -2.17 -2.89
N GLY A 63 10.30 -2.12 -2.00
CA GLY A 63 10.59 -1.95 -0.60
C GLY A 63 10.32 -0.55 -0.07
N LYS A 64 9.84 0.35 -0.92
CA LYS A 64 9.53 1.70 -0.48
C LYS A 64 8.04 1.96 -0.65
N LEU A 65 7.45 2.61 0.33
CA LEU A 65 6.04 2.96 0.27
C LEU A 65 5.86 4.46 0.16
N THR A 66 5.49 4.95 -1.02
CA THR A 66 5.15 6.35 -1.16
C THR A 66 3.70 6.55 -0.74
N ALA A 67 3.10 7.67 -1.10
CA ALA A 67 1.75 7.98 -0.65
C ALA A 67 0.75 6.92 -1.07
N GLU A 68 0.72 6.60 -2.36
CA GLU A 68 -0.26 5.65 -2.88
C GLU A 68 -0.05 4.25 -2.30
N GLU A 69 1.20 3.85 -2.13
CA GLU A 69 1.48 2.49 -1.67
C GLU A 69 1.17 2.36 -0.19
N PHE A 70 1.53 3.38 0.58
CA PHE A 70 1.31 3.36 2.02
C PHE A 70 -0.17 3.44 2.34
N ILE A 71 -0.90 4.27 1.58
CA ILE A 71 -2.34 4.40 1.75
C ILE A 71 -3.03 3.05 1.54
N LEU A 72 -2.54 2.29 0.57
CA LEU A 72 -3.06 0.96 0.31
C LEU A 72 -2.87 0.06 1.52
N ALA A 73 -1.64 0.04 2.05
CA ALA A 73 -1.31 -0.79 3.20
C ALA A 73 -2.19 -0.43 4.40
N MET A 74 -2.27 0.86 4.71
CA MET A 74 -3.08 1.34 5.82
C MET A 74 -4.55 0.97 5.63
N HIS A 75 -5.01 1.07 4.40
CA HIS A 75 -6.40 0.76 4.09
C HIS A 75 -6.67 -0.73 4.25
N LEU A 76 -5.67 -1.55 3.91
CA LEU A 76 -5.76 -2.99 4.12
C LEU A 76 -5.77 -3.29 5.61
N ILE A 77 -4.96 -2.56 6.37
CA ILE A 77 -4.94 -2.67 7.83
C ILE A 77 -6.32 -2.33 8.39
N ASP A 78 -6.91 -1.26 7.87
CA ASP A 78 -8.24 -0.82 8.30
C ASP A 78 -9.27 -1.93 8.13
N VAL A 79 -9.18 -2.65 7.03
CA VAL A 79 -10.09 -3.76 6.75
C VAL A 79 -9.74 -4.98 7.62
N ALA A 80 -8.45 -5.27 7.71
CA ALA A 80 -7.99 -6.43 8.48
C ALA A 80 -8.29 -6.25 9.97
N MET A 81 -8.24 -5.00 10.44
CA MET A 81 -8.53 -4.66 11.82
C MET A 81 -9.94 -5.09 12.22
N SER A 82 -10.83 -5.18 11.24
CA SER A 82 -12.21 -5.57 11.48
C SER A 82 -12.31 -7.09 11.73
N GLY A 83 -11.24 -7.80 11.43
CA GLY A 83 -11.25 -9.24 11.56
C GLY A 83 -11.67 -9.91 10.28
N GLN A 84 -11.44 -9.23 9.17
CA GLN A 84 -11.82 -9.73 7.87
C GLN A 84 -10.66 -10.47 7.21
N PRO A 85 -10.96 -11.54 6.46
CA PRO A 85 -9.94 -12.31 5.73
C PRO A 85 -9.35 -11.52 4.57
N LEU A 86 -8.11 -11.83 4.22
CA LEU A 86 -7.43 -11.15 3.12
C LEU A 86 -7.59 -11.96 1.84
N PRO A 87 -7.72 -11.26 0.70
CA PRO A 87 -7.84 -11.92 -0.61
C PRO A 87 -6.53 -12.54 -1.07
N PRO A 88 -6.59 -13.58 -1.92
CA PRO A 88 -5.40 -14.24 -2.46
C PRO A 88 -4.61 -13.32 -3.40
N VAL A 89 -5.36 -12.55 -4.19
CA VAL A 89 -4.77 -11.58 -5.08
C VAL A 89 -5.48 -10.24 -4.92
N LEU A 90 -4.80 -9.17 -5.28
CA LEU A 90 -5.39 -7.85 -5.18
C LEU A 90 -6.31 -7.59 -6.38
N PRO A 91 -7.46 -6.94 -6.14
CA PRO A 91 -8.38 -6.57 -7.22
C PRO A 91 -7.91 -5.33 -7.97
N PRO A 92 -8.31 -5.20 -9.26
CA PRO A 92 -7.94 -4.04 -10.09
C PRO A 92 -8.38 -2.71 -9.47
N GLU A 93 -9.44 -2.77 -8.68
CA GLU A 93 -9.96 -1.61 -7.98
C GLU A 93 -8.91 -1.03 -7.04
N TYR A 94 -8.19 -1.90 -6.35
CA TYR A 94 -7.23 -1.47 -5.34
C TYR A 94 -5.82 -1.37 -5.91
N ILE A 95 -5.70 -1.41 -7.24
CA ILE A 95 -4.41 -1.23 -7.88
C ILE A 95 -4.14 0.26 -8.10
N PRO A 96 -3.13 0.80 -7.41
CA PRO A 96 -2.79 2.23 -7.48
C PRO A 96 -2.13 2.60 -8.80
N PRO A 97 -2.22 3.89 -9.19
CA PRO A 97 -1.55 4.42 -10.37
C PRO A 97 -0.03 4.24 -10.30
N SER A 98 0.62 4.28 -11.47
CA SER A 98 2.07 4.09 -11.58
C SER A 98 2.47 2.62 -11.35
N PHE A 99 1.54 1.84 -10.82
CA PHE A 99 1.77 0.42 -10.59
C PHE A 99 0.72 -0.42 -11.30
N ARG A 100 0.03 0.20 -12.26
CA ARG A 100 -0.96 -0.51 -13.05
C ARG A 100 -0.27 -1.53 -13.94
N ARG A 101 -0.53 -2.80 -13.68
CA ARG A 101 0.13 -3.88 -14.42
C ARG A 101 -0.34 -3.90 -15.88
N VAL A 102 0.50 -3.35 -16.75
CA VAL A 102 0.20 -3.34 -18.18
C VAL A 102 1.34 -3.95 -18.99
N ARG A 103 1.18 -5.24 -19.31
CA ARG A 103 2.17 -5.94 -20.13
C ARG A 103 1.62 -7.30 -20.54
N LEU A 104 0.30 -7.43 -20.51
CA LEU A 104 -0.35 -8.70 -20.76
C LEU A 104 -0.38 -9.00 -22.26
N GLU A 105 -0.28 -7.93 -23.04
CA GLU A 105 -0.30 -8.03 -24.50
C GLU A 105 0.92 -8.81 -25.00
N HIS A 106 1.92 -8.95 -24.15
CA HIS A 106 3.14 -9.67 -24.50
C HIS A 106 2.89 -11.18 -24.51
N HIS A 107 2.77 -11.72 -25.72
CA HIS A 107 2.62 -13.15 -25.92
C HIS A 107 3.53 -13.57 -27.05
N HIS A 108 4.76 -13.09 -27.00
CA HIS A 108 5.70 -13.16 -28.12
C HIS A 108 6.31 -14.55 -28.28
N HIS A 109 5.59 -15.57 -27.83
CA HIS A 109 6.04 -16.95 -27.96
C HIS A 109 4.88 -17.85 -28.40
N HIS A 110 4.84 -18.16 -29.68
CA HIS A 110 3.80 -19.04 -30.22
C HIS A 110 4.42 -20.17 -31.03
N HIS A 111 5.56 -20.66 -30.56
CA HIS A 111 6.21 -21.82 -31.15
C HIS A 111 7.08 -22.49 -30.10
N PRO A 1 -20.70 -0.20 -3.28
CA PRO A 1 -19.52 -0.86 -3.88
C PRO A 1 -18.28 -0.01 -3.68
N PRO A 2 -17.08 -0.59 -3.86
CA PRO A 2 -15.82 0.16 -3.81
C PRO A 2 -15.80 1.29 -4.83
N VAL A 3 -15.04 2.34 -4.54
CA VAL A 3 -14.93 3.48 -5.44
C VAL A 3 -14.01 3.15 -6.61
N ALA A 4 -14.29 3.74 -7.77
CA ALA A 4 -13.47 3.53 -8.95
C ALA A 4 -12.27 4.47 -8.92
N GLU A 5 -11.27 4.19 -9.75
CA GLU A 5 -10.02 4.95 -9.78
C GLU A 5 -9.29 4.77 -8.45
N TRP A 6 -8.81 3.54 -8.25
CA TRP A 6 -8.17 3.10 -7.01
C TRP A 6 -9.22 2.90 -5.93
N ALA A 7 -9.49 1.63 -5.62
CA ALA A 7 -10.62 1.24 -4.78
C ALA A 7 -10.36 1.46 -3.29
N VAL A 8 -10.09 2.69 -2.93
CA VAL A 8 -10.02 3.09 -1.53
C VAL A 8 -10.71 4.44 -1.34
N PRO A 9 -11.64 4.53 -0.37
CA PRO A 9 -12.42 5.75 -0.12
C PRO A 9 -11.56 7.00 -0.05
N GLN A 10 -12.04 8.09 -0.67
CA GLN A 10 -11.28 9.32 -0.76
C GLN A 10 -11.08 9.94 0.63
N SER A 11 -12.06 9.77 1.50
CA SER A 11 -11.94 10.25 2.87
C SER A 11 -10.78 9.56 3.59
N SER A 12 -10.63 8.27 3.33
CA SER A 12 -9.53 7.50 3.88
C SER A 12 -8.22 7.93 3.23
N ARG A 13 -8.26 8.13 1.91
CA ARG A 13 -7.09 8.58 1.15
C ARG A 13 -6.55 9.87 1.73
N LEU A 14 -7.43 10.87 1.86
CA LEU A 14 -7.05 12.18 2.39
C LEU A 14 -6.42 12.08 3.76
N LYS A 15 -7.04 11.30 4.64
CA LYS A 15 -6.58 11.19 6.02
C LYS A 15 -5.22 10.50 6.12
N TYR A 16 -5.07 9.38 5.42
CA TYR A 16 -3.83 8.61 5.50
C TYR A 16 -2.77 9.16 4.56
N ARG A 17 -3.14 10.12 3.73
CA ARG A 17 -2.16 10.90 2.98
C ARG A 17 -1.51 11.89 3.94
N GLN A 18 -2.34 12.42 4.83
CA GLN A 18 -1.94 13.40 5.82
C GLN A 18 -1.19 12.73 6.96
N LEU A 19 -1.29 11.43 7.01
CA LEU A 19 -0.81 10.63 8.13
C LEU A 19 -0.57 9.23 7.67
N PHE A 20 0.06 9.00 6.54
CA PHE A 20 1.42 9.46 6.16
C PHE A 20 1.90 10.87 6.57
N ASN A 21 1.63 11.88 5.75
CA ASN A 21 2.52 13.06 5.63
C ASN A 21 2.88 13.75 6.95
N SER A 22 1.96 13.82 7.89
CA SER A 22 2.23 14.49 9.18
C SER A 22 3.34 13.77 9.95
N HIS A 23 3.54 12.49 9.65
CA HIS A 23 4.60 11.71 10.29
C HIS A 23 5.98 12.10 9.76
N ASP A 24 5.98 12.91 8.70
CA ASP A 24 7.23 13.33 8.07
C ASP A 24 7.19 14.82 7.79
N LYS A 25 8.21 15.32 7.13
CA LYS A 25 8.26 16.70 6.67
C LYS A 25 8.99 16.81 5.33
N THR A 26 9.54 15.70 4.85
CA THR A 26 10.41 15.73 3.69
C THR A 26 9.68 15.27 2.45
N MET A 27 8.87 16.17 1.86
CA MET A 27 8.09 15.83 0.68
C MET A 27 7.14 14.70 1.02
N SER A 28 6.65 14.05 0.00
CA SER A 28 5.99 12.78 0.17
C SER A 28 7.10 11.76 0.49
N GLY A 29 8.07 11.69 -0.43
CA GLY A 29 9.34 11.01 -0.17
C GLY A 29 9.25 9.51 0.10
N HIS A 30 8.02 8.99 0.22
CA HIS A 30 7.74 7.59 0.61
C HIS A 30 8.43 7.21 1.93
N LEU A 31 8.02 6.09 2.51
CA LEU A 31 8.66 5.57 3.72
C LEU A 31 9.42 4.30 3.37
N THR A 32 10.36 3.93 4.21
CA THR A 32 11.19 2.76 3.97
C THR A 32 10.60 1.51 4.63
N GLY A 33 11.19 0.37 4.32
CA GLY A 33 10.72 -0.92 4.82
C GLY A 33 10.50 -0.95 6.32
N PRO A 34 11.55 -0.79 7.12
CA PRO A 34 11.44 -0.80 8.59
C PRO A 34 10.39 0.19 9.10
N GLN A 35 10.44 1.41 8.59
CA GLN A 35 9.51 2.46 9.01
C GLN A 35 8.07 2.07 8.74
N ALA A 36 7.79 1.66 7.51
CA ALA A 36 6.45 1.24 7.10
C ALA A 36 5.97 0.06 7.96
N ARG A 37 6.84 -0.93 8.10
CA ARG A 37 6.51 -2.13 8.86
C ARG A 37 6.36 -1.85 10.36
N THR A 38 7.05 -0.84 10.85
CA THR A 38 6.92 -0.43 12.25
C THR A 38 5.51 0.09 12.50
N ILE A 39 5.01 0.91 11.60
CA ILE A 39 3.66 1.44 11.70
C ILE A 39 2.65 0.31 11.55
N LEU A 40 2.92 -0.60 10.62
CA LEU A 40 2.09 -1.78 10.41
C LEU A 40 2.02 -2.63 11.68
N MET A 41 3.16 -2.75 12.35
CA MET A 41 3.28 -3.56 13.55
C MET A 41 2.46 -2.98 14.70
N GLN A 42 2.18 -1.69 14.64
CA GLN A 42 1.44 -1.00 15.70
C GLN A 42 0.00 -1.49 15.77
N SER A 43 -0.47 -2.14 14.72
CA SER A 43 -1.83 -2.67 14.70
C SER A 43 -1.90 -3.99 15.49
N SER A 44 -0.74 -4.50 15.89
CA SER A 44 -0.64 -5.71 16.69
C SER A 44 -1.25 -6.92 15.98
N LEU A 45 -1.24 -6.87 14.66
CA LEU A 45 -1.73 -7.99 13.86
C LEU A 45 -0.67 -9.08 13.77
N PRO A 46 -1.10 -10.35 13.66
CA PRO A 46 -0.17 -11.49 13.50
C PRO A 46 0.82 -11.26 12.36
N GLN A 47 2.05 -11.73 12.55
CA GLN A 47 3.11 -11.54 11.55
C GLN A 47 2.70 -12.13 10.21
N ALA A 48 2.00 -13.25 10.24
CA ALA A 48 1.48 -13.87 9.03
C ALA A 48 0.59 -12.89 8.26
N GLN A 49 -0.29 -12.20 8.97
CA GLN A 49 -1.16 -11.22 8.37
C GLN A 49 -0.36 -10.02 7.88
N LEU A 50 0.60 -9.60 8.71
CA LEU A 50 1.46 -8.48 8.39
C LEU A 50 2.25 -8.73 7.11
N ALA A 51 2.78 -9.94 6.97
CA ALA A 51 3.53 -10.31 5.77
C ALA A 51 2.63 -10.26 4.53
N SER A 52 1.40 -10.73 4.69
CA SER A 52 0.43 -10.72 3.60
C SER A 52 0.09 -9.29 3.21
N ILE A 53 -0.23 -8.46 4.20
CA ILE A 53 -0.54 -7.06 3.97
C ILE A 53 0.63 -6.35 3.29
N TRP A 54 1.83 -6.58 3.81
CA TRP A 54 3.03 -6.00 3.23
C TRP A 54 3.17 -6.42 1.78
N ASN A 55 3.13 -7.72 1.55
CA ASN A 55 3.33 -8.28 0.21
C ASN A 55 2.27 -7.75 -0.76
N LEU A 56 1.06 -7.53 -0.24
CA LEU A 56 -0.03 -6.99 -1.04
C LEU A 56 0.23 -5.54 -1.42
N SER A 57 0.81 -4.78 -0.50
CA SER A 57 1.07 -3.37 -0.71
C SER A 57 2.45 -3.13 -1.32
N ASP A 58 3.19 -4.21 -1.54
CA ASP A 58 4.51 -4.11 -2.13
C ASP A 58 4.44 -4.42 -3.61
N ILE A 59 4.36 -3.37 -4.44
CA ILE A 59 4.27 -3.56 -5.88
C ILE A 59 5.64 -3.44 -6.53
N ASP A 60 6.44 -2.48 -6.11
CA ASP A 60 7.72 -2.21 -6.76
C ASP A 60 8.78 -3.19 -6.28
N GLN A 61 8.51 -3.81 -5.13
CA GLN A 61 9.36 -4.86 -4.57
C GLN A 61 10.72 -4.31 -4.16
N ASP A 62 10.77 -3.02 -3.90
CA ASP A 62 11.98 -2.39 -3.38
C ASP A 62 11.86 -2.29 -1.86
N GLY A 63 10.65 -2.50 -1.38
CA GLY A 63 10.40 -2.53 0.05
C GLY A 63 10.20 -1.15 0.64
N LYS A 64 9.62 -0.25 -0.13
CA LYS A 64 9.36 1.10 0.34
C LYS A 64 7.93 1.51 -0.02
N LEU A 65 7.23 2.04 0.96
CA LEU A 65 5.83 2.38 0.79
C LEU A 65 5.65 3.88 0.62
N THR A 66 5.13 4.28 -0.53
CA THR A 66 4.82 5.68 -0.78
C THR A 66 3.60 6.11 0.03
N ALA A 67 3.11 7.32 -0.22
CA ALA A 67 1.94 7.82 0.47
C ALA A 67 0.71 7.00 0.09
N GLU A 68 0.55 6.80 -1.20
CA GLU A 68 -0.53 5.98 -1.73
C GLU A 68 -0.46 4.56 -1.19
N GLU A 69 0.75 4.00 -1.16
CA GLU A 69 0.93 2.62 -0.69
C GLU A 69 0.67 2.52 0.81
N PHE A 70 1.02 3.58 1.53
CA PHE A 70 0.70 3.68 2.95
C PHE A 70 -0.81 3.58 3.15
N ILE A 71 -1.55 4.35 2.35
CA ILE A 71 -3.01 4.33 2.39
C ILE A 71 -3.54 2.93 2.08
N LEU A 72 -2.97 2.30 1.05
CA LEU A 72 -3.36 0.96 0.66
C LEU A 72 -3.10 -0.03 1.78
N ALA A 73 -1.90 0.02 2.36
CA ALA A 73 -1.51 -0.86 3.43
C ALA A 73 -2.44 -0.72 4.63
N MET A 74 -2.64 0.52 5.10
CA MET A 74 -3.49 0.76 6.25
C MET A 74 -4.95 0.47 5.93
N HIS A 75 -5.30 0.50 4.65
CA HIS A 75 -6.64 0.12 4.23
C HIS A 75 -6.82 -1.38 4.43
N LEU A 76 -5.75 -2.13 4.25
CA LEU A 76 -5.78 -3.57 4.50
C LEU A 76 -5.95 -3.84 5.99
N ILE A 77 -5.31 -3.01 6.82
CA ILE A 77 -5.52 -3.06 8.27
C ILE A 77 -6.97 -2.69 8.59
N ASP A 78 -7.47 -1.66 7.91
CA ASP A 78 -8.86 -1.22 8.05
C ASP A 78 -9.83 -2.36 7.76
N VAL A 79 -9.49 -3.16 6.75
CA VAL A 79 -10.27 -4.34 6.40
C VAL A 79 -10.18 -5.40 7.51
N ALA A 80 -8.95 -5.71 7.93
CA ALA A 80 -8.72 -6.71 8.97
C ALA A 80 -9.36 -6.29 10.29
N MET A 81 -9.28 -5.00 10.60
CA MET A 81 -9.86 -4.43 11.82
C MET A 81 -11.37 -4.62 11.84
N SER A 82 -11.97 -4.75 10.66
CA SER A 82 -13.40 -4.94 10.56
C SER A 82 -13.76 -6.41 10.69
N GLY A 83 -12.74 -7.25 10.83
CA GLY A 83 -12.96 -8.68 11.00
C GLY A 83 -12.93 -9.43 9.69
N GLN A 84 -12.52 -8.74 8.63
CA GLN A 84 -12.50 -9.32 7.31
C GLN A 84 -11.16 -9.98 7.02
N PRO A 85 -11.17 -11.07 6.25
CA PRO A 85 -9.94 -11.77 5.84
C PRO A 85 -9.25 -11.07 4.68
N LEU A 86 -8.11 -11.62 4.27
CA LEU A 86 -7.33 -11.04 3.18
C LEU A 86 -7.34 -11.97 1.97
N PRO A 87 -7.35 -11.40 0.76
CA PRO A 87 -7.30 -12.16 -0.49
C PRO A 87 -5.87 -12.60 -0.83
N PRO A 88 -5.72 -13.70 -1.57
CA PRO A 88 -4.41 -14.17 -2.03
C PRO A 88 -3.87 -13.30 -3.16
N VAL A 89 -4.76 -12.95 -4.08
CA VAL A 89 -4.42 -12.06 -5.17
C VAL A 89 -5.20 -10.76 -5.01
N LEU A 90 -4.63 -9.67 -5.47
CA LEU A 90 -5.26 -8.37 -5.32
C LEU A 90 -5.76 -7.89 -6.67
N PRO A 91 -6.93 -7.23 -6.71
CA PRO A 91 -7.48 -6.69 -7.95
C PRO A 91 -6.72 -5.44 -8.42
N PRO A 92 -6.70 -5.20 -9.74
CA PRO A 92 -6.01 -4.05 -10.34
C PRO A 92 -6.57 -2.71 -9.88
N GLU A 93 -7.82 -2.71 -9.41
CA GLU A 93 -8.45 -1.49 -8.93
C GLU A 93 -7.76 -1.00 -7.66
N TYR A 94 -7.05 -1.87 -6.97
CA TYR A 94 -6.36 -1.50 -5.74
C TYR A 94 -4.91 -1.14 -6.03
N ILE A 95 -4.53 -1.15 -7.29
CA ILE A 95 -3.18 -0.82 -7.70
C ILE A 95 -3.10 0.63 -8.16
N PRO A 96 -2.27 1.45 -7.49
CA PRO A 96 -2.11 2.87 -7.84
C PRO A 96 -1.66 3.09 -9.29
N PRO A 97 -1.98 4.27 -9.86
CA PRO A 97 -1.67 4.61 -11.25
C PRO A 97 -0.19 4.50 -11.57
N SER A 98 0.62 4.76 -10.56
CA SER A 98 2.07 4.68 -10.67
C SER A 98 2.52 3.28 -11.11
N PHE A 99 1.71 2.29 -10.81
CA PHE A 99 2.05 0.91 -11.09
C PHE A 99 1.15 0.33 -12.19
N ARG A 100 0.61 1.22 -13.03
CA ARG A 100 -0.24 0.80 -14.12
C ARG A 100 0.55 0.68 -15.42
N ARG A 101 1.46 1.62 -15.64
CA ARG A 101 2.25 1.62 -16.87
C ARG A 101 3.68 1.17 -16.59
N VAL A 102 3.90 0.55 -15.45
CA VAL A 102 5.26 0.22 -15.01
C VAL A 102 5.72 -1.13 -15.58
N ARG A 103 4.85 -1.74 -16.39
CA ARG A 103 5.11 -3.03 -17.03
C ARG A 103 5.47 -4.12 -16.01
N LEU A 104 4.52 -5.00 -15.72
CA LEU A 104 4.77 -6.09 -14.78
C LEU A 104 4.59 -7.43 -15.47
N GLU A 105 5.70 -8.12 -15.71
CA GLU A 105 5.67 -9.43 -16.34
C GLU A 105 5.46 -10.50 -15.29
N HIS A 106 4.22 -10.64 -14.82
CA HIS A 106 3.90 -11.58 -13.76
C HIS A 106 3.48 -12.91 -14.37
N HIS A 107 4.41 -13.55 -15.06
CA HIS A 107 4.15 -14.83 -15.71
C HIS A 107 4.43 -15.97 -14.72
N HIS A 108 4.96 -15.62 -13.56
CA HIS A 108 5.25 -16.59 -12.52
C HIS A 108 3.98 -16.99 -11.78
N HIS A 109 3.71 -18.29 -11.76
CA HIS A 109 2.62 -18.84 -10.97
C HIS A 109 3.18 -19.54 -9.75
N HIS A 110 2.45 -19.54 -8.64
CA HIS A 110 2.98 -20.12 -7.41
C HIS A 110 1.94 -20.94 -6.66
N HIS A 111 0.86 -20.29 -6.25
CA HIS A 111 -0.11 -20.88 -5.32
C HIS A 111 0.58 -21.23 -4.01
N PRO A 1 -20.69 4.68 -16.89
CA PRO A 1 -19.49 4.00 -16.36
C PRO A 1 -19.43 4.11 -14.84
N PRO A 2 -18.92 3.07 -14.18
CA PRO A 2 -18.74 3.07 -12.72
C PRO A 2 -17.61 4.02 -12.32
N VAL A 3 -17.95 5.02 -11.53
CA VAL A 3 -16.98 6.01 -11.10
C VAL A 3 -16.20 5.49 -9.90
N ALA A 4 -15.07 4.86 -10.17
CA ALA A 4 -14.21 4.33 -9.12
C ALA A 4 -12.83 3.97 -9.67
N GLU A 5 -11.98 4.96 -9.82
CA GLU A 5 -10.58 4.72 -10.16
C GLU A 5 -9.78 4.57 -8.88
N TRP A 6 -9.27 3.35 -8.67
CA TRP A 6 -8.60 2.97 -7.42
C TRP A 6 -9.64 2.88 -6.32
N ALA A 7 -10.00 1.64 -5.97
CA ALA A 7 -11.14 1.36 -5.10
C ALA A 7 -10.85 1.63 -3.61
N VAL A 8 -10.30 2.80 -3.32
CA VAL A 8 -10.11 3.23 -1.95
C VAL A 8 -10.79 4.58 -1.73
N PRO A 9 -11.66 4.66 -0.71
CA PRO A 9 -12.44 5.87 -0.40
C PRO A 9 -11.59 7.13 -0.29
N GLN A 10 -12.14 8.25 -0.71
CA GLN A 10 -11.43 9.52 -0.73
C GLN A 10 -11.02 9.94 0.69
N SER A 11 -11.93 9.78 1.63
CA SER A 11 -11.66 10.10 3.03
C SER A 11 -10.48 9.27 3.55
N SER A 12 -10.42 8.02 3.14
CA SER A 12 -9.35 7.11 3.54
C SER A 12 -8.02 7.57 2.93
N ARG A 13 -8.06 7.96 1.66
CA ARG A 13 -6.89 8.45 0.96
C ARG A 13 -6.28 9.64 1.70
N LEU A 14 -7.12 10.62 1.99
CA LEU A 14 -6.70 11.86 2.63
C LEU A 14 -6.09 11.60 4.01
N LYS A 15 -6.76 10.78 4.80
CA LYS A 15 -6.36 10.52 6.17
C LYS A 15 -4.99 9.85 6.23
N TYR A 16 -4.79 8.84 5.39
CA TYR A 16 -3.52 8.11 5.39
C TYR A 16 -2.49 8.80 4.52
N ARG A 17 -2.90 9.81 3.75
CA ARG A 17 -1.95 10.66 3.05
C ARG A 17 -1.33 11.61 4.05
N GLN A 18 -2.11 11.96 5.06
CA GLN A 18 -1.70 12.86 6.13
C GLN A 18 -0.84 12.14 7.16
N LEU A 19 -0.84 10.83 7.09
CA LEU A 19 -0.23 9.96 8.09
C LEU A 19 0.11 8.64 7.47
N PHE A 20 0.64 8.60 6.27
CA PHE A 20 1.91 9.24 5.81
C PHE A 20 2.29 10.64 6.34
N ASN A 21 1.79 11.71 5.71
CA ASN A 21 2.50 13.02 5.64
C ASN A 21 3.05 13.55 6.97
N SER A 22 2.39 13.26 8.09
CA SER A 22 2.92 13.67 9.39
C SER A 22 4.31 13.06 9.64
N HIS A 23 4.57 11.93 8.98
CA HIS A 23 5.84 11.23 9.10
C HIS A 23 6.73 11.51 7.89
N ASP A 24 6.26 12.39 7.01
CA ASP A 24 6.96 12.69 5.76
C ASP A 24 7.92 13.86 5.96
N LYS A 25 9.07 13.78 5.32
CA LYS A 25 10.12 14.77 5.50
C LYS A 25 10.11 15.82 4.40
N THR A 26 9.52 15.50 3.25
CA THR A 26 9.56 16.40 2.10
C THR A 26 8.21 16.45 1.38
N MET A 27 8.00 15.53 0.47
CA MET A 27 6.76 15.43 -0.27
C MET A 27 6.54 14.01 -0.77
N SER A 28 5.93 13.19 0.09
CA SER A 28 5.65 11.78 -0.19
C SER A 28 6.92 11.06 -0.61
N GLY A 29 8.02 11.37 0.07
CA GLY A 29 9.32 10.84 -0.30
C GLY A 29 9.56 9.44 0.24
N HIS A 30 8.46 8.68 0.35
CA HIS A 30 8.46 7.26 0.77
C HIS A 30 9.07 7.04 2.16
N LEU A 31 8.76 5.88 2.72
CA LEU A 31 9.37 5.45 3.98
C LEU A 31 10.22 4.22 3.71
N THR A 32 11.06 3.85 4.67
CA THR A 32 11.92 2.69 4.50
C THR A 32 11.23 1.43 4.99
N GLY A 33 11.83 0.28 4.71
CA GLY A 33 11.25 -0.99 5.11
C GLY A 33 10.91 -1.07 6.59
N PRO A 34 11.90 -1.02 7.48
CA PRO A 34 11.69 -1.10 8.93
C PRO A 34 10.72 -0.03 9.44
N GLN A 35 10.86 1.20 8.97
CA GLN A 35 10.00 2.29 9.42
C GLN A 35 8.54 2.02 9.03
N ALA A 36 8.33 1.62 7.79
CA ALA A 36 7.00 1.26 7.32
C ALA A 36 6.43 0.12 8.17
N ARG A 37 7.23 -0.92 8.35
CA ARG A 37 6.81 -2.11 9.09
C ARG A 37 6.56 -1.79 10.56
N THR A 38 7.31 -0.85 11.12
CA THR A 38 7.17 -0.48 12.52
C THR A 38 5.80 0.17 12.76
N ILE A 39 5.38 1.03 11.85
CA ILE A 39 4.07 1.67 11.95
C ILE A 39 2.97 0.65 11.65
N LEU A 40 3.20 -0.16 10.62
CA LEU A 40 2.25 -1.21 10.20
C LEU A 40 1.95 -2.18 11.34
N MET A 41 2.99 -2.58 12.06
CA MET A 41 2.87 -3.59 13.10
C MET A 41 2.07 -3.06 14.30
N GLN A 42 1.95 -1.74 14.41
CA GLN A 42 1.25 -1.13 15.54
C GLN A 42 -0.25 -1.40 15.48
N SER A 43 -0.69 -2.01 14.39
CA SER A 43 -2.09 -2.39 14.23
C SER A 43 -2.44 -3.58 15.13
N SER A 44 -1.39 -4.18 15.70
CA SER A 44 -1.53 -5.32 16.61
C SER A 44 -2.02 -6.55 15.86
N LEU A 45 -1.83 -6.55 14.54
CA LEU A 45 -2.19 -7.69 13.72
C LEU A 45 -1.03 -8.69 13.69
N PRO A 46 -1.35 -9.97 13.50
CA PRO A 46 -0.34 -11.03 13.38
C PRO A 46 0.59 -10.78 12.20
N GLN A 47 1.84 -11.18 12.34
CA GLN A 47 2.82 -11.01 11.28
C GLN A 47 2.37 -11.70 10.01
N ALA A 48 1.56 -12.75 10.16
CA ALA A 48 1.00 -13.46 9.01
C ALA A 48 0.17 -12.50 8.15
N GLN A 49 -0.75 -11.78 8.78
CA GLN A 49 -1.58 -10.83 8.08
C GLN A 49 -0.76 -9.65 7.60
N LEU A 50 0.15 -9.19 8.43
CA LEU A 50 1.02 -8.07 8.09
C LEU A 50 1.88 -8.38 6.87
N ALA A 51 2.42 -9.59 6.82
CA ALA A 51 3.20 -10.02 5.67
C ALA A 51 2.34 -10.08 4.42
N SER A 52 1.11 -10.54 4.59
CA SER A 52 0.17 -10.58 3.48
C SER A 52 -0.12 -9.16 2.98
N ILE A 53 -0.36 -8.26 3.92
CA ILE A 53 -0.63 -6.86 3.59
C ILE A 53 0.56 -6.23 2.89
N TRP A 54 1.76 -6.48 3.40
CA TRP A 54 2.98 -5.96 2.79
C TRP A 54 3.13 -6.47 1.37
N ASN A 55 2.97 -7.78 1.20
CA ASN A 55 3.10 -8.42 -0.10
C ASN A 55 2.05 -7.89 -1.08
N LEU A 56 0.86 -7.60 -0.54
CA LEU A 56 -0.24 -7.03 -1.33
C LEU A 56 0.01 -5.57 -1.68
N SER A 57 0.65 -4.86 -0.77
CA SER A 57 0.91 -3.44 -0.95
C SER A 57 2.11 -3.21 -1.87
N ASP A 58 3.25 -3.79 -1.51
CA ASP A 58 4.48 -3.60 -2.27
C ASP A 58 4.37 -4.31 -3.61
N ILE A 59 4.04 -3.54 -4.64
CA ILE A 59 3.72 -4.07 -5.97
C ILE A 59 4.80 -5.03 -6.50
N ASP A 60 6.02 -4.54 -6.64
CA ASP A 60 7.09 -5.34 -7.23
C ASP A 60 8.07 -5.79 -6.14
N GLN A 61 7.66 -5.59 -4.89
CA GLN A 61 8.46 -5.96 -3.72
C GLN A 61 9.81 -5.25 -3.74
N ASP A 62 9.78 -3.96 -3.44
CA ASP A 62 11.00 -3.15 -3.40
C ASP A 62 11.51 -3.03 -1.98
N GLY A 63 10.59 -2.87 -1.03
CA GLY A 63 10.97 -2.74 0.36
C GLY A 63 10.79 -1.33 0.89
N LYS A 64 10.19 -0.47 0.08
CA LYS A 64 9.92 0.91 0.50
C LYS A 64 8.48 1.26 0.19
N LEU A 65 7.77 1.76 1.19
CA LEU A 65 6.40 2.16 1.01
C LEU A 65 6.30 3.65 0.74
N THR A 66 5.82 3.99 -0.45
CA THR A 66 5.56 5.39 -0.80
C THR A 66 4.21 5.80 -0.22
N ALA A 67 3.73 6.98 -0.60
CA ALA A 67 2.44 7.42 -0.14
C ALA A 67 1.34 6.56 -0.75
N GLU A 68 1.50 6.26 -2.03
CA GLU A 68 0.57 5.41 -2.76
C GLU A 68 0.47 4.04 -2.08
N GLU A 69 1.61 3.48 -1.74
CA GLU A 69 1.67 2.14 -1.15
C GLU A 69 1.13 2.18 0.27
N PHE A 70 1.55 3.20 1.02
CA PHE A 70 1.15 3.36 2.42
C PHE A 70 -0.37 3.40 2.56
N ILE A 71 -1.02 4.20 1.71
CA ILE A 71 -2.48 4.32 1.75
C ILE A 71 -3.14 2.97 1.48
N LEU A 72 -2.61 2.25 0.49
CA LEU A 72 -3.12 0.93 0.16
C LEU A 72 -2.97 -0.02 1.34
N ALA A 73 -1.77 -0.07 1.91
CA ALA A 73 -1.47 -0.93 3.04
C ALA A 73 -2.36 -0.61 4.24
N MET A 74 -2.38 0.65 4.65
CA MET A 74 -3.13 1.06 5.83
C MET A 74 -4.63 0.88 5.64
N HIS A 75 -5.08 0.92 4.40
CA HIS A 75 -6.48 0.62 4.10
C HIS A 75 -6.76 -0.85 4.38
N LEU A 76 -5.77 -1.70 4.14
CA LEU A 76 -5.89 -3.12 4.46
C LEU A 76 -5.88 -3.33 5.97
N ILE A 77 -5.02 -2.58 6.67
CA ILE A 77 -5.01 -2.58 8.13
C ILE A 77 -6.37 -2.17 8.66
N ASP A 78 -6.94 -1.14 8.04
CA ASP A 78 -8.26 -0.61 8.43
C ASP A 78 -9.32 -1.71 8.37
N VAL A 79 -9.26 -2.52 7.32
CA VAL A 79 -10.20 -3.62 7.16
C VAL A 79 -9.89 -4.76 8.14
N ALA A 80 -8.62 -5.18 8.16
CA ALA A 80 -8.19 -6.32 8.96
C ALA A 80 -8.39 -6.06 10.46
N MET A 81 -8.32 -4.79 10.85
CA MET A 81 -8.52 -4.37 12.23
C MET A 81 -9.86 -4.87 12.77
N SER A 82 -10.85 -4.97 11.90
CA SER A 82 -12.18 -5.39 12.31
C SER A 82 -12.24 -6.92 12.48
N GLY A 83 -11.12 -7.59 12.18
CA GLY A 83 -11.08 -9.03 12.29
C GLY A 83 -11.47 -9.70 11.00
N GLN A 84 -11.30 -8.98 9.90
CA GLN A 84 -11.68 -9.46 8.58
C GLN A 84 -10.54 -10.25 7.95
N PRO A 85 -10.87 -11.28 7.15
CA PRO A 85 -9.88 -12.04 6.38
C PRO A 85 -9.39 -11.24 5.17
N LEU A 86 -8.16 -11.50 4.75
CA LEU A 86 -7.59 -10.77 3.63
C LEU A 86 -7.45 -11.67 2.41
N PRO A 87 -7.66 -11.10 1.20
CA PRO A 87 -7.54 -11.85 -0.05
C PRO A 87 -6.10 -12.26 -0.36
N PRO A 88 -5.91 -13.32 -1.15
CA PRO A 88 -4.59 -13.80 -1.55
C PRO A 88 -3.90 -12.84 -2.51
N VAL A 89 -4.69 -12.26 -3.39
CA VAL A 89 -4.20 -11.29 -4.36
C VAL A 89 -5.05 -10.04 -4.31
N LEU A 90 -4.57 -8.96 -4.93
CA LEU A 90 -5.30 -7.71 -4.95
C LEU A 90 -6.02 -7.57 -6.29
N PRO A 91 -7.24 -7.03 -6.28
CA PRO A 91 -7.98 -6.78 -7.53
C PRO A 91 -7.42 -5.61 -8.32
N PRO A 92 -7.62 -5.61 -9.66
CA PRO A 92 -7.04 -4.61 -10.56
C PRO A 92 -7.43 -3.17 -10.23
N GLU A 93 -8.64 -2.96 -9.73
CA GLU A 93 -9.08 -1.62 -9.39
C GLU A 93 -8.53 -1.17 -8.04
N TYR A 94 -7.99 -2.11 -7.28
CA TYR A 94 -7.39 -1.77 -5.99
C TYR A 94 -5.90 -1.44 -6.16
N ILE A 95 -5.38 -1.68 -7.36
CA ILE A 95 -4.00 -1.37 -7.66
C ILE A 95 -3.83 0.12 -7.91
N PRO A 96 -2.91 0.77 -7.20
CA PRO A 96 -2.68 2.22 -7.32
C PRO A 96 -2.21 2.63 -8.72
N PRO A 97 -2.49 3.89 -9.11
CA PRO A 97 -2.05 4.46 -10.40
C PRO A 97 -0.54 4.32 -10.60
N SER A 98 -0.11 4.35 -11.86
CA SER A 98 1.29 4.18 -12.24
C SER A 98 1.72 2.72 -12.14
N PHE A 99 1.19 2.02 -11.14
CA PHE A 99 1.54 0.61 -10.92
C PHE A 99 0.63 -0.31 -11.73
N ARG A 100 -0.48 0.23 -12.21
CA ARG A 100 -1.46 -0.56 -12.95
C ARG A 100 -0.90 -0.97 -14.31
N ARG A 101 0.14 -0.28 -14.74
CA ARG A 101 0.82 -0.61 -15.99
C ARG A 101 2.26 -1.00 -15.70
N VAL A 102 2.50 -2.29 -15.63
CA VAL A 102 3.84 -2.82 -15.39
C VAL A 102 3.90 -4.25 -15.91
N ARG A 103 5.09 -4.69 -16.31
CA ARG A 103 5.28 -6.04 -16.84
C ARG A 103 4.48 -6.20 -18.13
N LEU A 104 5.03 -5.65 -19.21
CA LEU A 104 4.30 -5.58 -20.46
C LEU A 104 4.48 -6.84 -21.29
N GLU A 105 3.46 -7.69 -21.27
CA GLU A 105 3.45 -8.89 -22.09
C GLU A 105 3.22 -8.51 -23.54
N HIS A 106 4.20 -8.75 -24.38
CA HIS A 106 4.09 -8.39 -25.79
C HIS A 106 4.02 -9.64 -26.65
N HIS A 107 2.86 -9.88 -27.23
CA HIS A 107 2.62 -11.07 -28.02
C HIS A 107 2.05 -10.67 -29.38
N HIS A 108 2.65 -11.21 -30.43
CA HIS A 108 2.19 -10.91 -31.78
C HIS A 108 1.61 -12.16 -32.44
N HIS A 109 0.66 -11.95 -33.35
CA HIS A 109 0.14 -13.02 -34.17
C HIS A 109 0.83 -13.00 -35.52
N HIS A 110 0.62 -14.02 -36.33
CA HIS A 110 1.26 -14.12 -37.62
C HIS A 110 0.24 -14.34 -38.73
N HIS A 111 0.31 -13.53 -39.77
CA HIS A 111 -0.55 -13.68 -40.93
C HIS A 111 0.22 -14.27 -42.10
N PRO A 1 -19.99 3.01 0.32
CA PRO A 1 -18.58 3.13 -0.10
C PRO A 1 -18.49 3.24 -1.61
N PRO A 2 -17.97 4.38 -2.11
CA PRO A 2 -17.85 4.63 -3.54
C PRO A 2 -16.69 3.86 -4.16
N VAL A 3 -17.00 2.76 -4.82
CA VAL A 3 -15.99 1.96 -5.47
C VAL A 3 -15.87 2.37 -6.93
N ALA A 4 -15.08 3.42 -7.16
CA ALA A 4 -14.88 3.95 -8.49
C ALA A 4 -13.54 4.64 -8.58
N GLU A 5 -12.62 4.05 -9.34
CA GLU A 5 -11.26 4.56 -9.50
C GLU A 5 -10.51 4.46 -8.17
N TRP A 6 -9.95 3.27 -7.94
CA TRP A 6 -9.23 2.94 -6.71
C TRP A 6 -10.22 2.83 -5.55
N ALA A 7 -10.41 1.60 -5.07
CA ALA A 7 -11.46 1.27 -4.11
C ALA A 7 -11.13 1.73 -2.68
N VAL A 8 -10.55 2.90 -2.57
CA VAL A 8 -10.33 3.51 -1.28
C VAL A 8 -10.97 4.90 -1.25
N PRO A 9 -11.97 5.10 -0.38
CA PRO A 9 -12.65 6.39 -0.24
C PRO A 9 -11.66 7.54 -0.01
N GLN A 10 -11.97 8.69 -0.59
CA GLN A 10 -11.11 9.86 -0.49
C GLN A 10 -10.85 10.23 0.97
N SER A 11 -11.91 10.27 1.76
CA SER A 11 -11.81 10.55 3.18
C SER A 11 -10.86 9.57 3.87
N SER A 12 -10.92 8.32 3.43
CA SER A 12 -10.08 7.27 4.00
C SER A 12 -8.63 7.47 3.57
N ARG A 13 -8.41 7.73 2.29
CA ARG A 13 -7.05 7.87 1.76
C ARG A 13 -6.38 9.12 2.34
N LEU A 14 -7.18 10.15 2.60
CA LEU A 14 -6.67 11.37 3.20
C LEU A 14 -6.09 11.10 4.57
N LYS A 15 -6.75 10.23 5.32
CA LYS A 15 -6.32 9.87 6.67
C LYS A 15 -4.92 9.24 6.65
N TYR A 16 -4.67 8.35 5.69
CA TYR A 16 -3.40 7.66 5.63
C TYR A 16 -2.35 8.54 4.96
N ARG A 17 -2.79 9.42 4.05
CA ARG A 17 -1.87 10.37 3.42
C ARG A 17 -1.40 11.38 4.45
N GLN A 18 -2.22 11.56 5.47
CA GLN A 18 -1.93 12.45 6.59
C GLN A 18 -0.93 11.83 7.56
N LEU A 19 -0.68 10.56 7.39
CA LEU A 19 0.08 9.77 8.36
C LEU A 19 0.68 8.56 7.68
N PHE A 20 1.18 8.66 6.45
CA PHE A 20 2.29 9.52 6.00
C PHE A 20 2.46 10.91 6.62
N ASN A 21 1.71 11.91 6.14
CA ASN A 21 2.14 13.33 6.18
C ASN A 21 2.68 13.80 7.55
N SER A 22 2.00 13.47 8.64
CA SER A 22 2.43 13.92 9.97
C SER A 22 3.71 13.22 10.44
N HIS A 23 3.97 12.02 9.92
CA HIS A 23 5.20 11.29 10.26
C HIS A 23 6.29 11.56 9.23
N ASP A 24 5.92 12.27 8.17
CA ASP A 24 6.86 12.59 7.10
C ASP A 24 7.94 13.53 7.59
N LYS A 25 9.17 13.07 7.51
CA LYS A 25 10.33 13.85 7.91
C LYS A 25 11.58 13.25 7.28
N THR A 26 11.38 12.46 6.25
CA THR A 26 12.46 11.72 5.65
C THR A 26 12.58 12.02 4.16
N MET A 27 13.79 12.34 3.74
CA MET A 27 14.09 12.60 2.34
C MET A 27 13.79 11.37 1.52
N SER A 28 13.36 11.62 0.28
CA SER A 28 12.80 10.60 -0.60
C SER A 28 11.39 10.30 -0.15
N GLY A 29 10.44 10.86 -0.89
CA GLY A 29 9.02 10.75 -0.56
C GLY A 29 8.47 9.34 -0.65
N HIS A 30 9.13 8.42 0.02
CA HIS A 30 8.66 7.05 0.17
C HIS A 30 9.31 6.43 1.40
N LEU A 31 8.52 5.69 2.16
CA LEU A 31 8.99 5.12 3.40
C LEU A 31 9.70 3.80 3.14
N THR A 32 10.78 3.55 3.85
CA THR A 32 11.52 2.30 3.71
C THR A 32 10.80 1.17 4.44
N GLY A 33 11.32 -0.04 4.31
CA GLY A 33 10.75 -1.21 4.96
C GLY A 33 10.50 -1.00 6.44
N PRO A 34 11.57 -0.78 7.24
CA PRO A 34 11.44 -0.54 8.68
C PRO A 34 10.45 0.56 9.01
N GLN A 35 10.49 1.66 8.25
CA GLN A 35 9.58 2.78 8.48
C GLN A 35 8.13 2.34 8.31
N ALA A 36 7.83 1.74 7.17
CA ALA A 36 6.50 1.24 6.88
C ALA A 36 6.05 0.24 7.93
N ARG A 37 6.90 -0.74 8.21
CA ARG A 37 6.58 -1.80 9.15
C ARG A 37 6.32 -1.28 10.55
N THR A 38 7.05 -0.26 10.94
CA THR A 38 6.92 0.33 12.27
C THR A 38 5.52 0.93 12.45
N ILE A 39 5.01 1.58 11.42
CA ILE A 39 3.65 2.12 11.45
C ILE A 39 2.63 0.99 11.31
N LEU A 40 2.94 0.03 10.43
CA LEU A 40 2.07 -1.11 10.18
C LEU A 40 1.77 -1.89 11.45
N MET A 41 2.80 -2.16 12.24
CA MET A 41 2.64 -2.98 13.45
C MET A 41 1.80 -2.28 14.52
N GLN A 42 1.63 -0.97 14.39
CA GLN A 42 0.87 -0.19 15.36
C GLN A 42 -0.63 -0.49 15.26
N SER A 43 -1.00 -1.32 14.28
CA SER A 43 -2.39 -1.71 14.08
C SER A 43 -2.77 -2.84 15.03
N SER A 44 -1.79 -3.33 15.79
CA SER A 44 -1.97 -4.44 16.72
C SER A 44 -2.30 -5.73 15.97
N LEU A 45 -1.93 -5.78 14.69
CA LEU A 45 -2.13 -6.96 13.87
C LEU A 45 -0.84 -7.77 13.82
N PRO A 46 -0.98 -9.10 13.72
CA PRO A 46 0.17 -10.02 13.60
C PRO A 46 0.96 -9.76 12.32
N GLN A 47 2.28 -10.00 12.38
CA GLN A 47 3.13 -9.77 11.23
C GLN A 47 2.82 -10.72 10.08
N ALA A 48 2.16 -11.84 10.41
CA ALA A 48 1.69 -12.76 9.39
C ALA A 48 0.66 -12.08 8.49
N GLN A 49 -0.21 -11.28 9.12
CA GLN A 49 -1.20 -10.51 8.40
C GLN A 49 -0.53 -9.37 7.66
N LEU A 50 0.41 -8.72 8.33
CA LEU A 50 1.14 -7.61 7.78
C LEU A 50 1.94 -8.02 6.55
N ALA A 51 2.52 -9.21 6.58
CA ALA A 51 3.29 -9.72 5.45
C ALA A 51 2.40 -9.95 4.24
N SER A 52 1.19 -10.42 4.48
CA SER A 52 0.23 -10.63 3.40
C SER A 52 -0.15 -9.29 2.78
N ILE A 53 -0.48 -8.33 3.64
CA ILE A 53 -0.85 -6.99 3.20
C ILE A 53 0.34 -6.29 2.53
N TRP A 54 1.55 -6.51 3.05
CA TRP A 54 2.76 -5.97 2.45
C TRP A 54 2.91 -6.43 1.01
N ASN A 55 2.80 -7.75 0.82
CA ASN A 55 2.94 -8.36 -0.49
C ASN A 55 1.88 -7.81 -1.46
N LEU A 56 0.70 -7.53 -0.92
CA LEU A 56 -0.39 -6.95 -1.69
C LEU A 56 -0.14 -5.46 -1.97
N SER A 57 0.54 -4.78 -1.05
CA SER A 57 0.70 -3.33 -1.11
C SER A 57 1.85 -2.92 -2.01
N ASP A 58 3.02 -3.51 -1.82
CA ASP A 58 4.21 -3.13 -2.58
C ASP A 58 4.04 -3.55 -4.03
N ILE A 59 3.94 -2.58 -4.92
CA ILE A 59 3.68 -2.86 -6.33
C ILE A 59 5.00 -2.98 -7.11
N ASP A 60 6.06 -2.40 -6.57
CA ASP A 60 7.34 -2.43 -7.26
C ASP A 60 8.21 -3.55 -6.69
N GLN A 61 7.83 -4.04 -5.51
CA GLN A 61 8.59 -5.08 -4.81
C GLN A 61 9.93 -4.52 -4.39
N ASP A 62 9.94 -3.22 -4.11
CA ASP A 62 11.17 -2.50 -3.83
C ASP A 62 11.49 -2.56 -2.33
N GLY A 63 10.52 -3.03 -1.55
CA GLY A 63 10.70 -3.11 -0.12
C GLY A 63 10.51 -1.77 0.54
N LYS A 64 9.76 -0.91 -0.14
CA LYS A 64 9.50 0.44 0.34
C LYS A 64 8.08 0.83 -0.03
N LEU A 65 7.47 1.70 0.75
CA LEU A 65 6.10 2.11 0.52
C LEU A 65 5.99 3.61 0.33
N THR A 66 5.53 4.02 -0.85
CA THR A 66 5.27 5.43 -1.10
C THR A 66 3.99 5.86 -0.40
N ALA A 67 3.51 7.08 -0.68
CA ALA A 67 2.31 7.60 -0.04
C ALA A 67 1.08 6.78 -0.46
N GLU A 68 0.88 6.64 -1.75
CA GLU A 68 -0.27 5.91 -2.28
C GLU A 68 -0.22 4.43 -1.87
N GLU A 69 0.98 3.89 -1.78
CA GLU A 69 1.14 2.50 -1.38
C GLU A 69 0.86 2.34 0.11
N PHE A 70 1.34 3.28 0.90
CA PHE A 70 1.06 3.31 2.33
C PHE A 70 -0.45 3.40 2.56
N ILE A 71 -1.10 4.25 1.75
CA ILE A 71 -2.55 4.39 1.79
C ILE A 71 -3.23 3.04 1.54
N LEU A 72 -2.77 2.32 0.53
CA LEU A 72 -3.30 1.01 0.20
C LEU A 72 -3.13 0.04 1.37
N ALA A 73 -1.90 -0.07 1.86
CA ALA A 73 -1.57 -0.99 2.94
C ALA A 73 -2.40 -0.72 4.18
N MET A 74 -2.38 0.52 4.65
CA MET A 74 -3.07 0.88 5.89
C MET A 74 -4.58 0.75 5.74
N HIS A 75 -5.07 0.92 4.52
CA HIS A 75 -6.49 0.73 4.26
C HIS A 75 -6.85 -0.75 4.39
N LEU A 76 -5.93 -1.61 4.00
CA LEU A 76 -6.11 -3.06 4.15
C LEU A 76 -6.05 -3.43 5.63
N ILE A 77 -5.18 -2.73 6.37
CA ILE A 77 -5.14 -2.86 7.82
C ILE A 77 -6.50 -2.50 8.42
N ASP A 78 -7.09 -1.43 7.93
CA ASP A 78 -8.40 -0.96 8.39
C ASP A 78 -9.47 -2.01 8.10
N VAL A 79 -9.40 -2.61 6.91
CA VAL A 79 -10.31 -3.68 6.54
C VAL A 79 -10.15 -4.88 7.46
N ALA A 80 -8.90 -5.25 7.72
CA ALA A 80 -8.60 -6.34 8.63
C ALA A 80 -9.09 -6.04 10.04
N MET A 81 -8.88 -4.81 10.49
CA MET A 81 -9.36 -4.34 11.79
C MET A 81 -10.87 -4.40 11.89
N SER A 82 -11.54 -4.33 10.74
CA SER A 82 -12.99 -4.39 10.70
C SER A 82 -13.47 -5.84 10.76
N GLY A 83 -12.52 -6.77 10.87
CA GLY A 83 -12.85 -8.17 11.02
C GLY A 83 -13.09 -8.85 9.68
N GLN A 84 -12.69 -8.19 8.61
CA GLN A 84 -12.91 -8.71 7.27
C GLN A 84 -11.69 -9.49 6.80
N PRO A 85 -11.91 -10.56 6.00
CA PRO A 85 -10.83 -11.40 5.49
C PRO A 85 -9.99 -10.70 4.44
N LEU A 86 -8.72 -11.09 4.36
CA LEU A 86 -7.80 -10.51 3.39
C LEU A 86 -7.82 -11.30 2.09
N PRO A 87 -7.66 -10.62 0.95
CA PRO A 87 -7.63 -11.27 -0.36
C PRO A 87 -6.30 -12.00 -0.60
N PRO A 88 -6.33 -13.04 -1.45
CA PRO A 88 -5.13 -13.77 -1.86
C PRO A 88 -4.33 -12.98 -2.90
N VAL A 89 -5.04 -12.44 -3.86
CA VAL A 89 -4.46 -11.60 -4.89
C VAL A 89 -5.17 -10.26 -4.85
N LEU A 90 -4.50 -9.20 -5.28
CA LEU A 90 -5.10 -7.88 -5.22
C LEU A 90 -5.99 -7.66 -6.44
N PRO A 91 -7.16 -7.03 -6.26
CA PRO A 91 -8.05 -6.70 -7.35
C PRO A 91 -7.64 -5.43 -8.09
N PRO A 92 -8.02 -5.29 -9.37
CA PRO A 92 -7.68 -4.11 -10.17
C PRO A 92 -8.22 -2.83 -9.58
N GLU A 93 -9.21 -2.94 -8.71
CA GLU A 93 -9.81 -1.79 -8.06
C GLU A 93 -8.91 -1.25 -6.95
N TYR A 94 -8.00 -2.08 -6.47
CA TYR A 94 -7.10 -1.67 -5.39
C TYR A 94 -5.73 -1.29 -5.94
N ILE A 95 -5.59 -1.32 -7.25
CA ILE A 95 -4.34 -0.93 -7.89
C ILE A 95 -4.28 0.59 -8.01
N PRO A 96 -3.26 1.21 -7.39
CA PRO A 96 -3.11 2.67 -7.41
C PRO A 96 -2.88 3.21 -8.83
N PRO A 97 -3.30 4.46 -9.08
CA PRO A 97 -3.21 5.07 -10.41
C PRO A 97 -1.77 5.21 -10.92
N SER A 98 -0.85 5.44 -9.99
CA SER A 98 0.54 5.66 -10.34
C SER A 98 1.24 4.34 -10.70
N PHE A 99 0.68 3.23 -10.23
CA PHE A 99 1.33 1.94 -10.36
C PHE A 99 0.48 0.97 -11.17
N ARG A 100 -0.26 1.50 -12.14
CA ARG A 100 -1.15 0.67 -12.96
C ARG A 100 -0.37 -0.14 -13.99
N ARG A 101 0.63 0.48 -14.60
CA ARG A 101 1.33 -0.14 -15.73
C ARG A 101 2.84 -0.14 -15.54
N VAL A 102 3.39 -1.33 -15.36
CA VAL A 102 4.83 -1.53 -15.34
C VAL A 102 5.18 -2.75 -16.17
N ARG A 103 6.33 -2.74 -16.82
CA ARG A 103 6.77 -3.88 -17.59
C ARG A 103 7.68 -4.77 -16.75
N LEU A 104 7.08 -5.76 -16.11
CA LEU A 104 7.83 -6.65 -15.24
C LEU A 104 8.24 -7.91 -16.00
N GLU A 105 9.47 -8.33 -15.80
CA GLU A 105 9.97 -9.55 -16.40
C GLU A 105 10.08 -10.65 -15.34
N HIS A 106 9.52 -11.81 -15.63
CA HIS A 106 9.46 -12.90 -14.67
C HIS A 106 10.47 -13.97 -15.04
N HIS A 107 11.37 -14.28 -14.11
CA HIS A 107 12.41 -15.28 -14.36
C HIS A 107 11.98 -16.66 -13.85
N HIS A 108 12.84 -17.64 -14.05
CA HIS A 108 12.61 -18.98 -13.54
C HIS A 108 13.94 -19.72 -13.40
N HIS A 109 14.66 -19.85 -14.53
CA HIS A 109 16.02 -20.39 -14.53
C HIS A 109 16.65 -20.28 -15.92
N HIS A 110 15.83 -20.53 -16.96
CA HIS A 110 16.31 -20.62 -18.34
C HIS A 110 17.08 -21.92 -18.55
N HIS A 111 17.50 -22.15 -19.77
CA HIS A 111 18.35 -23.30 -20.09
C HIS A 111 19.49 -22.85 -20.98
N PRO A 1 -9.37 2.59 -19.91
CA PRO A 1 -10.58 1.84 -19.52
C PRO A 1 -11.57 2.75 -18.82
N PRO A 2 -12.88 2.49 -18.99
CA PRO A 2 -13.94 3.25 -18.33
C PRO A 2 -13.89 3.09 -16.82
N VAL A 3 -13.67 4.21 -16.12
CA VAL A 3 -13.57 4.24 -14.67
C VAL A 3 -12.38 3.42 -14.18
N ALA A 4 -11.24 4.08 -14.14
CA ALA A 4 -10.01 3.47 -13.65
C ALA A 4 -9.62 4.13 -12.33
N GLU A 5 -10.59 4.25 -11.44
CA GLU A 5 -10.39 4.91 -10.16
C GLU A 5 -9.70 4.00 -9.17
N TRP A 6 -8.87 4.58 -8.33
CA TRP A 6 -8.22 3.84 -7.26
C TRP A 6 -9.23 3.57 -6.15
N ALA A 7 -9.48 2.30 -5.87
CA ALA A 7 -10.54 1.89 -4.95
C ALA A 7 -10.19 2.12 -3.48
N VAL A 8 -9.89 3.36 -3.16
CA VAL A 8 -9.70 3.78 -1.78
C VAL A 8 -10.49 5.07 -1.54
N PRO A 9 -11.34 5.10 -0.50
CA PRO A 9 -12.16 6.27 -0.17
C PRO A 9 -11.33 7.54 0.04
N GLN A 10 -11.86 8.67 -0.41
CA GLN A 10 -11.19 9.96 -0.27
C GLN A 10 -10.85 10.24 1.19
N SER A 11 -11.83 10.05 2.07
CA SER A 11 -11.63 10.26 3.49
C SER A 11 -10.51 9.37 4.03
N SER A 12 -10.40 8.17 3.46
CA SER A 12 -9.39 7.23 3.89
C SER A 12 -8.01 7.62 3.35
N ARG A 13 -7.96 7.99 2.07
CA ARG A 13 -6.69 8.29 1.43
C ARG A 13 -6.12 9.62 1.92
N LEU A 14 -6.99 10.57 2.25
CA LEU A 14 -6.58 11.81 2.88
C LEU A 14 -5.96 11.54 4.24
N LYS A 15 -6.57 10.59 4.95
CA LYS A 15 -6.14 10.21 6.29
C LYS A 15 -4.75 9.59 6.30
N TYR A 16 -4.44 8.79 5.29
CA TYR A 16 -3.16 8.09 5.25
C TYR A 16 -2.11 8.89 4.49
N ARG A 17 -2.52 9.85 3.68
CA ARG A 17 -1.57 10.78 3.10
C ARG A 17 -1.05 11.70 4.19
N GLN A 18 -1.87 11.87 5.21
CA GLN A 18 -1.56 12.67 6.38
C GLN A 18 -0.50 12.01 7.27
N LEU A 19 -0.29 10.74 7.04
CA LEU A 19 0.47 9.88 7.96
C LEU A 19 0.92 8.65 7.23
N PHE A 20 1.39 8.74 6.00
CA PHE A 20 2.56 9.52 5.56
C PHE A 20 2.84 10.89 6.18
N ASN A 21 2.18 11.95 5.73
CA ASN A 21 2.75 13.32 5.79
C ASN A 21 3.32 13.75 7.14
N SER A 22 2.64 13.46 8.23
CA SER A 22 3.13 13.86 9.56
C SER A 22 4.47 13.20 9.89
N HIS A 23 4.74 12.06 9.26
CA HIS A 23 6.01 11.35 9.49
C HIS A 23 7.06 11.77 8.46
N ASP A 24 6.68 12.67 7.56
CA ASP A 24 7.63 13.18 6.58
C ASP A 24 8.28 14.45 7.11
N LYS A 25 9.59 14.55 6.94
CA LYS A 25 10.36 15.64 7.49
C LYS A 25 11.68 15.79 6.73
N THR A 26 11.75 15.20 5.54
CA THR A 26 12.99 15.16 4.78
C THR A 26 12.68 14.94 3.30
N MET A 27 13.71 14.74 2.52
CA MET A 27 13.56 14.54 1.08
C MET A 27 13.45 13.05 0.76
N SER A 28 12.33 12.47 1.15
CA SER A 28 12.07 11.06 0.87
C SER A 28 10.58 10.83 0.68
N GLY A 29 10.15 10.80 -0.57
CA GLY A 29 8.75 10.54 -0.86
C GLY A 29 8.40 9.07 -0.76
N HIS A 30 8.92 8.41 0.28
CA HIS A 30 8.67 7.01 0.52
C HIS A 30 9.24 6.60 1.87
N LEU A 31 8.60 5.63 2.48
CA LEU A 31 9.08 5.09 3.74
C LEU A 31 9.85 3.81 3.47
N THR A 32 10.81 3.51 4.33
CA THR A 32 11.59 2.30 4.17
C THR A 32 10.91 1.13 4.88
N GLY A 33 11.47 -0.06 4.69
CA GLY A 33 10.90 -1.28 5.28
C GLY A 33 10.58 -1.14 6.75
N PRO A 34 11.60 -0.96 7.61
CA PRO A 34 11.40 -0.84 9.05
C PRO A 34 10.43 0.29 9.42
N GLN A 35 10.61 1.45 8.80
CA GLN A 35 9.78 2.62 9.12
C GLN A 35 8.31 2.34 8.81
N ALA A 36 8.06 1.73 7.66
CA ALA A 36 6.71 1.36 7.26
C ALA A 36 6.14 0.31 8.20
N ARG A 37 6.94 -0.71 8.47
CA ARG A 37 6.52 -1.84 9.31
C ARG A 37 6.25 -1.39 10.74
N THR A 38 6.99 -0.40 11.21
CA THR A 38 6.79 0.13 12.55
C THR A 38 5.43 0.83 12.66
N ILE A 39 5.02 1.50 11.59
CA ILE A 39 3.70 2.12 11.57
C ILE A 39 2.63 1.05 11.42
N LEU A 40 2.93 0.03 10.64
CA LEU A 40 2.03 -1.09 10.41
C LEU A 40 1.73 -1.85 11.71
N MET A 41 2.76 -2.10 12.50
CA MET A 41 2.60 -2.86 13.74
C MET A 41 1.78 -2.09 14.77
N GLN A 42 1.63 -0.78 14.57
CA GLN A 42 0.82 0.05 15.46
C GLN A 42 -0.66 -0.33 15.38
N SER A 43 -1.02 -1.10 14.37
CA SER A 43 -2.37 -1.61 14.24
C SER A 43 -2.54 -2.87 15.09
N SER A 44 -1.42 -3.41 15.55
CA SER A 44 -1.40 -4.58 16.43
C SER A 44 -2.00 -5.82 15.74
N LEU A 45 -1.85 -5.87 14.42
CA LEU A 45 -2.32 -7.01 13.65
C LEU A 45 -1.25 -8.09 13.58
N PRO A 46 -1.66 -9.37 13.47
CA PRO A 46 -0.73 -10.50 13.37
C PRO A 46 0.30 -10.31 12.26
N GLN A 47 1.54 -10.72 12.53
CA GLN A 47 2.65 -10.58 11.59
C GLN A 47 2.34 -11.28 10.27
N ALA A 48 1.67 -12.43 10.34
CA ALA A 48 1.27 -13.16 9.14
C ALA A 48 0.39 -12.30 8.25
N GLN A 49 -0.56 -11.60 8.87
CA GLN A 49 -1.45 -10.69 8.14
C GLN A 49 -0.67 -9.49 7.65
N LEU A 50 0.22 -8.98 8.49
CA LEU A 50 1.07 -7.84 8.15
C LEU A 50 1.90 -8.15 6.90
N ALA A 51 2.55 -9.32 6.90
CA ALA A 51 3.36 -9.73 5.77
C ALA A 51 2.51 -9.93 4.52
N SER A 52 1.31 -10.48 4.69
CA SER A 52 0.42 -10.71 3.57
C SER A 52 -0.05 -9.39 2.97
N ILE A 53 -0.39 -8.43 3.83
CA ILE A 53 -0.78 -7.10 3.39
C ILE A 53 0.38 -6.39 2.71
N TRP A 54 1.57 -6.53 3.29
CA TRP A 54 2.79 -5.99 2.70
C TRP A 54 2.96 -6.54 1.28
N ASN A 55 2.86 -7.86 1.17
CA ASN A 55 3.03 -8.55 -0.11
C ASN A 55 1.98 -8.10 -1.12
N LEU A 56 0.78 -7.80 -0.64
CA LEU A 56 -0.31 -7.35 -1.50
C LEU A 56 -0.10 -5.91 -1.96
N SER A 57 0.54 -5.12 -1.11
CA SER A 57 0.77 -3.71 -1.42
C SER A 57 2.03 -3.53 -2.25
N ASP A 58 2.95 -4.47 -2.11
CA ASP A 58 4.23 -4.40 -2.83
C ASP A 58 4.10 -4.99 -4.23
N ILE A 59 4.76 -4.34 -5.19
CA ILE A 59 4.73 -4.78 -6.57
C ILE A 59 6.16 -4.99 -7.09
N ASP A 60 7.11 -4.24 -6.54
CA ASP A 60 8.50 -4.30 -7.04
C ASP A 60 9.50 -3.68 -6.04
N GLN A 61 9.03 -3.31 -4.85
CA GLN A 61 9.87 -2.64 -3.86
C GLN A 61 9.62 -3.22 -2.47
N ASP A 62 10.24 -4.38 -2.25
CA ASP A 62 9.98 -5.20 -1.07
C ASP A 62 10.33 -4.47 0.22
N GLY A 63 11.11 -3.40 0.12
CA GLY A 63 11.50 -2.70 1.31
C GLY A 63 11.22 -1.21 1.25
N LYS A 64 10.26 -0.79 0.46
CA LYS A 64 9.86 0.61 0.43
C LYS A 64 8.35 0.75 0.25
N LEU A 65 7.76 1.67 1.00
CA LEU A 65 6.34 2.01 0.83
C LEU A 65 6.20 3.51 0.62
N THR A 66 5.78 3.91 -0.57
CA THR A 66 5.59 5.32 -0.87
C THR A 66 4.29 5.82 -0.24
N ALA A 67 3.87 7.04 -0.57
CA ALA A 67 2.61 7.53 -0.08
C ALA A 67 1.47 6.75 -0.72
N GLU A 68 1.64 6.43 -2.00
CA GLU A 68 0.67 5.63 -2.73
C GLU A 68 0.56 4.24 -2.13
N GLU A 69 1.70 3.64 -1.81
CA GLU A 69 1.72 2.29 -1.27
C GLU A 69 1.21 2.29 0.17
N PHE A 70 1.56 3.32 0.92
CA PHE A 70 1.14 3.42 2.31
C PHE A 70 -0.38 3.49 2.41
N ILE A 71 -0.99 4.32 1.57
CA ILE A 71 -2.44 4.44 1.53
C ILE A 71 -3.08 3.09 1.21
N LEU A 72 -2.50 2.39 0.24
CA LEU A 72 -2.98 1.06 -0.13
C LEU A 72 -2.83 0.10 1.05
N ALA A 73 -1.64 0.08 1.64
CA ALA A 73 -1.34 -0.80 2.75
C ALA A 73 -2.31 -0.60 3.91
N MET A 74 -2.48 0.65 4.36
CA MET A 74 -3.35 0.93 5.49
C MET A 74 -4.83 0.83 5.11
N HIS A 75 -5.13 0.90 3.81
CA HIS A 75 -6.47 0.64 3.34
C HIS A 75 -6.77 -0.84 3.49
N LEU A 76 -5.75 -1.67 3.27
CA LEU A 76 -5.85 -3.09 3.51
C LEU A 76 -5.87 -3.37 5.01
N ILE A 77 -5.06 -2.62 5.75
CA ILE A 77 -5.06 -2.69 7.22
C ILE A 77 -6.46 -2.42 7.77
N ASP A 78 -7.10 -1.38 7.24
CA ASP A 78 -8.44 -1.00 7.67
C ASP A 78 -9.44 -2.14 7.44
N VAL A 79 -9.25 -2.87 6.36
CA VAL A 79 -10.10 -4.02 6.05
C VAL A 79 -9.76 -5.20 6.95
N ALA A 80 -8.47 -5.50 7.08
CA ALA A 80 -8.02 -6.62 7.91
C ALA A 80 -8.39 -6.41 9.38
N MET A 81 -8.37 -5.16 9.82
CA MET A 81 -8.75 -4.80 11.18
C MET A 81 -10.23 -5.10 11.44
N SER A 82 -10.98 -5.37 10.38
CA SER A 82 -12.38 -5.71 10.50
C SER A 82 -12.55 -7.23 10.60
N GLY A 83 -11.43 -7.92 10.81
CA GLY A 83 -11.45 -9.37 10.96
C GLY A 83 -11.62 -10.08 9.64
N GLN A 84 -11.39 -9.35 8.55
CA GLN A 84 -11.57 -9.88 7.22
C GLN A 84 -10.37 -10.73 6.79
N PRO A 85 -10.62 -11.77 5.99
CA PRO A 85 -9.58 -12.59 5.39
C PRO A 85 -8.92 -11.86 4.22
N LEU A 86 -7.68 -12.19 3.92
CA LEU A 86 -6.96 -11.55 2.84
C LEU A 86 -6.96 -12.43 1.60
N PRO A 87 -7.06 -11.82 0.41
CA PRO A 87 -7.05 -12.54 -0.85
C PRO A 87 -5.63 -12.87 -1.31
N PRO A 88 -5.48 -13.92 -2.14
CA PRO A 88 -4.19 -14.28 -2.73
C PRO A 88 -3.66 -13.17 -3.64
N VAL A 89 -4.55 -12.63 -4.46
CA VAL A 89 -4.22 -11.53 -5.35
C VAL A 89 -5.12 -10.35 -5.04
N LEU A 90 -4.66 -9.15 -5.35
CA LEU A 90 -5.41 -7.93 -5.07
C LEU A 90 -6.18 -7.51 -6.32
N PRO A 91 -7.40 -6.96 -6.15
CA PRO A 91 -8.17 -6.44 -7.29
C PRO A 91 -7.43 -5.33 -8.03
N PRO A 92 -7.70 -5.15 -9.33
CA PRO A 92 -6.97 -4.20 -10.18
C PRO A 92 -7.18 -2.75 -9.76
N GLU A 93 -8.41 -2.40 -9.39
CA GLU A 93 -8.74 -1.04 -9.02
C GLU A 93 -8.12 -0.66 -7.68
N TYR A 94 -7.66 -1.66 -6.94
CA TYR A 94 -6.95 -1.41 -5.70
C TYR A 94 -5.49 -1.10 -5.98
N ILE A 95 -5.04 -1.44 -7.18
CA ILE A 95 -3.68 -1.15 -7.60
C ILE A 95 -3.59 0.28 -8.11
N PRO A 96 -2.76 1.12 -7.46
CA PRO A 96 -2.64 2.53 -7.81
C PRO A 96 -2.13 2.74 -9.23
N PRO A 97 -2.49 3.89 -9.84
CA PRO A 97 -2.02 4.24 -11.18
C PRO A 97 -0.50 4.38 -11.24
N SER A 98 0.06 4.23 -12.43
CA SER A 98 1.51 4.29 -12.66
C SER A 98 2.21 3.03 -12.17
N PHE A 99 1.81 2.55 -11.00
CA PHE A 99 2.38 1.32 -10.44
C PHE A 99 1.82 0.10 -11.15
N ARG A 100 0.81 0.33 -11.98
CA ARG A 100 0.25 -0.72 -12.83
C ARG A 100 1.19 -1.00 -14.00
N ARG A 101 2.13 -0.08 -14.23
CA ARG A 101 3.08 -0.21 -15.31
C ARG A 101 4.37 -0.85 -14.81
N VAL A 102 4.49 -2.15 -14.99
CA VAL A 102 5.69 -2.87 -14.55
C VAL A 102 6.33 -3.63 -15.71
N ARG A 103 6.92 -2.86 -16.64
CA ARG A 103 7.67 -3.40 -17.78
C ARG A 103 7.01 -4.63 -18.39
N LEU A 104 5.85 -4.43 -19.00
CA LEU A 104 5.07 -5.56 -19.51
C LEU A 104 4.79 -5.39 -20.99
N GLU A 105 5.59 -6.09 -21.81
CA GLU A 105 5.33 -6.19 -23.24
C GLU A 105 5.98 -7.46 -23.76
N HIS A 106 7.30 -7.55 -23.60
CA HIS A 106 8.06 -8.69 -24.08
C HIS A 106 8.37 -9.64 -22.94
N HIS A 107 7.65 -10.77 -22.89
CA HIS A 107 7.92 -11.80 -21.90
C HIS A 107 8.70 -12.94 -22.55
N HIS A 108 9.35 -12.62 -23.67
CA HIS A 108 10.15 -13.57 -24.44
C HIS A 108 9.26 -14.62 -25.09
N HIS A 109 8.82 -14.31 -26.30
CA HIS A 109 7.97 -15.21 -27.05
C HIS A 109 8.65 -15.56 -28.36
N HIS A 110 9.25 -16.74 -28.42
CA HIS A 110 10.09 -17.12 -29.53
C HIS A 110 9.28 -17.37 -30.80
N HIS A 111 9.62 -16.64 -31.84
CA HIS A 111 9.05 -16.85 -33.16
C HIS A 111 10.12 -16.60 -34.21
#